data_6IGV
# 
_entry.id   6IGV 
# 
_audit_conform.dict_name       mmcif_pdbx.dic 
_audit_conform.dict_version    5.387 
_audit_conform.dict_location   http://mmcif.pdb.org/dictionaries/ascii/mmcif_pdbx.dic 
# 
loop_
_database_2.database_id 
_database_2.database_code 
_database_2.pdbx_database_accession 
_database_2.pdbx_DOI 
PDB   6IGV         pdb_00006igv 10.2210/pdb6igv/pdb 
WWPDB D_1300009163 ?            ?                   
# 
loop_
_pdbx_audit_revision_history.ordinal 
_pdbx_audit_revision_history.data_content_type 
_pdbx_audit_revision_history.major_revision 
_pdbx_audit_revision_history.minor_revision 
_pdbx_audit_revision_history.revision_date 
1 'Structure model' 1 0 2019-10-09 
2 'Structure model' 1 1 2024-03-27 
# 
_pdbx_audit_revision_details.ordinal             1 
_pdbx_audit_revision_details.revision_ordinal    1 
_pdbx_audit_revision_details.data_content_type   'Structure model' 
_pdbx_audit_revision_details.provider            repository 
_pdbx_audit_revision_details.type                'Initial release' 
_pdbx_audit_revision_details.description         ? 
_pdbx_audit_revision_details.details             ? 
# 
loop_
_pdbx_audit_revision_group.ordinal 
_pdbx_audit_revision_group.revision_ordinal 
_pdbx_audit_revision_group.data_content_type 
_pdbx_audit_revision_group.group 
1 2 'Structure model' 'Data collection'     
2 2 'Structure model' 'Database references' 
# 
loop_
_pdbx_audit_revision_category.ordinal 
_pdbx_audit_revision_category.revision_ordinal 
_pdbx_audit_revision_category.data_content_type 
_pdbx_audit_revision_category.category 
1 2 'Structure model' chem_comp_atom 
2 2 'Structure model' chem_comp_bond 
3 2 'Structure model' database_2     
# 
loop_
_pdbx_audit_revision_item.ordinal 
_pdbx_audit_revision_item.revision_ordinal 
_pdbx_audit_revision_item.data_content_type 
_pdbx_audit_revision_item.item 
1 2 'Structure model' '_database_2.pdbx_DOI'                
2 2 'Structure model' '_database_2.pdbx_database_accession' 
# 
_pdbx_database_status.status_code                     REL 
_pdbx_database_status.status_code_sf                  REL 
_pdbx_database_status.status_code_mr                  ? 
_pdbx_database_status.entry_id                        6IGV 
_pdbx_database_status.recvd_initial_deposition_date   2018-09-26 
_pdbx_database_status.SG_entry                        N 
_pdbx_database_status.deposit_site                    PDBJ 
_pdbx_database_status.process_site                    PDBJ 
_pdbx_database_status.status_code_cs                  ? 
_pdbx_database_status.methods_development_category    ? 
_pdbx_database_status.pdb_format_compatible           Y 
_pdbx_database_status.status_code_nmr_data            ? 
# 
loop_
_audit_author.name 
_audit_author.pdbx_ordinal 
_audit_author.identifier_ORCID 
'Zhang, S.J.' 1 ? 
'Sun, W.p.'   2 ? 
'Kong, B.'    3 ? 
# 
_citation.abstract                  ? 
_citation.abstract_id_CAS           ? 
_citation.book_id_ISBN              ? 
_citation.book_publisher            ? 
_citation.book_publisher_city       ? 
_citation.book_title                ? 
_citation.coordinate_linkage        ? 
_citation.country                   ? 
_citation.database_id_Medline       ? 
_citation.details                   ? 
_citation.id                        primary 
_citation.journal_abbrev            'To Be Published' 
_citation.journal_id_ASTM           ? 
_citation.journal_id_CSD            0353 
_citation.journal_id_ISSN           ? 
_citation.journal_full              ? 
_citation.journal_issue             ? 
_citation.journal_volume            ? 
_citation.language                  ? 
_citation.page_first                ? 
_citation.page_last                 ? 
_citation.title                     'Kif5b stalk I coiled-coil' 
_citation.year                      ? 
_citation.database_id_CSD           ? 
_citation.pdbx_database_id_DOI      ? 
_citation.pdbx_database_id_PubMed   ? 
_citation.unpublished_flag          ? 
# 
loop_
_citation_author.citation_id 
_citation_author.name 
_citation_author.ordinal 
_citation_author.identifier_ORCID 
primary 'Zhang, S.J.' 1 ? 
primary 'Sun, W.p.'   2 ? 
primary 'Kong, B.'    3 ? 
# 
_entity.id                         1 
_entity.type                       polymer 
_entity.src_method                 man 
_entity.pdbx_description           'Kinesin-1 heavy chain' 
_entity.formula_weight             13585.194 
_entity.pdbx_number_of_molecules   1 
_entity.pdbx_ec                    ? 
_entity.pdbx_mutation              ? 
_entity.pdbx_fragment              'UNP residues 446-563' 
_entity.details                    ? 
# 
_entity_name_com.entity_id   1 
_entity_name_com.name        'Conventional kinesin heavy chain,Ubiquitous kinesin heavy chain,UKHC' 
# 
_entity_poly.entity_id                      1 
_entity_poly.type                           'polypeptide(L)' 
_entity_poly.nstd_linkage                   no 
_entity_poly.nstd_monomer                   no 
_entity_poly.pdbx_seq_one_letter_code       
;VEKLKTQMLDQEELLASTRRDQDNMQAELNRLQAENDASKEEVKEVLQALEELAVNYDQKSQEVEDKTKEYELLSDELNQ
KSATLASIDAELQKLKEMTNHQKKRAAEMMASLLKDLA
;
_entity_poly.pdbx_seq_one_letter_code_can   
;VEKLKTQMLDQEELLASTRRDQDNMQAELNRLQAENDASKEEVKEVLQALEELAVNYDQKSQEVEDKTKEYELLSDELNQ
KSATLASIDAELQKLKEMTNHQKKRAAEMMASLLKDLA
;
_entity_poly.pdbx_strand_id                 A 
_entity_poly.pdbx_target_identifier         ? 
# 
loop_
_entity_poly_seq.entity_id 
_entity_poly_seq.num 
_entity_poly_seq.mon_id 
_entity_poly_seq.hetero 
1 1   VAL n 
1 2   GLU n 
1 3   LYS n 
1 4   LEU n 
1 5   LYS n 
1 6   THR n 
1 7   GLN n 
1 8   MET n 
1 9   LEU n 
1 10  ASP n 
1 11  GLN n 
1 12  GLU n 
1 13  GLU n 
1 14  LEU n 
1 15  LEU n 
1 16  ALA n 
1 17  SER n 
1 18  THR n 
1 19  ARG n 
1 20  ARG n 
1 21  ASP n 
1 22  GLN n 
1 23  ASP n 
1 24  ASN n 
1 25  MET n 
1 26  GLN n 
1 27  ALA n 
1 28  GLU n 
1 29  LEU n 
1 30  ASN n 
1 31  ARG n 
1 32  LEU n 
1 33  GLN n 
1 34  ALA n 
1 35  GLU n 
1 36  ASN n 
1 37  ASP n 
1 38  ALA n 
1 39  SER n 
1 40  LYS n 
1 41  GLU n 
1 42  GLU n 
1 43  VAL n 
1 44  LYS n 
1 45  GLU n 
1 46  VAL n 
1 47  LEU n 
1 48  GLN n 
1 49  ALA n 
1 50  LEU n 
1 51  GLU n 
1 52  GLU n 
1 53  LEU n 
1 54  ALA n 
1 55  VAL n 
1 56  ASN n 
1 57  TYR n 
1 58  ASP n 
1 59  GLN n 
1 60  LYS n 
1 61  SER n 
1 62  GLN n 
1 63  GLU n 
1 64  VAL n 
1 65  GLU n 
1 66  ASP n 
1 67  LYS n 
1 68  THR n 
1 69  LYS n 
1 70  GLU n 
1 71  TYR n 
1 72  GLU n 
1 73  LEU n 
1 74  LEU n 
1 75  SER n 
1 76  ASP n 
1 77  GLU n 
1 78  LEU n 
1 79  ASN n 
1 80  GLN n 
1 81  LYS n 
1 82  SER n 
1 83  ALA n 
1 84  THR n 
1 85  LEU n 
1 86  ALA n 
1 87  SER n 
1 88  ILE n 
1 89  ASP n 
1 90  ALA n 
1 91  GLU n 
1 92  LEU n 
1 93  GLN n 
1 94  LYS n 
1 95  LEU n 
1 96  LYS n 
1 97  GLU n 
1 98  MET n 
1 99  THR n 
1 100 ASN n 
1 101 HIS n 
1 102 GLN n 
1 103 LYS n 
1 104 LYS n 
1 105 ARG n 
1 106 ALA n 
1 107 ALA n 
1 108 GLU n 
1 109 MET n 
1 110 MET n 
1 111 ALA n 
1 112 SER n 
1 113 LEU n 
1 114 LEU n 
1 115 LYS n 
1 116 ASP n 
1 117 LEU n 
1 118 ALA n 
# 
_entity_src_gen.entity_id                          1 
_entity_src_gen.pdbx_src_id                        1 
_entity_src_gen.pdbx_alt_source_flag               sample 
_entity_src_gen.pdbx_seq_type                      'Biological sequence' 
_entity_src_gen.pdbx_beg_seq_num                   1 
_entity_src_gen.pdbx_end_seq_num                   118 
_entity_src_gen.gene_src_common_name               Mouse 
_entity_src_gen.gene_src_genus                     ? 
_entity_src_gen.pdbx_gene_src_gene                 'Kif5b, Khcs, Kns1' 
_entity_src_gen.gene_src_species                   ? 
_entity_src_gen.gene_src_strain                    ? 
_entity_src_gen.gene_src_tissue                    ? 
_entity_src_gen.gene_src_tissue_fraction           ? 
_entity_src_gen.gene_src_details                   ? 
_entity_src_gen.pdbx_gene_src_fragment             ? 
_entity_src_gen.pdbx_gene_src_scientific_name      'Mus musculus' 
_entity_src_gen.pdbx_gene_src_ncbi_taxonomy_id     10090 
_entity_src_gen.pdbx_gene_src_variant              ? 
_entity_src_gen.pdbx_gene_src_cell_line            ? 
_entity_src_gen.pdbx_gene_src_atcc                 ? 
_entity_src_gen.pdbx_gene_src_organ                ? 
_entity_src_gen.pdbx_gene_src_organelle            ? 
_entity_src_gen.pdbx_gene_src_cell                 ? 
_entity_src_gen.pdbx_gene_src_cellular_location    ? 
_entity_src_gen.host_org_common_name               ? 
_entity_src_gen.pdbx_host_org_scientific_name      'Escherichia coli' 
_entity_src_gen.pdbx_host_org_ncbi_taxonomy_id     562 
_entity_src_gen.host_org_genus                     ? 
_entity_src_gen.pdbx_host_org_gene                 ? 
_entity_src_gen.pdbx_host_org_organ                ? 
_entity_src_gen.host_org_species                   ? 
_entity_src_gen.pdbx_host_org_tissue               ? 
_entity_src_gen.pdbx_host_org_tissue_fraction      ? 
_entity_src_gen.pdbx_host_org_strain               ? 
_entity_src_gen.pdbx_host_org_variant              ? 
_entity_src_gen.pdbx_host_org_cell_line            ? 
_entity_src_gen.pdbx_host_org_atcc                 ? 
_entity_src_gen.pdbx_host_org_culture_collection   ? 
_entity_src_gen.pdbx_host_org_cell                 ? 
_entity_src_gen.pdbx_host_org_organelle            ? 
_entity_src_gen.pdbx_host_org_cellular_location    ? 
_entity_src_gen.pdbx_host_org_vector_type          ? 
_entity_src_gen.pdbx_host_org_vector               ? 
_entity_src_gen.host_org_details                   ? 
_entity_src_gen.expression_system_id               ? 
_entity_src_gen.plasmid_name                       ? 
_entity_src_gen.plasmid_details                    ? 
_entity_src_gen.pdbx_description                   ? 
# 
loop_
_chem_comp.id 
_chem_comp.type 
_chem_comp.mon_nstd_flag 
_chem_comp.name 
_chem_comp.pdbx_synonyms 
_chem_comp.formula 
_chem_comp.formula_weight 
ALA 'L-peptide linking' y ALANINE         ? 'C3 H7 N O2'     89.093  
ARG 'L-peptide linking' y ARGININE        ? 'C6 H15 N4 O2 1' 175.209 
ASN 'L-peptide linking' y ASPARAGINE      ? 'C4 H8 N2 O3'    132.118 
ASP 'L-peptide linking' y 'ASPARTIC ACID' ? 'C4 H7 N O4'     133.103 
GLN 'L-peptide linking' y GLUTAMINE       ? 'C5 H10 N2 O3'   146.144 
GLU 'L-peptide linking' y 'GLUTAMIC ACID' ? 'C5 H9 N O4'     147.129 
HIS 'L-peptide linking' y HISTIDINE       ? 'C6 H10 N3 O2 1' 156.162 
ILE 'L-peptide linking' y ISOLEUCINE      ? 'C6 H13 N O2'    131.173 
LEU 'L-peptide linking' y LEUCINE         ? 'C6 H13 N O2'    131.173 
LYS 'L-peptide linking' y LYSINE          ? 'C6 H15 N2 O2 1' 147.195 
MET 'L-peptide linking' y METHIONINE      ? 'C5 H11 N O2 S'  149.211 
SER 'L-peptide linking' y SERINE          ? 'C3 H7 N O3'     105.093 
THR 'L-peptide linking' y THREONINE       ? 'C4 H9 N O3'     119.119 
TYR 'L-peptide linking' y TYROSINE        ? 'C9 H11 N O3'    181.189 
VAL 'L-peptide linking' y VALINE          ? 'C5 H11 N O2'    117.146 
# 
loop_
_pdbx_poly_seq_scheme.asym_id 
_pdbx_poly_seq_scheme.entity_id 
_pdbx_poly_seq_scheme.seq_id 
_pdbx_poly_seq_scheme.mon_id 
_pdbx_poly_seq_scheme.ndb_seq_num 
_pdbx_poly_seq_scheme.pdb_seq_num 
_pdbx_poly_seq_scheme.auth_seq_num 
_pdbx_poly_seq_scheme.pdb_mon_id 
_pdbx_poly_seq_scheme.auth_mon_id 
_pdbx_poly_seq_scheme.pdb_strand_id 
_pdbx_poly_seq_scheme.pdb_ins_code 
_pdbx_poly_seq_scheme.hetero 
A 1 1   VAL 1   446 446 VAL VAL A . n 
A 1 2   GLU 2   447 447 GLU GLU A . n 
A 1 3   LYS 3   448 448 LYS LYS A . n 
A 1 4   LEU 4   449 449 LEU LEU A . n 
A 1 5   LYS 5   450 450 LYS LYS A . n 
A 1 6   THR 6   451 451 THR THR A . n 
A 1 7   GLN 7   452 452 GLN GLN A . n 
A 1 8   MET 8   453 453 MET MET A . n 
A 1 9   LEU 9   454 454 LEU LEU A . n 
A 1 10  ASP 10  455 455 ASP ASP A . n 
A 1 11  GLN 11  456 456 GLN GLN A . n 
A 1 12  GLU 12  457 457 GLU GLU A . n 
A 1 13  GLU 13  458 458 GLU GLU A . n 
A 1 14  LEU 14  459 459 LEU LEU A . n 
A 1 15  LEU 15  460 460 LEU LEU A . n 
A 1 16  ALA 16  461 461 ALA ALA A . n 
A 1 17  SER 17  462 462 SER SER A . n 
A 1 18  THR 18  463 463 THR THR A . n 
A 1 19  ARG 19  464 464 ARG ARG A . n 
A 1 20  ARG 20  465 465 ARG ARG A . n 
A 1 21  ASP 21  466 466 ASP ASP A . n 
A 1 22  GLN 22  467 467 GLN GLN A . n 
A 1 23  ASP 23  468 468 ASP ASP A . n 
A 1 24  ASN 24  469 469 ASN ASN A . n 
A 1 25  MET 25  470 470 MET MET A . n 
A 1 26  GLN 26  471 471 GLN GLN A . n 
A 1 27  ALA 27  472 472 ALA ALA A . n 
A 1 28  GLU 28  473 473 GLU GLU A . n 
A 1 29  LEU 29  474 474 LEU LEU A . n 
A 1 30  ASN 30  475 475 ASN ASN A . n 
A 1 31  ARG 31  476 476 ARG ARG A . n 
A 1 32  LEU 32  477 477 LEU LEU A . n 
A 1 33  GLN 33  478 478 GLN GLN A . n 
A 1 34  ALA 34  479 479 ALA ALA A . n 
A 1 35  GLU 35  480 480 GLU GLU A . n 
A 1 36  ASN 36  481 481 ASN ASN A . n 
A 1 37  ASP 37  482 482 ASP ASP A . n 
A 1 38  ALA 38  483 483 ALA ALA A . n 
A 1 39  SER 39  484 484 SER SER A . n 
A 1 40  LYS 40  485 485 LYS LYS A . n 
A 1 41  GLU 41  486 486 GLU GLU A . n 
A 1 42  GLU 42  487 487 GLU GLU A . n 
A 1 43  VAL 43  488 488 VAL VAL A . n 
A 1 44  LYS 44  489 489 LYS LYS A . n 
A 1 45  GLU 45  490 490 GLU GLU A . n 
A 1 46  VAL 46  491 491 VAL VAL A . n 
A 1 47  LEU 47  492 492 LEU LEU A . n 
A 1 48  GLN 48  493 493 GLN GLN A . n 
A 1 49  ALA 49  494 494 ALA ALA A . n 
A 1 50  LEU 50  495 495 LEU LEU A . n 
A 1 51  GLU 51  496 496 GLU GLU A . n 
A 1 52  GLU 52  497 497 GLU GLU A . n 
A 1 53  LEU 53  498 498 LEU LEU A . n 
A 1 54  ALA 54  499 499 ALA ALA A . n 
A 1 55  VAL 55  500 500 VAL VAL A . n 
A 1 56  ASN 56  501 501 ASN ASN A . n 
A 1 57  TYR 57  502 502 TYR TYR A . n 
A 1 58  ASP 58  503 503 ASP ASP A . n 
A 1 59  GLN 59  504 504 GLN GLN A . n 
A 1 60  LYS 60  505 505 LYS LYS A . n 
A 1 61  SER 61  506 506 SER SER A . n 
A 1 62  GLN 62  507 507 GLN GLN A . n 
A 1 63  GLU 63  508 508 GLU GLU A . n 
A 1 64  VAL 64  509 509 VAL VAL A . n 
A 1 65  GLU 65  510 510 GLU GLU A . n 
A 1 66  ASP 66  511 511 ASP ASP A . n 
A 1 67  LYS 67  512 512 LYS LYS A . n 
A 1 68  THR 68  513 513 THR THR A . n 
A 1 69  LYS 69  514 514 LYS LYS A . n 
A 1 70  GLU 70  515 515 GLU GLU A . n 
A 1 71  TYR 71  516 516 TYR TYR A . n 
A 1 72  GLU 72  517 517 GLU GLU A . n 
A 1 73  LEU 73  518 518 LEU LEU A . n 
A 1 74  LEU 74  519 519 LEU LEU A . n 
A 1 75  SER 75  520 520 SER SER A . n 
A 1 76  ASP 76  521 521 ASP ASP A . n 
A 1 77  GLU 77  522 522 GLU GLU A . n 
A 1 78  LEU 78  523 523 LEU LEU A . n 
A 1 79  ASN 79  524 524 ASN ASN A . n 
A 1 80  GLN 80  525 525 GLN GLN A . n 
A 1 81  LYS 81  526 526 LYS LYS A . n 
A 1 82  SER 82  527 527 SER SER A . n 
A 1 83  ALA 83  528 528 ALA ALA A . n 
A 1 84  THR 84  529 529 THR THR A . n 
A 1 85  LEU 85  530 530 LEU LEU A . n 
A 1 86  ALA 86  531 531 ALA ALA A . n 
A 1 87  SER 87  532 532 SER SER A . n 
A 1 88  ILE 88  533 533 ILE ILE A . n 
A 1 89  ASP 89  534 534 ASP ASP A . n 
A 1 90  ALA 90  535 535 ALA ALA A . n 
A 1 91  GLU 91  536 536 GLU GLU A . n 
A 1 92  LEU 92  537 537 LEU LEU A . n 
A 1 93  GLN 93  538 538 GLN GLN A . n 
A 1 94  LYS 94  539 539 LYS LYS A . n 
A 1 95  LEU 95  540 540 LEU LEU A . n 
A 1 96  LYS 96  541 541 LYS LYS A . n 
A 1 97  GLU 97  542 542 GLU GLU A . n 
A 1 98  MET 98  543 543 MET MET A . n 
A 1 99  THR 99  544 544 THR THR A . n 
A 1 100 ASN 100 545 545 ASN ASN A . n 
A 1 101 HIS 101 546 546 HIS HIS A . n 
A 1 102 GLN 102 547 547 GLN GLN A . n 
A 1 103 LYS 103 548 548 LYS LYS A . n 
A 1 104 LYS 104 549 549 LYS LYS A . n 
A 1 105 ARG 105 550 550 ARG ARG A . n 
A 1 106 ALA 106 551 551 ALA ALA A . n 
A 1 107 ALA 107 552 552 ALA ALA A . n 
A 1 108 GLU 108 553 553 GLU GLU A . n 
A 1 109 MET 109 554 554 MET MET A . n 
A 1 110 MET 110 555 555 MET MET A . n 
A 1 111 ALA 111 556 556 ALA ALA A . n 
A 1 112 SER 112 557 557 SER SER A . n 
A 1 113 LEU 113 558 558 LEU LEU A . n 
A 1 114 LEU 114 559 559 LEU LEU A . n 
A 1 115 LYS 115 560 560 LYS LYS A . n 
A 1 116 ASP 116 561 561 ASP ASP A . n 
A 1 117 LEU 117 562 562 LEU LEU A . n 
A 1 118 ALA 118 563 563 ALA ALA A . n 
# 
loop_
_software.citation_id 
_software.classification 
_software.compiler_name 
_software.compiler_version 
_software.contact_author 
_software.contact_author_email 
_software.date 
_software.description 
_software.dependencies 
_software.hardware 
_software.language 
_software.location 
_software.mods 
_software.name 
_software.os 
_software.os_version 
_software.type 
_software.version 
_software.pdbx_ordinal 
? refinement       ? ? ? ? ? ? ? ? ? ? ? PHENIX   ? ? ? 1.14_3228 1 
? 'data reduction' ? ? ? ? ? ? ? ? ? ? ? HKL-2000 ? ? ? .         2 
? 'data scaling'   ? ? ? ? ? ? ? ? ? ? ? HKL-2000 ? ? ? .         3 
? phasing          ? ? ? ? ? ? ? ? ? ? ? CRANK2   ? ? ? .         4 
# 
_cell.angle_alpha                  90.000 
_cell.angle_alpha_esd              ? 
_cell.angle_beta                   90.000 
_cell.angle_beta_esd               ? 
_cell.angle_gamma                  90.000 
_cell.angle_gamma_esd              ? 
_cell.entry_id                     6IGV 
_cell.details                      ? 
_cell.formula_units_Z              ? 
_cell.length_a                     84.620 
_cell.length_a_esd                 ? 
_cell.length_b                     84.620 
_cell.length_b_esd                 ? 
_cell.length_c                     313.912 
_cell.length_c_esd                 ? 
_cell.volume                       ? 
_cell.volume_esd                   ? 
_cell.Z_PDB                        16 
_cell.reciprocal_angle_alpha       ? 
_cell.reciprocal_angle_beta        ? 
_cell.reciprocal_angle_gamma       ? 
_cell.reciprocal_angle_alpha_esd   ? 
_cell.reciprocal_angle_beta_esd    ? 
_cell.reciprocal_angle_gamma_esd   ? 
_cell.reciprocal_length_a          ? 
_cell.reciprocal_length_b          ? 
_cell.reciprocal_length_c          ? 
_cell.reciprocal_length_a_esd      ? 
_cell.reciprocal_length_b_esd      ? 
_cell.reciprocal_length_c_esd      ? 
_cell.pdbx_unique_axis             ? 
# 
_symmetry.entry_id                         6IGV 
_symmetry.cell_setting                     ? 
_symmetry.Int_Tables_number                98 
_symmetry.space_group_name_Hall            ? 
_symmetry.space_group_name_H-M             'I 41 2 2' 
_symmetry.pdbx_full_space_group_name_H-M   ? 
# 
_exptl.absorpt_coefficient_mu     ? 
_exptl.absorpt_correction_T_max   ? 
_exptl.absorpt_correction_T_min   ? 
_exptl.absorpt_correction_type    ? 
_exptl.absorpt_process_details    ? 
_exptl.entry_id                   6IGV 
_exptl.crystals_number            1 
_exptl.details                    ? 
_exptl.method                     'X-RAY DIFFRACTION' 
_exptl.method_details             ? 
# 
_exptl_crystal.colour                      ? 
_exptl_crystal.density_diffrn              ? 
_exptl_crystal.density_Matthews            10.34 
_exptl_crystal.density_method              ? 
_exptl_crystal.density_percent_sol         88.11 
_exptl_crystal.description                 ? 
_exptl_crystal.F_000                       ? 
_exptl_crystal.id                          1 
_exptl_crystal.preparation                 ? 
_exptl_crystal.size_max                    ? 
_exptl_crystal.size_mid                    ? 
_exptl_crystal.size_min                    ? 
_exptl_crystal.size_rad                    ? 
_exptl_crystal.colour_lustre               ? 
_exptl_crystal.colour_modifier             ? 
_exptl_crystal.colour_primary              ? 
_exptl_crystal.density_meas                ? 
_exptl_crystal.density_meas_esd            ? 
_exptl_crystal.density_meas_gt             ? 
_exptl_crystal.density_meas_lt             ? 
_exptl_crystal.density_meas_temp           ? 
_exptl_crystal.density_meas_temp_esd       ? 
_exptl_crystal.density_meas_temp_gt        ? 
_exptl_crystal.density_meas_temp_lt        ? 
_exptl_crystal.pdbx_crystal_image_url      ? 
_exptl_crystal.pdbx_crystal_image_format   ? 
_exptl_crystal.pdbx_mosaicity              ? 
_exptl_crystal.pdbx_mosaicity_esd          ? 
# 
_exptl_crystal_grow.apparatus       ? 
_exptl_crystal_grow.atmosphere      ? 
_exptl_crystal_grow.crystal_id      1 
_exptl_crystal_grow.details         ? 
_exptl_crystal_grow.method          'VAPOR DIFFUSION, SITTING DROP' 
_exptl_crystal_grow.method_ref      ? 
_exptl_crystal_grow.pH              6.6 
_exptl_crystal_grow.pressure        ? 
_exptl_crystal_grow.pressure_esd    ? 
_exptl_crystal_grow.seeding         ? 
_exptl_crystal_grow.seeding_ref     ? 
_exptl_crystal_grow.temp            298 
_exptl_crystal_grow.temp_details    ? 
_exptl_crystal_grow.temp_esd        ? 
_exptl_crystal_grow.time            ? 
_exptl_crystal_grow.pdbx_details    '0.2M Ammonium Sulfate, 40%MPD, 0.1M sodium cacodylate pH6.6' 
_exptl_crystal_grow.pdbx_pH_range   ? 
# 
_diffrn.ambient_environment              ? 
_diffrn.ambient_temp                     100 
_diffrn.ambient_temp_details             ? 
_diffrn.ambient_temp_esd                 ? 
_diffrn.crystal_id                       1 
_diffrn.crystal_support                  ? 
_diffrn.crystal_treatment                ? 
_diffrn.details                          ? 
_diffrn.id                               1 
_diffrn.ambient_pressure                 ? 
_diffrn.ambient_pressure_esd             ? 
_diffrn.ambient_pressure_gt              ? 
_diffrn.ambient_pressure_lt              ? 
_diffrn.ambient_temp_gt                  ? 
_diffrn.ambient_temp_lt                  ? 
_diffrn.pdbx_serial_crystal_experiment   N 
# 
_diffrn_detector.details                      ? 
_diffrn_detector.detector                     PIXEL 
_diffrn_detector.diffrn_id                    1 
_diffrn_detector.type                         'DECTRIS PILATUS3 S 6M' 
_diffrn_detector.area_resol_mean              ? 
_diffrn_detector.dtime                        ? 
_diffrn_detector.pdbx_frames_total            ? 
_diffrn_detector.pdbx_collection_time_total   ? 
_diffrn_detector.pdbx_collection_date         2017-01-12 
_diffrn_detector.pdbx_frequency               ? 
# 
_diffrn_radiation.collimation                      ? 
_diffrn_radiation.diffrn_id                        1 
_diffrn_radiation.filter_edge                      ? 
_diffrn_radiation.inhomogeneity                    ? 
_diffrn_radiation.monochromator                    ? 
_diffrn_radiation.polarisn_norm                    ? 
_diffrn_radiation.polarisn_ratio                   ? 
_diffrn_radiation.probe                            ? 
_diffrn_radiation.type                             ? 
_diffrn_radiation.xray_symbol                      ? 
_diffrn_radiation.wavelength_id                    1 
_diffrn_radiation.pdbx_monochromatic_or_laue_m_l   M 
_diffrn_radiation.pdbx_wavelength_list             ? 
_diffrn_radiation.pdbx_wavelength                  ? 
_diffrn_radiation.pdbx_diffrn_protocol             'SINGLE WAVELENGTH' 
_diffrn_radiation.pdbx_analyzer                    ? 
_diffrn_radiation.pdbx_scattering_type             x-ray 
# 
_diffrn_radiation_wavelength.id           1 
_diffrn_radiation_wavelength.wavelength   0.97778 
_diffrn_radiation_wavelength.wt           1.0 
# 
_diffrn_source.current                     ? 
_diffrn_source.details                     ? 
_diffrn_source.diffrn_id                   1 
_diffrn_source.power                       ? 
_diffrn_source.size                        ? 
_diffrn_source.source                      SYNCHROTRON 
_diffrn_source.target                      ? 
_diffrn_source.type                        'SSRF BEAMLINE BL18U1' 
_diffrn_source.voltage                     ? 
_diffrn_source.take-off_angle              ? 
_diffrn_source.pdbx_wavelength_list        0.97778 
_diffrn_source.pdbx_wavelength             ? 
_diffrn_source.pdbx_synchrotron_beamline   BL18U1 
_diffrn_source.pdbx_synchrotron_site       SSRF 
# 
_reflns.B_iso_Wilson_estimate            ? 
_reflns.entry_id                         6IGV 
_reflns.data_reduction_details           ? 
_reflns.data_reduction_method            ? 
_reflns.d_resolution_high                2.999 
_reflns.d_resolution_low                 50.0 
_reflns.details                          ? 
_reflns.limit_h_max                      ? 
_reflns.limit_h_min                      ? 
_reflns.limit_k_max                      ? 
_reflns.limit_k_min                      ? 
_reflns.limit_l_max                      ? 
_reflns.limit_l_min                      ? 
_reflns.number_all                       ? 
_reflns.number_obs                       15845 
_reflns.observed_criterion               ? 
_reflns.observed_criterion_F_max         ? 
_reflns.observed_criterion_F_min         ? 
_reflns.observed_criterion_I_max         ? 
_reflns.observed_criterion_I_min         ? 
_reflns.observed_criterion_sigma_F       ? 
_reflns.observed_criterion_sigma_I       ? 
_reflns.percent_possible_obs             83.91 
_reflns.R_free_details                   ? 
_reflns.Rmerge_F_all                     ? 
_reflns.Rmerge_F_obs                     ? 
_reflns.Friedel_coverage                 ? 
_reflns.number_gt                        ? 
_reflns.threshold_expression             ? 
_reflns.pdbx_redundancy                  18.5 
_reflns.pdbx_Rmerge_I_obs                0.183 
_reflns.pdbx_Rmerge_I_all                ? 
_reflns.pdbx_Rsym_value                  ? 
_reflns.pdbx_netI_over_av_sigmaI         ? 
_reflns.pdbx_netI_over_sigmaI            15.90 
_reflns.pdbx_res_netI_over_av_sigmaI_2   ? 
_reflns.pdbx_res_netI_over_sigmaI_2      ? 
_reflns.pdbx_chi_squared                 ? 
_reflns.pdbx_scaling_rejects             ? 
_reflns.pdbx_d_res_high_opt              ? 
_reflns.pdbx_d_res_low_opt               ? 
_reflns.pdbx_d_res_opt_method            ? 
_reflns.phase_calculation_details        ? 
_reflns.pdbx_Rrim_I_all                  ? 
_reflns.pdbx_Rpim_I_all                  0.041 
_reflns.pdbx_d_opt                       ? 
_reflns.pdbx_number_measured_all         ? 
_reflns.pdbx_diffrn_id                   1 
_reflns.pdbx_ordinal                     1 
_reflns.pdbx_CC_half                     0.988 
_reflns.pdbx_R_split                     ? 
# 
_reflns_shell.d_res_high                  3 
_reflns_shell.d_res_low                   3.05 
_reflns_shell.meanI_over_sigI_all         ? 
_reflns_shell.meanI_over_sigI_obs         4.68 
_reflns_shell.number_measured_all         ? 
_reflns_shell.number_measured_obs         ? 
_reflns_shell.number_possible             ? 
_reflns_shell.number_unique_all           ? 
_reflns_shell.number_unique_obs           11994 
_reflns_shell.percent_possible_all        37.75 
_reflns_shell.percent_possible_obs        ? 
_reflns_shell.Rmerge_F_all                ? 
_reflns_shell.Rmerge_F_obs                ? 
_reflns_shell.Rmerge_I_all                ? 
_reflns_shell.Rmerge_I_obs                ? 
_reflns_shell.meanI_over_sigI_gt          ? 
_reflns_shell.meanI_over_uI_all           ? 
_reflns_shell.meanI_over_uI_gt            ? 
_reflns_shell.number_measured_gt          ? 
_reflns_shell.number_unique_gt            ? 
_reflns_shell.percent_possible_gt         ? 
_reflns_shell.Rmerge_F_gt                 ? 
_reflns_shell.Rmerge_I_gt                 ? 
_reflns_shell.pdbx_redundancy             14.3 
_reflns_shell.pdbx_Rsym_value             ? 
_reflns_shell.pdbx_chi_squared            ? 
_reflns_shell.pdbx_netI_over_sigmaI_all   ? 
_reflns_shell.pdbx_netI_over_sigmaI_obs   ? 
_reflns_shell.pdbx_Rrim_I_all             ? 
_reflns_shell.pdbx_Rpim_I_all             0.214 
_reflns_shell.pdbx_rejects                ? 
_reflns_shell.pdbx_ordinal                1 
_reflns_shell.pdbx_diffrn_id              1 
_reflns_shell.pdbx_CC_half                0.968 
_reflns_shell.pdbx_R_split                ? 
# 
_refine.aniso_B[1][1]                            ? 
_refine.aniso_B[1][2]                            ? 
_refine.aniso_B[1][3]                            ? 
_refine.aniso_B[2][2]                            ? 
_refine.aniso_B[2][3]                            ? 
_refine.aniso_B[3][3]                            ? 
_refine.B_iso_max                                90.980 
_refine.B_iso_mean                               23.1356 
_refine.B_iso_min                                1.550 
_refine.correlation_coeff_Fo_to_Fc               ? 
_refine.correlation_coeff_Fo_to_Fc_free          ? 
_refine.details                                  ? 
_refine.diff_density_max                         ? 
_refine.diff_density_max_esd                     ? 
_refine.diff_density_min                         ? 
_refine.diff_density_min_esd                     ? 
_refine.diff_density_rms                         ? 
_refine.diff_density_rms_esd                     ? 
_refine.entry_id                                 6IGV 
_refine.pdbx_refine_id                           'X-RAY DIFFRACTION' 
_refine.ls_abs_structure_details                 ? 
_refine.ls_abs_structure_Flack                   ? 
_refine.ls_abs_structure_Flack_esd               ? 
_refine.ls_abs_structure_Rogers                  ? 
_refine.ls_abs_structure_Rogers_esd              ? 
_refine.ls_d_res_high                            2.9990 
_refine.ls_d_res_low                             37.5710 
_refine.ls_extinction_coef                       ? 
_refine.ls_extinction_coef_esd                   ? 
_refine.ls_extinction_expression                 ? 
_refine.ls_extinction_method                     ? 
_refine.ls_goodness_of_fit_all                   ? 
_refine.ls_goodness_of_fit_all_esd               ? 
_refine.ls_goodness_of_fit_obs                   ? 
_refine.ls_goodness_of_fit_obs_esd               ? 
_refine.ls_hydrogen_treatment                    ? 
_refine.ls_matrix_type                           ? 
_refine.ls_number_constraints                    ? 
_refine.ls_number_parameters                     ? 
_refine.ls_number_reflns_all                     ? 
_refine.ls_number_reflns_obs                     15633 
_refine.ls_number_reflns_R_free                  1554 
_refine.ls_number_reflns_R_work                  14079 
_refine.ls_number_restraints                     ? 
_refine.ls_percent_reflns_obs                    71.6200 
_refine.ls_percent_reflns_R_free                 9.9400 
_refine.ls_R_factor_all                          ? 
_refine.ls_R_factor_obs                          0.2886 
_refine.ls_R_factor_R_free                       0.3088 
_refine.ls_R_factor_R_free_error                 ? 
_refine.ls_R_factor_R_free_error_details         ? 
_refine.ls_R_factor_R_work                       0.2861 
_refine.ls_R_Fsqd_factor_obs                     ? 
_refine.ls_R_I_factor_obs                        ? 
_refine.ls_redundancy_reflns_all                 ? 
_refine.ls_redundancy_reflns_obs                 ? 
_refine.ls_restrained_S_all                      ? 
_refine.ls_restrained_S_obs                      ? 
_refine.ls_shift_over_esd_max                    ? 
_refine.ls_shift_over_esd_mean                   ? 
_refine.ls_structure_factor_coef                 ? 
_refine.ls_weighting_details                     ? 
_refine.ls_weighting_scheme                      ? 
_refine.ls_wR_factor_all                         ? 
_refine.ls_wR_factor_obs                         ? 
_refine.ls_wR_factor_R_free                      ? 
_refine.ls_wR_factor_R_work                      ? 
_refine.occupancy_max                            ? 
_refine.occupancy_min                            ? 
_refine.solvent_model_details                    'FLAT BULK SOLVENT MODEL' 
_refine.solvent_model_param_bsol                 ? 
_refine.solvent_model_param_ksol                 ? 
_refine.ls_R_factor_gt                           ? 
_refine.ls_goodness_of_fit_gt                    ? 
_refine.ls_goodness_of_fit_ref                   ? 
_refine.ls_shift_over_su_max                     ? 
_refine.ls_shift_over_su_max_lt                  ? 
_refine.ls_shift_over_su_mean                    ? 
_refine.ls_shift_over_su_mean_lt                 ? 
_refine.pdbx_ls_sigma_I                          ? 
_refine.pdbx_ls_sigma_F                          1.350 
_refine.pdbx_ls_sigma_Fsqd                       ? 
_refine.pdbx_data_cutoff_high_absF               ? 
_refine.pdbx_data_cutoff_high_rms_absF           ? 
_refine.pdbx_data_cutoff_low_absF                ? 
_refine.pdbx_isotropic_thermal_model             ? 
_refine.pdbx_ls_cross_valid_method               THROUGHOUT 
_refine.pdbx_method_to_determine_struct          SAD 
_refine.pdbx_starting_model                      ? 
_refine.pdbx_stereochemistry_target_values       ML 
_refine.pdbx_R_Free_selection_details            ? 
_refine.pdbx_stereochem_target_val_spec_case     ? 
_refine.pdbx_overall_ESU_R                       ? 
_refine.pdbx_overall_ESU_R_Free                  ? 
_refine.pdbx_solvent_vdw_probe_radii             1.1100 
_refine.pdbx_solvent_ion_probe_radii             ? 
_refine.pdbx_solvent_shrinkage_radii             0.9000 
_refine.pdbx_real_space_R                        ? 
_refine.pdbx_density_correlation                 ? 
_refine.pdbx_pd_number_of_powder_patterns        ? 
_refine.pdbx_pd_number_of_points                 ? 
_refine.pdbx_pd_meas_number_of_points            ? 
_refine.pdbx_pd_proc_ls_prof_R_factor            ? 
_refine.pdbx_pd_proc_ls_prof_wR_factor           ? 
_refine.pdbx_pd_Marquardt_correlation_coeff      ? 
_refine.pdbx_pd_Fsqrd_R_factor                   ? 
_refine.pdbx_pd_ls_matrix_band_width             ? 
_refine.pdbx_overall_phase_error                 34.2500 
_refine.pdbx_overall_SU_R_free_Cruickshank_DPI   ? 
_refine.pdbx_overall_SU_R_free_Blow_DPI          ? 
_refine.pdbx_overall_SU_R_Blow_DPI               ? 
_refine.pdbx_TLS_residual_ADP_flag               ? 
_refine.pdbx_diffrn_id                           1 
_refine.overall_SU_B                             ? 
_refine.overall_SU_ML                            0.4300 
_refine.overall_SU_R_Cruickshank_DPI             ? 
_refine.overall_SU_R_free                        ? 
_refine.overall_FOM_free_R_set                   ? 
_refine.overall_FOM_work_R_set                   ? 
_refine.pdbx_average_fsc_overall                 ? 
_refine.pdbx_average_fsc_work                    ? 
_refine.pdbx_average_fsc_free                    ? 
# 
_refine_hist.pdbx_refine_id                   'X-RAY DIFFRACTION' 
_refine_hist.cycle_id                         final 
_refine_hist.details                          ? 
_refine_hist.d_res_high                       2.9990 
_refine_hist.d_res_low                        37.5710 
_refine_hist.number_atoms_solvent             0 
_refine_hist.number_atoms_total               945 
_refine_hist.number_reflns_all                ? 
_refine_hist.number_reflns_obs                ? 
_refine_hist.number_reflns_R_free             ? 
_refine_hist.number_reflns_R_work             ? 
_refine_hist.R_factor_all                     ? 
_refine_hist.R_factor_obs                     ? 
_refine_hist.R_factor_R_free                  ? 
_refine_hist.R_factor_R_work                  ? 
_refine_hist.pdbx_number_residues_total       118 
_refine_hist.pdbx_B_iso_mean_ligand           ? 
_refine_hist.pdbx_B_iso_mean_solvent          ? 
_refine_hist.pdbx_number_atoms_protein        945 
_refine_hist.pdbx_number_atoms_nucleic_acid   0 
_refine_hist.pdbx_number_atoms_ligand         0 
_refine_hist.pdbx_number_atoms_lipid          ? 
_refine_hist.pdbx_number_atoms_carb           ? 
_refine_hist.pdbx_pseudo_atom_details         ? 
# 
loop_
_refine_ls_shell.pdbx_refine_id 
_refine_ls_shell.d_res_high 
_refine_ls_shell.d_res_low 
_refine_ls_shell.number_reflns_all 
_refine_ls_shell.number_reflns_obs 
_refine_ls_shell.number_reflns_R_free 
_refine_ls_shell.number_reflns_R_work 
_refine_ls_shell.percent_reflns_obs 
_refine_ls_shell.percent_reflns_R_free 
_refine_ls_shell.R_factor_all 
_refine_ls_shell.R_factor_obs 
_refine_ls_shell.R_factor_R_free 
_refine_ls_shell.R_factor_R_free_error 
_refine_ls_shell.R_factor_R_work 
_refine_ls_shell.redundancy_reflns_all 
_refine_ls_shell.redundancy_reflns_obs 
_refine_ls_shell.wR_factor_all 
_refine_ls_shell.wR_factor_obs 
_refine_ls_shell.wR_factor_R_free 
_refine_ls_shell.wR_factor_R_work 
_refine_ls_shell.pdbx_total_number_of_bins_used 
_refine_ls_shell.pdbx_phase_error 
_refine_ls_shell.pdbx_fsc_work 
_refine_ls_shell.pdbx_fsc_free 
'X-RAY DIFFRACTION' 2.999  3.0956  . . 50  432  25.0000  . . . 0.3165 0.0000 0.2764 . . . . . . . . . . 
'X-RAY DIFFRACTION' 3.0956 3.2062  . . 56  562  31.0000  . . . 0.2849 0.0000 0.2940 . . . . . . . . . . 
'X-RAY DIFFRACTION' 3.2062 3.3345  . . 86  730  41.0000  . . . 0.3834 0.0000 0.3512 . . . . . . . . . . 
'X-RAY DIFFRACTION' 3.3345 3.4861  . . 109 1003 56.0000  . . . 0.3493 0.0000 0.3384 . . . . . . . . . . 
'X-RAY DIFFRACTION' 3.4861 3.6698  . . 142 1229 69.0000  . . . 0.2784 0.0000 0.3121 . . . . . . . . . . 
'X-RAY DIFFRACTION' 3.6698 3.8995  . . 149 1383 77.0000  . . . 0.3033 0.0000 0.2773 . . . . . . . . . . 
'X-RAY DIFFRACTION' 3.8995 4.2002  . . 183 1638 92.0000  . . . 0.3499 0.0000 0.2675 . . . . . . . . . . 
'X-RAY DIFFRACTION' 4.2002 4.6222  . . 191 1781 100.0000 . . . 0.2686 0.0000 0.2384 . . . . . . . . . . 
'X-RAY DIFFRACTION' 4.6222 5.2894  . . 204 1789 100.0000 . . . 0.2752 0.0000 0.2580 . . . . . . . . . . 
'X-RAY DIFFRACTION' 5.2894 6.6581  . . 191 1789 100.0000 . . . 0.3698 0.0000 0.3636 . . . . . . . . . . 
'X-RAY DIFFRACTION' 6.6581 37.5710 . . 193 1743 97.0000  . . . 0.3153 0.0000 0.2934 . . . . . . . . . . 
# 
_struct.entry_id                     6IGV 
_struct.title                        'Kif5b stalk I coiled-coil' 
_struct.pdbx_model_details           ? 
_struct.pdbx_formula_weight          ? 
_struct.pdbx_formula_weight_method   ? 
_struct.pdbx_model_type_details      ? 
_struct.pdbx_CASP_flag               N 
# 
_struct_keywords.entry_id        6IGV 
_struct_keywords.text            'coiled-coil, MOTOR PROTEIN' 
_struct_keywords.pdbx_keywords   'MOTOR PROTEIN' 
# 
_struct_asym.id                            A 
_struct_asym.pdbx_blank_PDB_chainid_flag   N 
_struct_asym.pdbx_modified                 N 
_struct_asym.entity_id                     1 
_struct_asym.details                       ? 
# 
_struct_ref.id                         1 
_struct_ref.db_name                    UNP 
_struct_ref.db_code                    KINH_MOUSE 
_struct_ref.pdbx_db_accession          Q61768 
_struct_ref.pdbx_db_isoform            ? 
_struct_ref.entity_id                  1 
_struct_ref.pdbx_seq_one_letter_code   
;VEKLKTQMLDQEELLASTRRDQDNMQAELNRLQAENDASKEEVKEVLQALEELAVNYDQKSQEVEDKTKEYELLSDELNQ
KSATLASIDAELQKLKEMTNHQKKRAAEMMASLLKDLA
;
_struct_ref.pdbx_align_begin           446 
# 
_struct_ref_seq.align_id                      1 
_struct_ref_seq.ref_id                        1 
_struct_ref_seq.pdbx_PDB_id_code              6IGV 
_struct_ref_seq.pdbx_strand_id                A 
_struct_ref_seq.seq_align_beg                 1 
_struct_ref_seq.pdbx_seq_align_beg_ins_code   ? 
_struct_ref_seq.seq_align_end                 118 
_struct_ref_seq.pdbx_seq_align_end_ins_code   ? 
_struct_ref_seq.pdbx_db_accession             Q61768 
_struct_ref_seq.db_align_beg                  446 
_struct_ref_seq.pdbx_db_align_beg_ins_code    ? 
_struct_ref_seq.db_align_end                  563 
_struct_ref_seq.pdbx_db_align_end_ins_code    ? 
_struct_ref_seq.pdbx_auth_seq_align_beg       446 
_struct_ref_seq.pdbx_auth_seq_align_end       563 
# 
_pdbx_struct_assembly.id                   1 
_pdbx_struct_assembly.details              author_and_software_defined_assembly 
_pdbx_struct_assembly.method_details       PISA 
_pdbx_struct_assembly.oligomeric_details   dimeric 
_pdbx_struct_assembly.oligomeric_count     2 
# 
loop_
_pdbx_struct_assembly_prop.biol_id 
_pdbx_struct_assembly_prop.type 
_pdbx_struct_assembly_prop.value 
_pdbx_struct_assembly_prop.details 
1 'ABSA (A^2)' 5050  ? 
1 MORE         -42   ? 
1 'SSA (A^2)'  17760 ? 
# 
_pdbx_struct_assembly_gen.assembly_id       1 
_pdbx_struct_assembly_gen.oper_expression   1,2 
_pdbx_struct_assembly_gen.asym_id_list      A 
# 
_pdbx_struct_assembly_auth_evidence.id                     1 
_pdbx_struct_assembly_auth_evidence.assembly_id            1 
_pdbx_struct_assembly_auth_evidence.experimental_support   'light scattering' 
_pdbx_struct_assembly_auth_evidence.details                'muti-angle light scattering' 
# 
loop_
_pdbx_struct_oper_list.id 
_pdbx_struct_oper_list.type 
_pdbx_struct_oper_list.name 
_pdbx_struct_oper_list.symmetry_operation 
_pdbx_struct_oper_list.matrix[1][1] 
_pdbx_struct_oper_list.matrix[1][2] 
_pdbx_struct_oper_list.matrix[1][3] 
_pdbx_struct_oper_list.vector[1] 
_pdbx_struct_oper_list.matrix[2][1] 
_pdbx_struct_oper_list.matrix[2][2] 
_pdbx_struct_oper_list.matrix[2][3] 
_pdbx_struct_oper_list.vector[2] 
_pdbx_struct_oper_list.matrix[3][1] 
_pdbx_struct_oper_list.matrix[3][2] 
_pdbx_struct_oper_list.matrix[3][3] 
_pdbx_struct_oper_list.vector[3] 
1 'identity operation'         1_555 x,y,z           1.0000000000 0.0000000000  0.0000000000 0.0000000000 0.0000000000  1.0000000000  0.0000000000  0.0000000000 0.0000000000 0.0000000000  1.0000000000  0.0000000000  
2 'crystal symmetry operation' 6_557 x,-y+1/2,-z+9/4 0.5950839201 -0.6090749948 0.5243117191 1.8754693810 -0.6090749948 -0.7674276916 -0.2002058660 4.5256349885 0.5243117191 -0.2002058660 -0.8276562284 -0.4483591276 
# 
_struct_conf.conf_type_id            HELX_P 
_struct_conf.id                      HELX_P1 
_struct_conf.pdbx_PDB_helix_id       AA1 
_struct_conf.beg_label_comp_id       VAL 
_struct_conf.beg_label_asym_id       A 
_struct_conf.beg_label_seq_id        1 
_struct_conf.pdbx_beg_PDB_ins_code   ? 
_struct_conf.end_label_comp_id       LEU 
_struct_conf.end_label_asym_id       A 
_struct_conf.end_label_seq_id        114 
_struct_conf.pdbx_end_PDB_ins_code   ? 
_struct_conf.beg_auth_comp_id        VAL 
_struct_conf.beg_auth_asym_id        A 
_struct_conf.beg_auth_seq_id         446 
_struct_conf.end_auth_comp_id        LEU 
_struct_conf.end_auth_asym_id        A 
_struct_conf.end_auth_seq_id         559 
_struct_conf.pdbx_PDB_helix_class    1 
_struct_conf.details                 ? 
_struct_conf.pdbx_PDB_helix_length   114 
# 
_struct_conf_type.id          HELX_P 
_struct_conf_type.criteria    ? 
_struct_conf_type.reference   ? 
# 
loop_
_pdbx_validate_symm_contact.id 
_pdbx_validate_symm_contact.PDB_model_num 
_pdbx_validate_symm_contact.auth_atom_id_1 
_pdbx_validate_symm_contact.auth_asym_id_1 
_pdbx_validate_symm_contact.auth_comp_id_1 
_pdbx_validate_symm_contact.auth_seq_id_1 
_pdbx_validate_symm_contact.PDB_ins_code_1 
_pdbx_validate_symm_contact.label_alt_id_1 
_pdbx_validate_symm_contact.site_symmetry_1 
_pdbx_validate_symm_contact.auth_atom_id_2 
_pdbx_validate_symm_contact.auth_asym_id_2 
_pdbx_validate_symm_contact.auth_comp_id_2 
_pdbx_validate_symm_contact.auth_seq_id_2 
_pdbx_validate_symm_contact.PDB_ins_code_2 
_pdbx_validate_symm_contact.label_alt_id_2 
_pdbx_validate_symm_contact.site_symmetry_2 
_pdbx_validate_symm_contact.dist 
1 1 OE2 A GLU 458 ? ? 1_555 NZ  A LYS 512 ? ? 3_555  2.07 
2 1 OE1 A GLU 515 ? ? 1_555 NH2 A ARG 550 ? ? 15_557 2.12 
# 
loop_
_chem_comp_atom.comp_id 
_chem_comp_atom.atom_id 
_chem_comp_atom.type_symbol 
_chem_comp_atom.pdbx_aromatic_flag 
_chem_comp_atom.pdbx_stereo_config 
_chem_comp_atom.pdbx_ordinal 
ALA N    N N N 1   
ALA CA   C N S 2   
ALA C    C N N 3   
ALA O    O N N 4   
ALA CB   C N N 5   
ALA OXT  O N N 6   
ALA H    H N N 7   
ALA H2   H N N 8   
ALA HA   H N N 9   
ALA HB1  H N N 10  
ALA HB2  H N N 11  
ALA HB3  H N N 12  
ALA HXT  H N N 13  
ARG N    N N N 14  
ARG CA   C N S 15  
ARG C    C N N 16  
ARG O    O N N 17  
ARG CB   C N N 18  
ARG CG   C N N 19  
ARG CD   C N N 20  
ARG NE   N N N 21  
ARG CZ   C N N 22  
ARG NH1  N N N 23  
ARG NH2  N N N 24  
ARG OXT  O N N 25  
ARG H    H N N 26  
ARG H2   H N N 27  
ARG HA   H N N 28  
ARG HB2  H N N 29  
ARG HB3  H N N 30  
ARG HG2  H N N 31  
ARG HG3  H N N 32  
ARG HD2  H N N 33  
ARG HD3  H N N 34  
ARG HE   H N N 35  
ARG HH11 H N N 36  
ARG HH12 H N N 37  
ARG HH21 H N N 38  
ARG HH22 H N N 39  
ARG HXT  H N N 40  
ASN N    N N N 41  
ASN CA   C N S 42  
ASN C    C N N 43  
ASN O    O N N 44  
ASN CB   C N N 45  
ASN CG   C N N 46  
ASN OD1  O N N 47  
ASN ND2  N N N 48  
ASN OXT  O N N 49  
ASN H    H N N 50  
ASN H2   H N N 51  
ASN HA   H N N 52  
ASN HB2  H N N 53  
ASN HB3  H N N 54  
ASN HD21 H N N 55  
ASN HD22 H N N 56  
ASN HXT  H N N 57  
ASP N    N N N 58  
ASP CA   C N S 59  
ASP C    C N N 60  
ASP O    O N N 61  
ASP CB   C N N 62  
ASP CG   C N N 63  
ASP OD1  O N N 64  
ASP OD2  O N N 65  
ASP OXT  O N N 66  
ASP H    H N N 67  
ASP H2   H N N 68  
ASP HA   H N N 69  
ASP HB2  H N N 70  
ASP HB3  H N N 71  
ASP HD2  H N N 72  
ASP HXT  H N N 73  
GLN N    N N N 74  
GLN CA   C N S 75  
GLN C    C N N 76  
GLN O    O N N 77  
GLN CB   C N N 78  
GLN CG   C N N 79  
GLN CD   C N N 80  
GLN OE1  O N N 81  
GLN NE2  N N N 82  
GLN OXT  O N N 83  
GLN H    H N N 84  
GLN H2   H N N 85  
GLN HA   H N N 86  
GLN HB2  H N N 87  
GLN HB3  H N N 88  
GLN HG2  H N N 89  
GLN HG3  H N N 90  
GLN HE21 H N N 91  
GLN HE22 H N N 92  
GLN HXT  H N N 93  
GLU N    N N N 94  
GLU CA   C N S 95  
GLU C    C N N 96  
GLU O    O N N 97  
GLU CB   C N N 98  
GLU CG   C N N 99  
GLU CD   C N N 100 
GLU OE1  O N N 101 
GLU OE2  O N N 102 
GLU OXT  O N N 103 
GLU H    H N N 104 
GLU H2   H N N 105 
GLU HA   H N N 106 
GLU HB2  H N N 107 
GLU HB3  H N N 108 
GLU HG2  H N N 109 
GLU HG3  H N N 110 
GLU HE2  H N N 111 
GLU HXT  H N N 112 
HIS N    N N N 113 
HIS CA   C N S 114 
HIS C    C N N 115 
HIS O    O N N 116 
HIS CB   C N N 117 
HIS CG   C Y N 118 
HIS ND1  N Y N 119 
HIS CD2  C Y N 120 
HIS CE1  C Y N 121 
HIS NE2  N Y N 122 
HIS OXT  O N N 123 
HIS H    H N N 124 
HIS H2   H N N 125 
HIS HA   H N N 126 
HIS HB2  H N N 127 
HIS HB3  H N N 128 
HIS HD1  H N N 129 
HIS HD2  H N N 130 
HIS HE1  H N N 131 
HIS HE2  H N N 132 
HIS HXT  H N N 133 
ILE N    N N N 134 
ILE CA   C N S 135 
ILE C    C N N 136 
ILE O    O N N 137 
ILE CB   C N S 138 
ILE CG1  C N N 139 
ILE CG2  C N N 140 
ILE CD1  C N N 141 
ILE OXT  O N N 142 
ILE H    H N N 143 
ILE H2   H N N 144 
ILE HA   H N N 145 
ILE HB   H N N 146 
ILE HG12 H N N 147 
ILE HG13 H N N 148 
ILE HG21 H N N 149 
ILE HG22 H N N 150 
ILE HG23 H N N 151 
ILE HD11 H N N 152 
ILE HD12 H N N 153 
ILE HD13 H N N 154 
ILE HXT  H N N 155 
LEU N    N N N 156 
LEU CA   C N S 157 
LEU C    C N N 158 
LEU O    O N N 159 
LEU CB   C N N 160 
LEU CG   C N N 161 
LEU CD1  C N N 162 
LEU CD2  C N N 163 
LEU OXT  O N N 164 
LEU H    H N N 165 
LEU H2   H N N 166 
LEU HA   H N N 167 
LEU HB2  H N N 168 
LEU HB3  H N N 169 
LEU HG   H N N 170 
LEU HD11 H N N 171 
LEU HD12 H N N 172 
LEU HD13 H N N 173 
LEU HD21 H N N 174 
LEU HD22 H N N 175 
LEU HD23 H N N 176 
LEU HXT  H N N 177 
LYS N    N N N 178 
LYS CA   C N S 179 
LYS C    C N N 180 
LYS O    O N N 181 
LYS CB   C N N 182 
LYS CG   C N N 183 
LYS CD   C N N 184 
LYS CE   C N N 185 
LYS NZ   N N N 186 
LYS OXT  O N N 187 
LYS H    H N N 188 
LYS H2   H N N 189 
LYS HA   H N N 190 
LYS HB2  H N N 191 
LYS HB3  H N N 192 
LYS HG2  H N N 193 
LYS HG3  H N N 194 
LYS HD2  H N N 195 
LYS HD3  H N N 196 
LYS HE2  H N N 197 
LYS HE3  H N N 198 
LYS HZ1  H N N 199 
LYS HZ2  H N N 200 
LYS HZ3  H N N 201 
LYS HXT  H N N 202 
MET N    N N N 203 
MET CA   C N S 204 
MET C    C N N 205 
MET O    O N N 206 
MET CB   C N N 207 
MET CG   C N N 208 
MET SD   S N N 209 
MET CE   C N N 210 
MET OXT  O N N 211 
MET H    H N N 212 
MET H2   H N N 213 
MET HA   H N N 214 
MET HB2  H N N 215 
MET HB3  H N N 216 
MET HG2  H N N 217 
MET HG3  H N N 218 
MET HE1  H N N 219 
MET HE2  H N N 220 
MET HE3  H N N 221 
MET HXT  H N N 222 
SER N    N N N 223 
SER CA   C N S 224 
SER C    C N N 225 
SER O    O N N 226 
SER CB   C N N 227 
SER OG   O N N 228 
SER OXT  O N N 229 
SER H    H N N 230 
SER H2   H N N 231 
SER HA   H N N 232 
SER HB2  H N N 233 
SER HB3  H N N 234 
SER HG   H N N 235 
SER HXT  H N N 236 
THR N    N N N 237 
THR CA   C N S 238 
THR C    C N N 239 
THR O    O N N 240 
THR CB   C N R 241 
THR OG1  O N N 242 
THR CG2  C N N 243 
THR OXT  O N N 244 
THR H    H N N 245 
THR H2   H N N 246 
THR HA   H N N 247 
THR HB   H N N 248 
THR HG1  H N N 249 
THR HG21 H N N 250 
THR HG22 H N N 251 
THR HG23 H N N 252 
THR HXT  H N N 253 
TYR N    N N N 254 
TYR CA   C N S 255 
TYR C    C N N 256 
TYR O    O N N 257 
TYR CB   C N N 258 
TYR CG   C Y N 259 
TYR CD1  C Y N 260 
TYR CD2  C Y N 261 
TYR CE1  C Y N 262 
TYR CE2  C Y N 263 
TYR CZ   C Y N 264 
TYR OH   O N N 265 
TYR OXT  O N N 266 
TYR H    H N N 267 
TYR H2   H N N 268 
TYR HA   H N N 269 
TYR HB2  H N N 270 
TYR HB3  H N N 271 
TYR HD1  H N N 272 
TYR HD2  H N N 273 
TYR HE1  H N N 274 
TYR HE2  H N N 275 
TYR HH   H N N 276 
TYR HXT  H N N 277 
VAL N    N N N 278 
VAL CA   C N S 279 
VAL C    C N N 280 
VAL O    O N N 281 
VAL CB   C N N 282 
VAL CG1  C N N 283 
VAL CG2  C N N 284 
VAL OXT  O N N 285 
VAL H    H N N 286 
VAL H2   H N N 287 
VAL HA   H N N 288 
VAL HB   H N N 289 
VAL HG11 H N N 290 
VAL HG12 H N N 291 
VAL HG13 H N N 292 
VAL HG21 H N N 293 
VAL HG22 H N N 294 
VAL HG23 H N N 295 
VAL HXT  H N N 296 
# 
loop_
_chem_comp_bond.comp_id 
_chem_comp_bond.atom_id_1 
_chem_comp_bond.atom_id_2 
_chem_comp_bond.value_order 
_chem_comp_bond.pdbx_aromatic_flag 
_chem_comp_bond.pdbx_stereo_config 
_chem_comp_bond.pdbx_ordinal 
ALA N   CA   sing N N 1   
ALA N   H    sing N N 2   
ALA N   H2   sing N N 3   
ALA CA  C    sing N N 4   
ALA CA  CB   sing N N 5   
ALA CA  HA   sing N N 6   
ALA C   O    doub N N 7   
ALA C   OXT  sing N N 8   
ALA CB  HB1  sing N N 9   
ALA CB  HB2  sing N N 10  
ALA CB  HB3  sing N N 11  
ALA OXT HXT  sing N N 12  
ARG N   CA   sing N N 13  
ARG N   H    sing N N 14  
ARG N   H2   sing N N 15  
ARG CA  C    sing N N 16  
ARG CA  CB   sing N N 17  
ARG CA  HA   sing N N 18  
ARG C   O    doub N N 19  
ARG C   OXT  sing N N 20  
ARG CB  CG   sing N N 21  
ARG CB  HB2  sing N N 22  
ARG CB  HB3  sing N N 23  
ARG CG  CD   sing N N 24  
ARG CG  HG2  sing N N 25  
ARG CG  HG3  sing N N 26  
ARG CD  NE   sing N N 27  
ARG CD  HD2  sing N N 28  
ARG CD  HD3  sing N N 29  
ARG NE  CZ   sing N N 30  
ARG NE  HE   sing N N 31  
ARG CZ  NH1  sing N N 32  
ARG CZ  NH2  doub N N 33  
ARG NH1 HH11 sing N N 34  
ARG NH1 HH12 sing N N 35  
ARG NH2 HH21 sing N N 36  
ARG NH2 HH22 sing N N 37  
ARG OXT HXT  sing N N 38  
ASN N   CA   sing N N 39  
ASN N   H    sing N N 40  
ASN N   H2   sing N N 41  
ASN CA  C    sing N N 42  
ASN CA  CB   sing N N 43  
ASN CA  HA   sing N N 44  
ASN C   O    doub N N 45  
ASN C   OXT  sing N N 46  
ASN CB  CG   sing N N 47  
ASN CB  HB2  sing N N 48  
ASN CB  HB3  sing N N 49  
ASN CG  OD1  doub N N 50  
ASN CG  ND2  sing N N 51  
ASN ND2 HD21 sing N N 52  
ASN ND2 HD22 sing N N 53  
ASN OXT HXT  sing N N 54  
ASP N   CA   sing N N 55  
ASP N   H    sing N N 56  
ASP N   H2   sing N N 57  
ASP CA  C    sing N N 58  
ASP CA  CB   sing N N 59  
ASP CA  HA   sing N N 60  
ASP C   O    doub N N 61  
ASP C   OXT  sing N N 62  
ASP CB  CG   sing N N 63  
ASP CB  HB2  sing N N 64  
ASP CB  HB3  sing N N 65  
ASP CG  OD1  doub N N 66  
ASP CG  OD2  sing N N 67  
ASP OD2 HD2  sing N N 68  
ASP OXT HXT  sing N N 69  
GLN N   CA   sing N N 70  
GLN N   H    sing N N 71  
GLN N   H2   sing N N 72  
GLN CA  C    sing N N 73  
GLN CA  CB   sing N N 74  
GLN CA  HA   sing N N 75  
GLN C   O    doub N N 76  
GLN C   OXT  sing N N 77  
GLN CB  CG   sing N N 78  
GLN CB  HB2  sing N N 79  
GLN CB  HB3  sing N N 80  
GLN CG  CD   sing N N 81  
GLN CG  HG2  sing N N 82  
GLN CG  HG3  sing N N 83  
GLN CD  OE1  doub N N 84  
GLN CD  NE2  sing N N 85  
GLN NE2 HE21 sing N N 86  
GLN NE2 HE22 sing N N 87  
GLN OXT HXT  sing N N 88  
GLU N   CA   sing N N 89  
GLU N   H    sing N N 90  
GLU N   H2   sing N N 91  
GLU CA  C    sing N N 92  
GLU CA  CB   sing N N 93  
GLU CA  HA   sing N N 94  
GLU C   O    doub N N 95  
GLU C   OXT  sing N N 96  
GLU CB  CG   sing N N 97  
GLU CB  HB2  sing N N 98  
GLU CB  HB3  sing N N 99  
GLU CG  CD   sing N N 100 
GLU CG  HG2  sing N N 101 
GLU CG  HG3  sing N N 102 
GLU CD  OE1  doub N N 103 
GLU CD  OE2  sing N N 104 
GLU OE2 HE2  sing N N 105 
GLU OXT HXT  sing N N 106 
HIS N   CA   sing N N 107 
HIS N   H    sing N N 108 
HIS N   H2   sing N N 109 
HIS CA  C    sing N N 110 
HIS CA  CB   sing N N 111 
HIS CA  HA   sing N N 112 
HIS C   O    doub N N 113 
HIS C   OXT  sing N N 114 
HIS CB  CG   sing N N 115 
HIS CB  HB2  sing N N 116 
HIS CB  HB3  sing N N 117 
HIS CG  ND1  sing Y N 118 
HIS CG  CD2  doub Y N 119 
HIS ND1 CE1  doub Y N 120 
HIS ND1 HD1  sing N N 121 
HIS CD2 NE2  sing Y N 122 
HIS CD2 HD2  sing N N 123 
HIS CE1 NE2  sing Y N 124 
HIS CE1 HE1  sing N N 125 
HIS NE2 HE2  sing N N 126 
HIS OXT HXT  sing N N 127 
ILE N   CA   sing N N 128 
ILE N   H    sing N N 129 
ILE N   H2   sing N N 130 
ILE CA  C    sing N N 131 
ILE CA  CB   sing N N 132 
ILE CA  HA   sing N N 133 
ILE C   O    doub N N 134 
ILE C   OXT  sing N N 135 
ILE CB  CG1  sing N N 136 
ILE CB  CG2  sing N N 137 
ILE CB  HB   sing N N 138 
ILE CG1 CD1  sing N N 139 
ILE CG1 HG12 sing N N 140 
ILE CG1 HG13 sing N N 141 
ILE CG2 HG21 sing N N 142 
ILE CG2 HG22 sing N N 143 
ILE CG2 HG23 sing N N 144 
ILE CD1 HD11 sing N N 145 
ILE CD1 HD12 sing N N 146 
ILE CD1 HD13 sing N N 147 
ILE OXT HXT  sing N N 148 
LEU N   CA   sing N N 149 
LEU N   H    sing N N 150 
LEU N   H2   sing N N 151 
LEU CA  C    sing N N 152 
LEU CA  CB   sing N N 153 
LEU CA  HA   sing N N 154 
LEU C   O    doub N N 155 
LEU C   OXT  sing N N 156 
LEU CB  CG   sing N N 157 
LEU CB  HB2  sing N N 158 
LEU CB  HB3  sing N N 159 
LEU CG  CD1  sing N N 160 
LEU CG  CD2  sing N N 161 
LEU CG  HG   sing N N 162 
LEU CD1 HD11 sing N N 163 
LEU CD1 HD12 sing N N 164 
LEU CD1 HD13 sing N N 165 
LEU CD2 HD21 sing N N 166 
LEU CD2 HD22 sing N N 167 
LEU CD2 HD23 sing N N 168 
LEU OXT HXT  sing N N 169 
LYS N   CA   sing N N 170 
LYS N   H    sing N N 171 
LYS N   H2   sing N N 172 
LYS CA  C    sing N N 173 
LYS CA  CB   sing N N 174 
LYS CA  HA   sing N N 175 
LYS C   O    doub N N 176 
LYS C   OXT  sing N N 177 
LYS CB  CG   sing N N 178 
LYS CB  HB2  sing N N 179 
LYS CB  HB3  sing N N 180 
LYS CG  CD   sing N N 181 
LYS CG  HG2  sing N N 182 
LYS CG  HG3  sing N N 183 
LYS CD  CE   sing N N 184 
LYS CD  HD2  sing N N 185 
LYS CD  HD3  sing N N 186 
LYS CE  NZ   sing N N 187 
LYS CE  HE2  sing N N 188 
LYS CE  HE3  sing N N 189 
LYS NZ  HZ1  sing N N 190 
LYS NZ  HZ2  sing N N 191 
LYS NZ  HZ3  sing N N 192 
LYS OXT HXT  sing N N 193 
MET N   CA   sing N N 194 
MET N   H    sing N N 195 
MET N   H2   sing N N 196 
MET CA  C    sing N N 197 
MET CA  CB   sing N N 198 
MET CA  HA   sing N N 199 
MET C   O    doub N N 200 
MET C   OXT  sing N N 201 
MET CB  CG   sing N N 202 
MET CB  HB2  sing N N 203 
MET CB  HB3  sing N N 204 
MET CG  SD   sing N N 205 
MET CG  HG2  sing N N 206 
MET CG  HG3  sing N N 207 
MET SD  CE   sing N N 208 
MET CE  HE1  sing N N 209 
MET CE  HE2  sing N N 210 
MET CE  HE3  sing N N 211 
MET OXT HXT  sing N N 212 
SER N   CA   sing N N 213 
SER N   H    sing N N 214 
SER N   H2   sing N N 215 
SER CA  C    sing N N 216 
SER CA  CB   sing N N 217 
SER CA  HA   sing N N 218 
SER C   O    doub N N 219 
SER C   OXT  sing N N 220 
SER CB  OG   sing N N 221 
SER CB  HB2  sing N N 222 
SER CB  HB3  sing N N 223 
SER OG  HG   sing N N 224 
SER OXT HXT  sing N N 225 
THR N   CA   sing N N 226 
THR N   H    sing N N 227 
THR N   H2   sing N N 228 
THR CA  C    sing N N 229 
THR CA  CB   sing N N 230 
THR CA  HA   sing N N 231 
THR C   O    doub N N 232 
THR C   OXT  sing N N 233 
THR CB  OG1  sing N N 234 
THR CB  CG2  sing N N 235 
THR CB  HB   sing N N 236 
THR OG1 HG1  sing N N 237 
THR CG2 HG21 sing N N 238 
THR CG2 HG22 sing N N 239 
THR CG2 HG23 sing N N 240 
THR OXT HXT  sing N N 241 
TYR N   CA   sing N N 242 
TYR N   H    sing N N 243 
TYR N   H2   sing N N 244 
TYR CA  C    sing N N 245 
TYR CA  CB   sing N N 246 
TYR CA  HA   sing N N 247 
TYR C   O    doub N N 248 
TYR C   OXT  sing N N 249 
TYR CB  CG   sing N N 250 
TYR CB  HB2  sing N N 251 
TYR CB  HB3  sing N N 252 
TYR CG  CD1  doub Y N 253 
TYR CG  CD2  sing Y N 254 
TYR CD1 CE1  sing Y N 255 
TYR CD1 HD1  sing N N 256 
TYR CD2 CE2  doub Y N 257 
TYR CD2 HD2  sing N N 258 
TYR CE1 CZ   doub Y N 259 
TYR CE1 HE1  sing N N 260 
TYR CE2 CZ   sing Y N 261 
TYR CE2 HE2  sing N N 262 
TYR CZ  OH   sing N N 263 
TYR OH  HH   sing N N 264 
TYR OXT HXT  sing N N 265 
VAL N   CA   sing N N 266 
VAL N   H    sing N N 267 
VAL N   H2   sing N N 268 
VAL CA  C    sing N N 269 
VAL CA  CB   sing N N 270 
VAL CA  HA   sing N N 271 
VAL C   O    doub N N 272 
VAL C   OXT  sing N N 273 
VAL CB  CG1  sing N N 274 
VAL CB  CG2  sing N N 275 
VAL CB  HB   sing N N 276 
VAL CG1 HG11 sing N N 277 
VAL CG1 HG12 sing N N 278 
VAL CG1 HG13 sing N N 279 
VAL CG2 HG21 sing N N 280 
VAL CG2 HG22 sing N N 281 
VAL CG2 HG23 sing N N 282 
VAL OXT HXT  sing N N 283 
# 
_atom_sites.entry_id                    6IGV 
_atom_sites.Cartn_transf_matrix[1][1]   ? 
_atom_sites.Cartn_transf_matrix[1][2]   ? 
_atom_sites.Cartn_transf_matrix[1][3]   ? 
_atom_sites.Cartn_transf_matrix[2][1]   ? 
_atom_sites.Cartn_transf_matrix[2][2]   ? 
_atom_sites.Cartn_transf_matrix[2][3]   ? 
_atom_sites.Cartn_transf_matrix[3][1]   ? 
_atom_sites.Cartn_transf_matrix[3][2]   ? 
_atom_sites.Cartn_transf_matrix[3][3]   ? 
_atom_sites.Cartn_transf_vector[1]      ? 
_atom_sites.Cartn_transf_vector[2]      ? 
_atom_sites.Cartn_transf_vector[3]      ? 
_atom_sites.fract_transf_matrix[1][1]   0.01055409 
_atom_sites.fract_transf_matrix[1][2]   -0.00403003 
_atom_sites.fract_transf_matrix[1][3]   0.00346918 
_atom_sites.fract_transf_matrix[2][1]   0.00416849 
_atom_sites.fract_transf_matrix[2][2]   0.00148328 
_atom_sites.fract_transf_matrix[2][3]   -0.01095850 
_atom_sites.fract_transf_matrix[3][1]   0.00089005 
_atom_sites.fract_transf_matrix[3][2]   0.00296822 
_atom_sites.fract_transf_matrix[3][3]   0.00074033 
_atom_sites.fract_transf_vector[1]      0.017796 
_atom_sites.fract_transf_vector[2]      0.240288 
_atom_sites.fract_transf_vector[3]      1.117754 
_atom_sites.solution_primary            ? 
_atom_sites.solution_secondary          ? 
_atom_sites.solution_hydrogens          ? 
_atom_sites.special_details             ? 
# 
loop_
_atom_type.symbol 
C 
N 
O 
S 
# 
loop_
_atom_site.group_PDB 
_atom_site.id 
_atom_site.type_symbol 
_atom_site.label_atom_id 
_atom_site.label_alt_id 
_atom_site.label_comp_id 
_atom_site.label_asym_id 
_atom_site.label_entity_id 
_atom_site.label_seq_id 
_atom_site.pdbx_PDB_ins_code 
_atom_site.Cartn_x 
_atom_site.Cartn_y 
_atom_site.Cartn_z 
_atom_site.occupancy 
_atom_site.B_iso_or_equiv 
_atom_site.pdbx_formal_charge 
_atom_site.auth_seq_id 
_atom_site.auth_comp_id 
_atom_site.auth_asym_id 
_atom_site.auth_atom_id 
_atom_site.pdbx_PDB_model_num 
ATOM 1   N N   . VAL A 1 1   ? 23.663  84.812  -1.459  1.00 37.54 ?  446 VAL A N   1 
ATOM 2   C CA  . VAL A 1 1   ? 22.846  83.864  -0.720  1.00 28.47 ?  446 VAL A CA  1 
ATOM 3   C C   . VAL A 1 1   ? 21.755  83.244  -1.565  1.00 33.05 ?  446 VAL A C   1 
ATOM 4   O O   . VAL A 1 1   ? 21.280  82.171  -1.245  1.00 37.62 ?  446 VAL A O   1 
ATOM 5   C CB  . VAL A 1 1   ? 22.274  84.526  0.497   1.00 33.28 ?  446 VAL A CB  1 
ATOM 6   C CG1 . VAL A 1 1   ? 23.349  84.628  1.540   1.00 38.48 ?  446 VAL A CG1 1 
ATOM 7   C CG2 . VAL A 1 1   ? 21.792  85.909  0.109   1.00 39.31 ?  446 VAL A CG2 1 
ATOM 8   N N   . GLU A 1 2   ? 21.324  83.899  -2.636  1.00 39.22 ?  447 GLU A N   1 
ATOM 9   C CA  . GLU A 1 2   ? 20.180  83.313  -3.333  1.00 45.00 ?  447 GLU A CA  1 
ATOM 10  C C   . GLU A 1 2   ? 20.583  82.268  -4.368  1.00 37.69 ?  447 GLU A C   1 
ATOM 11  O O   . GLU A 1 2   ? 19.713  81.599  -4.937  1.00 38.23 ?  447 GLU A O   1 
ATOM 12  C CB  . GLU A 1 2   ? 19.292  84.396  -3.972  1.00 51.92 ?  447 GLU A CB  1 
ATOM 13  C CG  . GLU A 1 2   ? 18.481  85.141  -2.908  1.00 53.64 ?  447 GLU A CG  1 
ATOM 14  C CD  . GLU A 1 2   ? 17.079  84.542  -2.743  1.00 68.15 ?  447 GLU A CD  1 
ATOM 15  O OE1 . GLU A 1 2   ? 16.403  84.286  -3.773  1.00 70.96 ?  447 GLU A OE1 1 
ATOM 16  O OE2 . GLU A 1 2   ? 16.683  84.263  -1.581  1.00 73.30 -1 447 GLU A OE2 1 
ATOM 17  N N   . LYS A 1 3   ? 21.869  82.133  -4.647  1.00 29.16 ?  448 LYS A N   1 
ATOM 18  C CA  . LYS A 1 3   ? 22.364  80.977  -5.373  1.00 24.48 ?  448 LYS A CA  1 
ATOM 19  C C   . LYS A 1 3   ? 22.590  79.821  -4.416  1.00 24.01 ?  448 LYS A C   1 
ATOM 20  O O   . LYS A 1 3   ? 22.265  78.668  -4.728  1.00 26.79 ?  448 LYS A O   1 
ATOM 21  C CB  . LYS A 1 3   ? 23.671  81.312  -6.108  1.00 23.53 ?  448 LYS A CB  1 
ATOM 22  C CG  . LYS A 1 3   ? 23.499  82.184  -7.336  1.00 30.96 ?  448 LYS A CG  1 
ATOM 23  C CD  . LYS A 1 3   ? 24.838  82.786  -7.769  1.00 27.58 ?  448 LYS A CD  1 
ATOM 24  C CE  . LYS A 1 3   ? 24.702  84.266  -8.111  1.00 29.28 ?  448 LYS A CE  1 
ATOM 25  N NZ  . LYS A 1 3   ? 26.025  84.971  -8.017  1.00 39.36 ?  448 LYS A NZ  1 
ATOM 26  N N   . LEU A 1 4   ? 23.131  80.117  -3.239  1.00 20.21 ?  449 LEU A N   1 
ATOM 27  C CA  . LEU A 1 4   ? 23.404  79.054  -2.290  1.00 19.39 ?  449 LEU A CA  1 
ATOM 28  C C   . LEU A 1 4   ? 22.127  78.383  -1.833  1.00 24.64 ?  449 LEU A C   1 
ATOM 29  O O   . LEU A 1 4   ? 22.150  77.193  -1.502  1.00 32.45 ?  449 LEU A O   1 
ATOM 30  C CB  . LEU A 1 4   ? 24.156  79.584  -1.075  1.00 17.53 ?  449 LEU A CB  1 
ATOM 31  C CG  . LEU A 1 4   ? 25.654  79.838  -1.127  1.00 11.69 ?  449 LEU A CG  1 
ATOM 32  C CD1 . LEU A 1 4   ? 26.180  79.673  0.272   1.00 11.29 ?  449 LEU A CD1 1 
ATOM 33  C CD2 . LEU A 1 4   ? 26.340  78.907  -2.071  1.00 13.49 ?  449 LEU A CD2 1 
ATOM 34  N N   . LYS A 1 5   ? 21.006  79.108  -1.804  1.00 20.58 ?  450 LYS A N   1 
ATOM 35  C CA  . LYS A 1 5   ? 19.782  78.426  -1.406  1.00 23.28 ?  450 LYS A CA  1 
ATOM 36  C C   . LYS A 1 5   ? 19.178  77.646  -2.569  1.00 21.31 ?  450 LYS A C   1 
ATOM 37  O O   . LYS A 1 5   ? 18.578  76.587  -2.359  1.00 24.52 ?  450 LYS A O   1 
ATOM 38  C CB  . LYS A 1 5   ? 18.788  79.413  -0.789  1.00 26.60 ?  450 LYS A CB  1 
ATOM 39  C CG  . LYS A 1 5   ? 19.329  80.117  0.487   1.00 39.77 ?  450 LYS A CG  1 
ATOM 40  C CD  . LYS A 1 5   ? 18.234  80.661  1.461   1.00 52.94 ?  450 LYS A CD  1 
ATOM 41  C CE  . LYS A 1 5   ? 18.775  80.854  2.909   1.00 57.99 ?  450 LYS A CE  1 
ATOM 42  N NZ  . LYS A 1 5   ? 18.364  79.837  3.931   1.00 53.96 ?  450 LYS A NZ  1 
ATOM 43  N N   . THR A 1 6   ? 19.383  78.098  -3.799  1.00 18.95 ?  451 THR A N   1 
ATOM 44  C CA  . THR A 1 6   ? 19.014  77.255  -4.922  1.00 19.26 ?  451 THR A CA  1 
ATOM 45  C C   . THR A 1 6   ? 19.853  75.998  -4.959  1.00 22.39 ?  451 THR A C   1 
ATOM 46  O O   . THR A 1 6   ? 19.386  74.955  -5.415  1.00 31.57 ?  451 THR A O   1 
ATOM 47  C CB  . THR A 1 6   ? 19.150  78.026  -6.225  1.00 27.75 ?  451 THR A CB  1 
ATOM 48  O OG1 . THR A 1 6   ? 17.981  78.848  -6.395  1.00 36.75 ?  451 THR A OG1 1 
ATOM 49  C CG2 . THR A 1 6   ? 19.323  77.062  -7.426  1.00 25.19 ?  451 THR A CG2 1 
ATOM 50  N N   . GLN A 1 7   ? 21.082  76.068  -4.475  1.00 23.29 ?  452 GLN A N   1 
ATOM 51  C CA  . GLN A 1 7   ? 21.872  74.854  -4.328  1.00 22.36 ?  452 GLN A CA  1 
ATOM 52  C C   . GLN A 1 7   ? 21.319  73.970  -3.209  1.00 22.71 ?  452 GLN A C   1 
ATOM 53  O O   . GLN A 1 7   ? 21.058  72.782  -3.418  1.00 25.32 ?  452 GLN A O   1 
ATOM 54  C CB  . GLN A 1 7   ? 23.324  75.225  -4.078  1.00 23.22 ?  452 GLN A CB  1 
ATOM 55  C CG  . GLN A 1 7   ? 24.311  74.163  -4.466  1.00 24.43 ?  452 GLN A CG  1 
ATOM 56  C CD  . GLN A 1 7   ? 25.689  74.421  -3.851  1.00 38.64 ?  452 GLN A CD  1 
ATOM 57  O OE1 . GLN A 1 7   ? 26.688  74.552  -4.576  1.00 40.62 ?  452 GLN A OE1 1 
ATOM 58  N NE2 . GLN A 1 7   ? 25.750  74.499  -2.501  1.00 29.73 ?  452 GLN A NE2 1 
ATOM 59  N N   . MET A 1 8   ? 21.105  74.533  -2.018  1.00 22.25 ?  453 MET A N   1 
ATOM 60  C CA  . MET A 1 8   ? 20.547  73.722  -0.941  1.00 26.32 ?  453 MET A CA  1 
ATOM 61  C C   . MET A 1 8   ? 19.150  73.211  -1.281  1.00 29.23 ?  453 MET A C   1 
ATOM 62  O O   . MET A 1 8   ? 18.673  72.271  -0.647  1.00 35.59 ?  453 MET A O   1 
ATOM 63  C CB  . MET A 1 8   ? 20.541  74.505  0.387   1.00 29.77 ?  453 MET A CB  1 
ATOM 64  C CG  . MET A 1 8   ? 20.438  73.646  1.715   1.00 43.16 ?  453 MET A CG  1 
ATOM 65  S SD  . MET A 1 8   ? 21.374  72.054  1.953   1.00 90.98 ?  453 MET A SD  1 
ATOM 66  C CE  . MET A 1 8   ? 20.540  71.208  3.325   1.00 37.76 ?  453 MET A CE  1 
ATOM 67  N N   . LEU A 1 9   ? 18.482  73.775  -2.279  1.00 27.70 ?  454 LEU A N   1 
ATOM 68  C CA  . LEU A 1 9   ? 17.218  73.171  -2.680  1.00 25.89 ?  454 LEU A CA  1 
ATOM 69  C C   . LEU A 1 9   ? 17.463  71.908  -3.471  1.00 21.56 ?  454 LEU A C   1 
ATOM 70  O O   . LEU A 1 9   ? 17.033  70.826  -3.082  1.00 26.33 ?  454 LEU A O   1 
ATOM 71  C CB  . LEU A 1 9   ? 16.386  74.128  -3.519  1.00 32.09 ?  454 LEU A CB  1 
ATOM 72  C CG  . LEU A 1 9   ? 14.921  73.950  -3.166  1.00 35.53 ?  454 LEU A CG  1 
ATOM 73  C CD1 . LEU A 1 9   ? 14.634  74.621  -1.787  1.00 26.37 ?  454 LEU A CD1 1 
ATOM 74  C CD2 . LEU A 1 9   ? 14.032  74.442  -4.316  1.00 36.44 ?  454 LEU A CD2 1 
ATOM 75  N N   . ASP A 1 10  ? 18.159  72.037  -4.592  1.00 22.47 ?  455 ASP A N   1 
ATOM 76  C CA  . ASP A 1 10  ? 18.452  70.876  -5.418  1.00 26.81 ?  455 ASP A CA  1 
ATOM 77  C C   . ASP A 1 10  ? 19.069  69.749  -4.598  1.00 27.37 ?  455 ASP A C   1 
ATOM 78  O O   . ASP A 1 10  ? 18.772  68.573  -4.827  1.00 26.92 ?  455 ASP A O   1 
ATOM 79  C CB  . ASP A 1 10  ? 19.386  71.274  -6.558  1.00 31.55 ?  455 ASP A CB  1 
ATOM 80  C CG  . ASP A 1 10  ? 18.866  72.456  -7.349  1.00 39.68 ?  455 ASP A CG  1 
ATOM 81  O OD1 . ASP A 1 10  ? 17.744  72.926  -7.028  1.00 38.99 ?  455 ASP A OD1 1 
ATOM 82  O OD2 . ASP A 1 10  ? 19.584  72.903  -8.284  1.00 44.49 -1 455 ASP A OD2 1 
ATOM 83  N N   . GLN A 1 11  ? 19.917  70.086  -3.625  1.00 25.80 ?  456 GLN A N   1 
ATOM 84  C CA  . GLN A 1 11  ? 20.510  69.049  -2.795  1.00 21.03 ?  456 GLN A CA  1 
ATOM 85  C C   . GLN A 1 11  ? 19.445  68.280  -2.043  1.00 23.56 ?  456 GLN A C   1 
ATOM 86  O O   . GLN A 1 11  ? 19.443  67.048  -2.046  1.00 27.18 ?  456 GLN A O   1 
ATOM 87  C CB  . GLN A 1 11  ? 21.503  69.648  -1.826  1.00 19.38 ?  456 GLN A CB  1 
ATOM 88  C CG  . GLN A 1 11  ? 22.804  69.919  -2.488  1.00 23.06 ?  456 GLN A CG  1 
ATOM 89  C CD  . GLN A 1 11  ? 23.771  70.568  -1.550  1.00 31.10 ?  456 GLN A CD  1 
ATOM 90  O OE1 . GLN A 1 11  ? 23.411  70.906  -0.418  1.00 36.32 ?  456 GLN A OE1 1 
ATOM 91  N NE2 . GLN A 1 11  ? 25.011  70.751  -2.001  1.00 30.69 ?  456 GLN A NE2 1 
ATOM 92  N N   . GLU A 1 12  ? 18.510  68.987  -1.414  1.00 23.74 ?  457 GLU A N   1 
ATOM 93  C CA  . GLU A 1 12  ? 17.436  68.298  -0.704  1.00 27.00 ?  457 GLU A CA  1 
ATOM 94  C C   . GLU A 1 12  ? 16.588  67.449  -1.648  1.00 28.27 ?  457 GLU A C   1 
ATOM 95  O O   . GLU A 1 12  ? 16.276  66.290  -1.344  1.00 26.03 ?  457 GLU A O   1 
ATOM 96  C CB  . GLU A 1 12  ? 16.571  69.303  0.047   1.00 22.91 ?  457 GLU A CB  1 
ATOM 97  C CG  . GLU A 1 12  ? 17.358  70.057  1.074   1.00 37.11 ?  457 GLU A CG  1 
ATOM 98  C CD  . GLU A 1 12  ? 16.505  70.612  2.183   1.00 56.79 ?  457 GLU A CD  1 
ATOM 99  O OE1 . GLU A 1 12  ? 15.255  70.560  2.045   1.00 59.11 ?  457 GLU A OE1 1 
ATOM 100 O OE2 . GLU A 1 12  ? 17.094  71.092  3.190   1.00 62.58 -1 457 GLU A OE2 1 
ATOM 101 N N   . GLU A 1 13  ? 16.211  67.998  -2.805  1.00 29.45 ?  458 GLU A N   1 
ATOM 102 C CA  . GLU A 1 13  ? 15.358  67.231  -3.702  1.00 25.87 ?  458 GLU A CA  1 
ATOM 103 C C   . GLU A 1 13  ? 16.077  66.009  -4.267  1.00 25.90 ?  458 GLU A C   1 
ATOM 104 O O   . GLU A 1 13  ? 15.407  65.059  -4.680  1.00 31.27 ?  458 GLU A O   1 
ATOM 105 C CB  . GLU A 1 13  ? 14.806  68.123  -4.824  1.00 34.24 ?  458 GLU A CB  1 
ATOM 106 C CG  . GLU A 1 13  ? 15.744  68.318  -6.035  1.00 45.68 ?  458 GLU A CG  1 
ATOM 107 C CD  . GLU A 1 13  ? 15.023  68.638  -7.378  1.00 51.47 ?  458 GLU A CD  1 
ATOM 108 O OE1 . GLU A 1 13  ? 13.783  68.516  -7.467  1.00 52.70 ?  458 GLU A OE1 1 
ATOM 109 O OE2 . GLU A 1 13  ? 15.711  69.000  -8.369  1.00 43.36 -1 458 GLU A OE2 1 
ATOM 110 N N   . LEU A 1 14  ? 17.416  65.987  -4.261  1.00 23.07 ?  459 LEU A N   1 
ATOM 111 C CA  . LEU A 1 14  ? 18.128  64.766  -4.633  1.00 20.47 ?  459 LEU A CA  1 
ATOM 112 C C   . LEU A 1 14  ? 18.193  63.795  -3.474  1.00 22.28 ?  459 LEU A C   1 
ATOM 113 O O   . LEU A 1 14  ? 18.036  62.584  -3.662  1.00 25.38 ?  459 LEU A O   1 
ATOM 114 C CB  . LEU A 1 14  ? 19.550  65.064  -5.075  1.00 15.25 ?  459 LEU A CB  1 
ATOM 115 C CG  . LEU A 1 14  ? 19.838  65.689  -6.423  1.00 19.33 ?  459 LEU A CG  1 
ATOM 116 C CD1 . LEU A 1 14  ? 20.327  67.101  -6.200  1.00 32.43 ?  459 LEU A CD1 1 
ATOM 117 C CD2 . LEU A 1 14  ? 20.893  64.899  -7.123  1.00 15.98 ?  459 LEU A CD2 1 
ATOM 118 N N   . LEU A 1 15  ? 18.470  64.298  -2.272  1.00 18.93 ?  460 LEU A N   1 
ATOM 119 C CA  . LEU A 1 15  ? 18.553  63.375  -1.158  1.00 20.34 ?  460 LEU A CA  1 
ATOM 120 C C   . LEU A 1 15  ? 17.175  62.864  -0.797  1.00 24.38 ?  460 LEU A C   1 
ATOM 121 O O   . LEU A 1 15  ? 17.062  61.758  -0.273  1.00 32.08 ?  460 LEU A O   1 
ATOM 122 C CB  . LEU A 1 15  ? 19.263  64.014  0.047   1.00 19.63 ?  460 LEU A CB  1 
ATOM 123 C CG  . LEU A 1 15  ? 20.727  64.466  -0.226  1.00 27.82 ?  460 LEU A CG  1 
ATOM 124 C CD1 . LEU A 1 15  ? 21.330  65.264  0.921   1.00 23.43 ?  460 LEU A CD1 1 
ATOM 125 C CD2 . LEU A 1 15  ? 21.711  63.352  -0.673  1.00 19.06 ?  460 LEU A CD2 1 
ATOM 126 N N   . ALA A 1 16  ? 16.123  63.608  -1.143  1.00 26.71 ?  461 ALA A N   1 
ATOM 127 C CA  . ALA A 1 16  ? 14.774  63.058  -1.057  1.00 20.70 ?  461 ALA A CA  1 
ATOM 128 C C   . ALA A 1 16  ? 14.579  61.936  -2.064  1.00 25.12 ?  461 ALA A C   1 
ATOM 129 O O   . ALA A 1 16  ? 14.132  60.840  -1.705  1.00 30.22 ?  461 ALA A O   1 
ATOM 130 C CB  . ALA A 1 16  ? 13.734  64.153  -1.279  1.00 20.89 ?  461 ALA A CB  1 
ATOM 131 N N   . SER A 1 17  ? 14.907  62.191  -3.336  1.00 23.50 ?  462 SER A N   1 
ATOM 132 C CA  . SER A 1 17  ? 14.785  61.156  -4.354  1.00 21.14 ?  462 SER A CA  1 
ATOM 133 C C   . SER A 1 17  ? 15.587  59.924  -3.990  1.00 26.12 ?  462 SER A C   1 
ATOM 134 O O   . SER A 1 17  ? 15.202  58.802  -4.334  1.00 33.01 ?  462 SER A O   1 
ATOM 135 C CB  . SER A 1 17  ? 15.244  61.673  -5.708  1.00 22.51 ?  462 SER A CB  1 
ATOM 136 O OG  . SER A 1 17  ? 15.603  60.585  -6.547  1.00 23.87 ?  462 SER A OG  1 
ATOM 137 N N   . THR A 1 18  ? 16.703  60.105  -3.298  1.00 24.71 ?  463 THR A N   1 
ATOM 138 C CA  . THR A 1 18  ? 17.451  58.939  -2.867  1.00 23.17 ?  463 THR A CA  1 
ATOM 139 C C   . THR A 1 18  ? 16.736  58.213  -1.743  1.00 24.57 ?  463 THR A C   1 
ATOM 140 O O   . THR A 1 18  ? 16.747  56.986  -1.699  1.00 26.21 ?  463 THR A O   1 
ATOM 141 C CB  . THR A 1 18  ? 18.846  59.357  -2.464  1.00 17.99 ?  463 THR A CB  1 
ATOM 142 O OG1 . THR A 1 18  ? 19.607  59.467  -3.661  1.00 19.04 ?  463 THR A OG1 1 
ATOM 143 C CG2 . THR A 1 18  ? 19.483  58.338  -1.547  1.00 13.65 ?  463 THR A CG2 1 
ATOM 144 N N   . ARG A 1 19  ? 16.074  58.944  -0.847  1.00 26.14 ?  464 ARG A N   1 
ATOM 145 C CA  . ARG A 1 19  ? 15.343  58.283  0.221   1.00 22.86 ?  464 ARG A CA  1 
ATOM 146 C C   . ARG A 1 19  ? 14.178  57.477  -0.316  1.00 30.96 ?  464 ARG A C   1 
ATOM 147 O O   . ARG A 1 19  ? 13.808  56.454  0.259   1.00 38.75 ?  464 ARG A O   1 
ATOM 148 C CB  . ARG A 1 19  ? 14.823  59.294  1.213   1.00 25.75 ?  464 ARG A CB  1 
ATOM 149 C CG  . ARG A 1 19  ? 14.941  58.806  2.602   1.00 42.80 ?  464 ARG A CG  1 
ATOM 150 C CD  . ARG A 1 19  ? 16.379  59.050  2.991   1.00 55.33 ?  464 ARG A CD  1 
ATOM 151 N NE  . ARG A 1 19  ? 16.927  57.949  3.781   1.00 68.10 ?  464 ARG A NE  1 
ATOM 152 C CZ  . ARG A 1 19  ? 17.976  58.059  4.607   1.00 58.97 ?  464 ARG A CZ  1 
ATOM 153 N NH1 . ARG A 1 19  ? 18.608  59.238  4.786   1.00 50.98 ?  464 ARG A NH1 1 
ATOM 154 N NH2 . ARG A 1 19  ? 18.392  56.986  5.278   1.00 36.08 ?  464 ARG A NH2 1 
ATOM 155 N N   . ARG A 1 20  ? 13.596  57.891  -1.416  1.00 27.88 ?  465 ARG A N   1 
ATOM 156 C CA  . ARG A 1 20  ? 12.443  57.147  -1.869  1.00 24.45 ?  465 ARG A CA  1 
ATOM 157 C C   . ARG A 1 20  ? 12.865  55.938  -2.707  1.00 27.22 ?  465 ARG A C   1 
ATOM 158 O O   . ARG A 1 20  ? 12.103  54.980  -2.827  1.00 32.86 ?  465 ARG A O   1 
ATOM 159 C CB  . ARG A 1 20  ? 11.486  58.118  -2.587  1.00 29.93 ?  465 ARG A CB  1 
ATOM 160 C CG  . ARG A 1 20  ? 10.277  57.536  -3.289  1.00 47.30 ?  465 ARG A CG  1 
ATOM 161 C CD  . ARG A 1 20  ? 9.802   58.463  -4.401  1.00 57.82 ?  465 ARG A CD  1 
ATOM 162 N NE  . ARG A 1 20  ? 10.348  58.074  -5.703  1.00 84.76 ?  465 ARG A NE  1 
ATOM 163 C CZ  . ARG A 1 20  ? 10.989  58.908  -6.518  1.00 84.35 ?  465 ARG A CZ  1 
ATOM 164 N NH1 . ARG A 1 20  ? 11.161  60.179  -6.161  1.00 65.57 ?  465 ARG A NH1 1 
ATOM 165 N NH2 . ARG A 1 20  ? 11.459  58.478  -7.687  1.00 76.81 ?  465 ARG A NH2 1 
ATOM 166 N N   . ASP A 1 21  ? 14.079  55.917  -3.249  1.00 24.80 ?  466 ASP A N   1 
ATOM 167 C CA  . ASP A 1 21  ? 14.579  54.655  -3.773  1.00 19.57 ?  466 ASP A CA  1 
ATOM 168 C C   . ASP A 1 21  ? 14.987  53.736  -2.657  1.00 22.27 ?  466 ASP A C   1 
ATOM 169 O O   . ASP A 1 21  ? 14.880  52.518  -2.797  1.00 27.64 ?  466 ASP A O   1 
ATOM 170 C CB  . ASP A 1 21  ? 15.763  54.855  -4.691  1.00 19.37 ?  466 ASP A CB  1 
ATOM 171 C CG  . ASP A 1 21  ? 15.414  55.707  -5.841  1.00 38.68 ?  466 ASP A CG  1 
ATOM 172 O OD1 . ASP A 1 21  ? 14.198  55.760  -6.155  1.00 52.11 ?  466 ASP A OD1 1 
ATOM 173 O OD2 . ASP A 1 21  ? 16.331  56.331  -6.414  1.00 44.88 -1 466 ASP A OD2 1 
ATOM 174 N N   . GLN A 1 22  ? 15.468  54.273  -1.546  1.00 18.48 ?  467 GLN A N   1 
ATOM 175 C CA  . GLN A 1 22  ? 15.829  53.355  -0.479  1.00 22.44 ?  467 GLN A CA  1 
ATOM 176 C C   . GLN A 1 22  ? 14.604  52.781  0.204   1.00 24.36 ?  467 GLN A C   1 
ATOM 177 O O   . GLN A 1 22  ? 14.714  51.794  0.940   1.00 24.30 ?  467 GLN A O   1 
ATOM 178 C CB  . GLN A 1 22  ? 16.744  54.031  0.529   1.00 19.82 ?  467 GLN A CB  1 
ATOM 179 C CG  . GLN A 1 22  ? 18.201  53.733  0.259   1.00 23.31 ?  467 GLN A CG  1 
ATOM 180 C CD  . GLN A 1 22  ? 19.124  54.824  0.761   1.00 24.50 ?  467 GLN A CD  1 
ATOM 181 O OE1 . GLN A 1 22  ? 18.822  55.533  1.732   1.00 23.11 ?  467 GLN A OE1 1 
ATOM 182 N NE2 . GLN A 1 22  ? 20.254  54.983  0.079   1.00 23.55 ?  467 GLN A NE2 1 
ATOM 183 N N   . ASP A 1 23  ? 13.441  53.365  -0.035  1.00 25.65 ?  468 ASP A N   1 
ATOM 184 C CA  . ASP A 1 23  ? 12.225  52.801  0.509   1.00 23.76 ?  468 ASP A CA  1 
ATOM 185 C C   . ASP A 1 23  ? 11.609  51.768  -0.426  1.00 24.15 ?  468 ASP A C   1 
ATOM 186 O O   . ASP A 1 23  ? 11.157  50.717  0.042   1.00 23.02 ?  468 ASP A O   1 
ATOM 187 C CB  . ASP A 1 23  ? 11.245  53.926  0.827   1.00 29.79 ?  468 ASP A CB  1 
ATOM 188 C CG  . ASP A 1 23  ? 11.693  54.754  2.024   1.00 36.99 ?  468 ASP A CG  1 
ATOM 189 O OD1 . ASP A 1 23  ? 12.488  54.214  2.850   1.00 34.86 ?  468 ASP A OD1 1 
ATOM 190 O OD2 . ASP A 1 23  ? 11.246  55.929  2.134   1.00 41.59 -1 468 ASP A OD2 1 
ATOM 191 N N   . ASN A 1 24  ? 11.601  52.027  -1.743  1.00 26.39 ?  469 ASN A N   1 
ATOM 192 C CA  . ASN A 1 24  ? 11.191  50.987  -2.681  1.00 22.25 ?  469 ASN A CA  1 
ATOM 193 C C   . ASN A 1 24  ? 11.991  49.728  -2.442  1.00 19.36 ?  469 ASN A C   1 
ATOM 194 O O   . ASN A 1 24  ? 11.452  48.626  -2.497  1.00 27.04 ?  469 ASN A O   1 
ATOM 195 C CB  . ASN A 1 24  ? 11.374  51.401  -4.145  1.00 25.52 ?  469 ASN A CB  1 
ATOM 196 C CG  . ASN A 1 24  ? 10.680  52.694  -4.496  1.00 43.82 ?  469 ASN A CG  1 
ATOM 197 O OD1 . ASN A 1 24  ? 9.897   53.242  -3.705  1.00 37.63 ?  469 ASN A OD1 1 
ATOM 198 N ND2 . ASN A 1 24  ? 10.959  53.194  -5.708  1.00 55.23 ?  469 ASN A ND2 1 
ATOM 199 N N   . MET A 1 25  ? 13.278  49.870  -2.169  1.00 20.27 ?  470 MET A N   1 
ATOM 200 C CA  . MET A 1 25  ? 14.094  48.689  -1.965  1.00 17.35 ?  470 MET A CA  1 
ATOM 201 C C   . MET A 1 25  ? 13.792  48.055  -0.619  1.00 16.10 ?  470 MET A C   1 
ATOM 202 O O   . MET A 1 25  ? 13.669  46.833  -0.515  1.00 18.00 ?  470 MET A O   1 
ATOM 203 C CB  . MET A 1 25  ? 15.575  49.050  -2.079  1.00 20.25 ?  470 MET A CB  1 
ATOM 204 C CG  . MET A 1 25  ? 16.098  49.164  -3.517  1.00 20.25 ?  470 MET A CG  1 
ATOM 205 S SD  . MET A 1 25  ? 17.849  49.673  -3.637  1.00 20.25 ?  470 MET A SD  1 
ATOM 206 C CE  . MET A 1 25  ? 17.753  51.454  -3.954  1.00 20.25 ?  470 MET A CE  1 
ATOM 207 N N   . GLN A 1 26  ? 13.660  48.859  0.424   1.00 14.99 ?  471 GLN A N   1 
ATOM 208 C CA  . GLN A 1 26  ? 13.329  48.287  1.716   1.00 11.94 ?  471 GLN A CA  1 
ATOM 209 C C   . GLN A 1 26  ? 12.019  47.548  1.656   1.00 16.89 ?  471 GLN A C   1 
ATOM 210 O O   . GLN A 1 26  ? 11.885  46.465  2.229   1.00 21.22 ?  471 GLN A O   1 
ATOM 211 C CB  . GLN A 1 26  ? 13.223  49.355  2.766   1.00 12.99 ?  471 GLN A CB  1 
ATOM 212 C CG  . GLN A 1 26  ? 12.911  48.757  4.054   1.00 12.96 ?  471 GLN A CG  1 
ATOM 213 C CD  . GLN A 1 26  ? 14.047  47.918  4.503   1.00 21.73 ?  471 GLN A CD  1 
ATOM 214 O OE1 . GLN A 1 26  ? 14.016  46.695  4.359   1.00 21.27 ?  471 GLN A OE1 1 
ATOM 215 N NE2 . GLN A 1 26  ? 15.091  48.565  5.039   1.00 17.81 ?  471 GLN A NE2 1 
ATOM 216 N N   . ALA A 1 27  ? 11.034  48.131  0.971   1.00 18.19 ?  472 ALA A N   1 
ATOM 217 C CA  . ALA A 1 27  ? 9.732   47.497  0.825   1.00 12.82 ?  472 ALA A CA  1 
ATOM 218 C C   . ALA A 1 27  ? 9.836   46.215  0.014   1.00 19.50 ?  472 ALA A C   1 
ATOM 219 O O   . ALA A 1 27  ? 9.378   45.156  0.463   1.00 26.37 ?  472 ALA A O   1 
ATOM 220 C CB  . ALA A 1 27  ? 8.747   48.464  0.175   1.00 15.09 ?  472 ALA A CB  1 
ATOM 221 N N   . GLU A 1 28  ? 10.436  46.282  -1.183  1.00 16.98 ?  473 GLU A N   1 
ATOM 222 C CA  . GLU A 1 28  ? 10.479  45.087  -2.014  1.00 16.04 ?  473 GLU A CA  1 
ATOM 223 C C   . GLU A 1 28  ? 11.331  44.013  -1.391  1.00 18.53 ?  473 GLU A C   1 
ATOM 224 O O   . GLU A 1 28  ? 11.094  42.822  -1.618  1.00 19.76 ?  473 GLU A O   1 
ATOM 225 C CB  . GLU A 1 28  ? 10.997  45.367  -3.404  1.00 14.47 ?  473 GLU A CB  1 
ATOM 226 C CG  . GLU A 1 28  ? 10.325  44.422  -4.365  1.00 26.21 ?  473 GLU A CG  1 
ATOM 227 C CD  . GLU A 1 28  ? 11.243  43.985  -5.466  1.00 40.96 ?  473 GLU A CD  1 
ATOM 228 O OE1 . GLU A 1 28  ? 12.228  44.718  -5.720  1.00 45.14 ?  473 GLU A OE1 1 
ATOM 229 O OE2 . GLU A 1 28  ? 10.991  42.910  -6.069  1.00 38.12 -1 473 GLU A OE2 1 
ATOM 230 N N   . LEU A 1 29  ? 12.322  44.402  -0.602  1.00 16.30 ?  474 LEU A N   1 
ATOM 231 C CA  . LEU A 1 29  ? 13.052  43.386  0.134   1.00 15.72 ?  474 LEU A CA  1 
ATOM 232 C C   . LEU A 1 29  ? 12.130  42.708  1.131   1.00 15.69 ?  474 LEU A C   1 
ATOM 233 O O   . LEU A 1 29  ? 12.012  41.483  1.150   1.00 16.38 ?  474 LEU A O   1 
ATOM 234 C CB  . LEU A 1 29  ? 14.264  44.005  0.816   1.00 11.74 ?  474 LEU A CB  1 
ATOM 235 C CG  . LEU A 1 29  ? 14.740  43.111  1.935   1.00 12.23 ?  474 LEU A CG  1 
ATOM 236 C CD1 . LEU A 1 29  ? 15.369  41.926  1.327   1.00 10.57 ?  474 LEU A CD1 1 
ATOM 237 C CD2 . LEU A 1 29  ? 15.743  43.852  2.734   1.00 14.29 ?  474 LEU A CD2 1 
ATOM 238 N N   . ASN A 1 30  ? 11.414  43.505  1.912   1.00 14.76 ?  475 ASN A N   1 
ATOM 239 C CA  . ASN A 1 30  ? 10.527  42.973  2.932   1.00 16.35 ?  475 ASN A CA  1 
ATOM 240 C C   . ASN A 1 30  ? 9.491   42.015  2.356   1.00 19.51 ?  475 ASN A C   1 
ATOM 241 O O   . ASN A 1 30  ? 9.190   40.975  2.956   1.00 21.77 ?  475 ASN A O   1 
ATOM 242 C CB  . ASN A 1 30  ? 9.846   44.135  3.638   1.00 16.46 ?  475 ASN A CB  1 
ATOM 243 C CG  . ASN A 1 30  ? 10.761  44.798  4.597   1.00 19.62 ?  475 ASN A CG  1 
ATOM 244 O OD1 . ASN A 1 30  ? 11.683  44.159  5.124   1.00 24.40 ?  475 ASN A OD1 1 
ATOM 245 N ND2 . ASN A 1 30  ? 10.562  46.090  4.815   1.00 21.20 ?  475 ASN A ND2 1 
ATOM 246 N N   . ARG A 1 31  ? 8.920   42.354  1.207   1.00 17.42 ?  476 ARG A N   1 
ATOM 247 C CA  . ARG A 1 31  ? 7.968   41.438  0.597   1.00 19.23 ?  476 ARG A CA  1 
ATOM 248 C C   . ARG A 1 31  ? 8.665   40.144  0.172   1.00 20.57 ?  476 ARG A C   1 
ATOM 249 O O   . ARG A 1 31  ? 8.098   39.056  0.321   1.00 21.79 ?  476 ARG A O   1 
ATOM 250 C CB  . ARG A 1 31  ? 7.258   42.137  -0.571  1.00 17.29 ?  476 ARG A CB  1 
ATOM 251 C CG  . ARG A 1 31  ? 6.661   41.230  -1.598  1.00 21.12 ?  476 ARG A CG  1 
ATOM 252 C CD  . ARG A 1 31  ? 6.461   41.932  -2.920  1.00 23.38 ?  476 ARG A CD  1 
ATOM 253 N NE  . ARG A 1 31  ? 7.574   41.731  -3.853  1.00 35.40 ?  476 ARG A NE  1 
ATOM 254 C CZ  . ARG A 1 31  ? 7.548   40.898  -4.899  1.00 42.76 ?  476 ARG A CZ  1 
ATOM 255 N NH1 . ARG A 1 31  ? 6.477   40.158  -5.141  1.00 34.48 ?  476 ARG A NH1 1 
ATOM 256 N NH2 . ARG A 1 31  ? 8.605   40.784  -5.701  1.00 44.71 ?  476 ARG A NH2 1 
ATOM 257 N N   . LEU A 1 32  ? 9.915   40.233  -0.309  1.00 17.83 ?  477 LEU A N   1 
ATOM 258 C CA  . LEU A 1 32  ? 10.637  39.029  -0.703  1.00 14.01 ?  477 LEU A CA  1 
ATOM 259 C C   . LEU A 1 32  ? 10.897  38.126  0.490   1.00 15.06 ?  477 LEU A C   1 
ATOM 260 O O   . LEU A 1 32  ? 10.882  36.897  0.352   1.00 16.05 ?  477 LEU A O   1 
ATOM 261 C CB  . LEU A 1 32  ? 11.956  39.385  -1.375  1.00 11.76 ?  477 LEU A CB  1 
ATOM 262 C CG  . LEU A 1 32  ? 11.939  39.794  -2.840  1.00 13.53 ?  477 LEU A CG  1 
ATOM 263 C CD1 . LEU A 1 32  ? 13.336  39.759  -3.295  1.00 12.90 ?  477 LEU A CD1 1 
ATOM 264 C CD2 . LEU A 1 32  ? 11.109  38.881  -3.698  1.00 12.96 ?  477 LEU A CD2 1 
ATOM 265 N N   . GLN A 1 33  ? 11.127  38.717  1.663   1.00 14.63 ?  478 GLN A N   1 
ATOM 266 C CA  . GLN A 1 33  ? 11.244  37.911  2.870   1.00 16.21 ?  478 GLN A CA  1 
ATOM 267 C C   . GLN A 1 33  ? 9.910   37.299  3.242   1.00 20.65 ?  478 GLN A C   1 
ATOM 268 O O   . GLN A 1 33  ? 9.847   36.149  3.674   1.00 26.96 ?  478 GLN A O   1 
ATOM 269 C CB  . GLN A 1 33  ? 11.766  38.751  4.024   1.00 14.88 ?  478 GLN A CB  1 
ATOM 270 C CG  . GLN A 1 33  ? 13.126  39.315  3.764   1.00 18.36 ?  478 GLN A CG  1 
ATOM 271 C CD  . GLN A 1 33  ? 13.998  39.357  5.003   1.00 23.94 ?  478 GLN A CD  1 
ATOM 272 O OE1 . GLN A 1 33  ? 14.135  40.420  5.647   1.00 22.81 ?  478 GLN A OE1 1 
ATOM 273 N NE2 . GLN A 1 33  ? 14.617  38.196  5.344   1.00 18.61 ?  478 GLN A NE2 1 
ATOM 274 N N   . ALA A 1 34  ? 8.827   38.047  3.090   1.00 20.04 ?  479 ALA A N   1 
ATOM 275 C CA  . ALA A 1 34  ? 7.516   37.464  3.327   1.00 22.72 ?  479 ALA A CA  1 
ATOM 276 C C   . ALA A 1 34  ? 7.262   36.302  2.366   1.00 22.50 ?  479 ALA A C   1 
ATOM 277 O O   . ALA A 1 34  ? 7.022   35.161  2.790   1.00 19.39 ?  479 ALA A O   1 
ATOM 278 C CB  . ALA A 1 34  ? 6.445   38.544  3.183   1.00 21.90 ?  479 ALA A CB  1 
ATOM 279 N N   . GLU A 1 35  ? 7.330   36.586  1.059   1.00 21.61 ?  480 GLU A N   1 
ATOM 280 C CA  . GLU A 1 35  ? 7.151   35.571  0.028   1.00 17.59 ?  480 GLU A CA  1 
ATOM 281 C C   . GLU A 1 35  ? 8.032   34.361  0.294   1.00 19.94 ?  480 GLU A C   1 
ATOM 282 O O   . GLU A 1 35  ? 7.631   33.223  0.026   1.00 25.43 ?  480 GLU A O   1 
ATOM 283 C CB  . GLU A 1 35  ? 7.437   36.200  -1.339  1.00 17.05 ?  480 GLU A CB  1 
ATOM 284 C CG  . GLU A 1 35  ? 7.837   35.261  -2.464  1.00 22.98 ?  480 GLU A CG  1 
ATOM 285 C CD  . GLU A 1 35  ? 7.973   35.993  -3.808  1.00 38.88 ?  480 GLU A CD  1 
ATOM 286 O OE1 . GLU A 1 35  ? 7.392   37.094  -3.925  1.00 43.97 ?  480 GLU A OE1 1 
ATOM 287 O OE2 . GLU A 1 35  ? 8.641   35.488  -4.747  1.00 41.19 -1 480 GLU A OE2 1 
ATOM 288 N N   . ASN A 1 36  ? 9.213   34.578  0.868   1.00 23.17 ?  481 ASN A N   1 
ATOM 289 C CA  . ASN A 1 36  ? 10.091  33.463  1.186   1.00 16.49 ?  481 ASN A CA  1 
ATOM 290 C C   . ASN A 1 36  ? 9.596   32.681  2.390   1.00 18.00 ?  481 ASN A C   1 
ATOM 291 O O   . ASN A 1 36  ? 9.344   31.481  2.282   1.00 24.96 ?  481 ASN A O   1 
ATOM 292 C CB  . ASN A 1 36  ? 11.511  33.950  1.437   1.00 16.60 ?  481 ASN A CB  1 
ATOM 293 C CG  . ASN A 1 36  ? 12.509  32.852  1.292   1.00 12.56 ?  481 ASN A CG  1 
ATOM 294 O OD1 . ASN A 1 36  ? 12.495  32.141  0.290   1.00 14.13 ?  481 ASN A OD1 1 
ATOM 295 N ND2 . ASN A 1 36  ? 13.383  32.692  2.286   1.00 9.25  ?  481 ASN A ND2 1 
ATOM 296 N N   . ASP A 1 37  ? 9.466   33.328  3.552   1.00 20.16 ?  482 ASP A N   1 
ATOM 297 C CA  . ASP A 1 37  ? 9.060   32.605  4.757   1.00 22.32 ?  482 ASP A CA  1 
ATOM 298 C C   . ASP A 1 37  ? 7.746   31.858  4.558   1.00 23.82 ?  482 ASP A C   1 
ATOM 299 O O   . ASP A 1 37  ? 7.466   30.883  5.260   1.00 16.57 ?  482 ASP A O   1 
ATOM 300 C CB  . ASP A 1 37  ? 8.952   33.566  5.931   1.00 20.43 ?  482 ASP A CB  1 
ATOM 301 C CG  . ASP A 1 37  ? 10.288  34.149  6.331   1.00 37.78 ?  482 ASP A CG  1 
ATOM 302 O OD1 . ASP A 1 37  ? 10.650  34.114  7.538   1.00 35.69 ?  482 ASP A OD1 1 
ATOM 303 O OD2 . ASP A 1 37  ? 11.013  34.622  5.440   1.00 45.39 -1 482 ASP A OD2 1 
ATOM 304 N N   . ALA A 1 38  ? 6.941   32.302  3.597   1.00 22.75 ?  483 ALA A N   1 
ATOM 305 C CA  . ALA A 1 38  ? 5.802   31.561  3.098   1.00 18.24 ?  483 ALA A CA  1 
ATOM 306 C C   . ALA A 1 38  ? 6.257   30.212  2.579   1.00 20.63 ?  483 ALA A C   1 
ATOM 307 O O   . ALA A 1 38  ? 5.999   29.183  3.210   1.00 29.53 ?  483 ALA A O   1 
ATOM 308 C CB  . ALA A 1 38  ? 5.126   32.338  1.967   1.00 20.72 ?  483 ALA A CB  1 
ATOM 309 N N   . SER A 1 39  ? 6.994   30.213  1.463   1.00 16.40 ?  484 SER A N   1 
ATOM 310 C CA  . SER A 1 39  ? 7.513   28.965  0.914   1.00 16.57 ?  484 SER A CA  1 
ATOM 311 C C   . SER A 1 39  ? 8.207   28.136  1.986   1.00 18.72 ?  484 SER A C   1 
ATOM 312 O O   . SER A 1 39  ? 8.126   26.901  1.969   1.00 23.84 ?  484 SER A O   1 
ATOM 313 C CB  . SER A 1 39  ? 8.480   29.253  -0.233  1.00 13.16 ?  484 SER A CB  1 
ATOM 314 O OG  . SER A 1 39  ? 7.923   30.142  -1.175  1.00 16.41 ?  484 SER A OG  1 
ATOM 315 N N   . LYS A 1 40  ? 8.856   28.791  2.952   1.00 12.61 ?  485 LYS A N   1 
ATOM 316 C CA  . LYS A 1 40  ? 9.613   28.057  3.956   1.00 12.99 ?  485 LYS A CA  1 
ATOM 317 C C   . LYS A 1 40  ? 8.702   27.198  4.819   1.00 18.04 ?  485 LYS A C   1 
ATOM 318 O O   . LYS A 1 40  ? 9.128   26.149  5.324   1.00 19.80 ?  485 LYS A O   1 
ATOM 319 C CB  . LYS A 1 40  ? 10.414  29.026  4.829   1.00 16.76 ?  485 LYS A CB  1 
ATOM 320 C CG  . LYS A 1 40  ? 11.935  28.928  4.646   1.00 13.83 ?  485 LYS A CG  1 
ATOM 321 C CD  . LYS A 1 40  ? 12.669  30.127  5.258   1.00 14.66 ?  485 LYS A CD  1 
ATOM 322 C CE  . LYS A 1 40  ? 13.156  29.845  6.669   1.00 22.59 ?  485 LYS A CE  1 
ATOM 323 N NZ  . LYS A 1 40  ? 14.241  30.777  7.091   1.00 23.10 ?  485 LYS A NZ  1 
ATOM 324 N N   . GLU A 1 41  ? 7.452   27.624  5.010   1.00 19.45 ?  486 GLU A N   1 
ATOM 325 C CA  . GLU A 1 41  ? 6.538   26.804  5.797   1.00 22.38 ?  486 GLU A CA  1 
ATOM 326 C C   . GLU A 1 41  ? 5.828   25.754  4.968   1.00 22.89 ?  486 GLU A C   1 
ATOM 327 O O   . GLU A 1 41  ? 5.589   24.655  5.472   1.00 27.53 ?  486 GLU A O   1 
ATOM 328 C CB  . GLU A 1 41  ? 5.524   27.647  6.572   1.00 25.09 ?  486 GLU A CB  1 
ATOM 329 C CG  . GLU A 1 41  ? 6.220   28.497  7.601   1.00 33.20 ?  486 GLU A CG  1 
ATOM 330 C CD  . GLU A 1 41  ? 6.666   27.645  8.794   1.00 42.67 ?  486 GLU A CD  1 
ATOM 331 O OE1 . GLU A 1 41  ? 5.845   27.410  9.711   1.00 55.34 ?  486 GLU A OE1 1 
ATOM 332 O OE2 . GLU A 1 41  ? 7.847   27.194  8.786   1.00 33.78 -1 486 GLU A OE2 1 
ATOM 333 N N   . GLU A 1 42  ? 5.472   26.055  3.716   1.00 18.41 ?  487 GLU A N   1 
ATOM 334 C CA  . GLU A 1 42  ? 4.904   25.011  2.864   1.00 19.88 ?  487 GLU A CA  1 
ATOM 335 C C   . GLU A 1 42  ? 5.824   23.791  2.798   1.00 23.09 ?  487 GLU A C   1 
ATOM 336 O O   . GLU A 1 42  ? 5.359   22.646  2.888   1.00 22.59 ?  487 GLU A O   1 
ATOM 337 C CB  . GLU A 1 42  ? 4.629   25.533  1.457   1.00 21.61 ?  487 GLU A CB  1 
ATOM 338 C CG  . GLU A 1 42  ? 3.866   26.826  1.391   1.00 33.90 ?  487 GLU A CG  1 
ATOM 339 C CD  . GLU A 1 42  ? 3.364   27.094  -0.013  1.00 54.11 ?  487 GLU A CD  1 
ATOM 340 O OE1 . GLU A 1 42  ? 3.312   26.114  -0.800  1.00 51.45 ?  487 GLU A OE1 1 
ATOM 341 O OE2 . GLU A 1 42  ? 3.063   28.276  -0.334  1.00 72.78 -1 487 GLU A OE2 1 
ATOM 342 N N   . VAL A 1 43  ? 7.137   24.012  2.643   1.00 18.77 ?  488 VAL A N   1 
ATOM 343 C CA  . VAL A 1 43  ? 8.013   22.845  2.621   1.00 18.58 ?  488 VAL A CA  1 
ATOM 344 C C   . VAL A 1 43  ? 8.029   22.159  3.979   1.00 19.88 ?  488 VAL A C   1 
ATOM 345 O O   . VAL A 1 43  ? 8.071   20.921  4.050   1.00 22.20 ?  488 VAL A O   1 
ATOM 346 C CB  . VAL A 1 43  ? 9.427   23.203  2.158   1.00 9.13  ?  488 VAL A CB  1 
ATOM 347 C CG1 . VAL A 1 43  ? 9.375   23.653  0.759   1.00 9.07  ?  488 VAL A CG1 1 
ATOM 348 C CG2 . VAL A 1 43  ? 9.934   24.291  2.991   1.00 18.56 ?  488 VAL A CG2 1 
ATOM 349 N N   . LYS A 1 44  ? 7.971   22.932  5.073   1.00 19.48 ?  489 LYS A N   1 
ATOM 350 C CA  . LYS A 1 44  ? 7.861   22.329  6.400   1.00 19.59 ?  489 LYS A CA  1 
ATOM 351 C C   . LYS A 1 44  ? 6.713   21.335  6.436   1.00 26.99 ?  489 LYS A C   1 
ATOM 352 O O   . LYS A 1 44  ? 6.891   20.171  6.811   1.00 29.48 ?  489 LYS A O   1 
ATOM 353 C CB  . LYS A 1 44  ? 7.659   23.401  7.467   1.00 21.93 ?  489 LYS A CB  1 
ATOM 354 C CG  . LYS A 1 44  ? 7.438   22.833  8.856   1.00 28.75 ?  489 LYS A CG  1 
ATOM 355 C CD  . LYS A 1 44  ? 7.073   23.918  9.896   1.00 40.73 ?  489 LYS A CD  1 
ATOM 356 C CE  . LYS A 1 44  ? 6.638   23.327  11.265  1.00 44.90 ?  489 LYS A CE  1 
ATOM 357 N NZ  . LYS A 1 44  ? 5.994   24.330  12.177  1.00 44.12 ?  489 LYS A NZ  1 
ATOM 358 N N   . GLU A 1 45  ? 5.533   21.783  6.006   1.00 25.00 ?  490 GLU A N   1 
ATOM 359 C CA  . GLU A 1 45  ? 4.352   20.932  5.966   1.00 24.20 ?  490 GLU A CA  1 
ATOM 360 C C   . GLU A 1 45  ? 4.525   19.772  4.989   1.00 25.13 ?  490 GLU A C   1 
ATOM 361 O O   . GLU A 1 45  ? 4.277   18.605  5.333   1.00 26.65 ?  490 GLU A O   1 
ATOM 362 C CB  . GLU A 1 45  ? 3.135   21.771  5.589   1.00 24.26 ?  490 GLU A CB  1 
ATOM 363 C CG  . GLU A 1 45  ? 2.664   22.714  6.683   1.00 31.19 ?  490 GLU A CG  1 
ATOM 364 C CD  . GLU A 1 45  ? 1.284   23.300  6.388   1.00 50.40 ?  490 GLU A CD  1 
ATOM 365 O OE1 . GLU A 1 45  ? 0.555   23.634  7.357   1.00 53.16 ?  490 GLU A OE1 1 
ATOM 366 O OE2 . GLU A 1 45  ? 0.924   23.412  5.186   1.00 51.91 -1 490 GLU A OE2 1 
ATOM 367 N N   . VAL A 1 46  ? 4.931   20.074  3.755   1.00 20.28 ?  491 VAL A N   1 
ATOM 368 C CA  . VAL A 1 46  ? 5.110   19.014  2.774   1.00 13.99 ?  491 VAL A CA  1 
ATOM 369 C C   . VAL A 1 46  ? 6.092   17.977  3.294   1.00 15.78 ?  491 VAL A C   1 
ATOM 370 O O   . VAL A 1 46  ? 5.926   16.776  3.067   1.00 13.32 ?  491 VAL A O   1 
ATOM 371 C CB  . VAL A 1 46  ? 5.557   19.612  1.434   1.00 10.82 ?  491 VAL A CB  1 
ATOM 372 C CG1 . VAL A 1 46  ? 5.879   18.532  0.476   1.00 7.92  ?  491 VAL A CG1 1 
ATOM 373 C CG2 . VAL A 1 46  ? 4.458   20.413  0.880   1.00 14.27 ?  491 VAL A CG2 1 
ATOM 374 N N   . LEU A 1 47  ? 7.115   18.414  4.027   1.00 16.33 ?  492 LEU A N   1 
ATOM 375 C CA  . LEU A 1 47  ? 8.019   17.428  4.599   1.00 17.32 ?  492 LEU A CA  1 
ATOM 376 C C   . LEU A 1 47  ? 7.330   16.592  5.671   1.00 21.47 ?  492 LEU A C   1 
ATOM 377 O O   . LEU A 1 47  ? 7.631   15.399  5.805   1.00 16.12 ?  492 LEU A O   1 
ATOM 378 C CB  . LEU A 1 47  ? 9.267   18.098  5.148   1.00 11.69 ?  492 LEU A CB  1 
ATOM 379 C CG  . LEU A 1 47  ? 10.303  18.287  4.041   1.00 10.68 ?  492 LEU A CG  1 
ATOM 380 C CD1 . LEU A 1 47  ? 11.606  18.757  4.612   1.00 17.57 ?  492 LEU A CD1 1 
ATOM 381 C CD2 . LEU A 1 47  ? 10.528  17.013  3.316   1.00 14.42 ?  492 LEU A CD2 1 
ATOM 382 N N   . GLN A 1 48  ? 6.406   17.188  6.433   1.00 21.53 ?  493 GLN A N   1 
ATOM 383 C CA  . GLN A 1 48  ? 5.612   16.408  7.375   1.00 16.59 ?  493 GLN A CA  1 
ATOM 384 C C   . GLN A 1 48  ? 4.706   15.466  6.622   1.00 16.56 ?  493 GLN A C   1 
ATOM 385 O O   . GLN A 1 48  ? 4.789   14.244  6.795   1.00 21.06 ?  493 GLN A O   1 
ATOM 386 C CB  . GLN A 1 48  ? 4.792   17.321  8.293   1.00 24.66 ?  493 GLN A CB  1 
ATOM 387 C CG  . GLN A 1 48  ? 5.507   17.666  9.608   1.00 38.79 ?  493 GLN A CG  1 
ATOM 388 C CD  . GLN A 1 48  ? 5.401   19.153  9.993   1.00 54.32 ?  493 GLN A CD  1 
ATOM 389 O OE1 . GLN A 1 48  ? 4.482   19.864  9.556   1.00 59.14 ?  493 GLN A OE1 1 
ATOM 390 N NE2 . GLN A 1 48  ? 6.371   19.638  10.789  1.00 48.14 ?  493 GLN A NE2 1 
ATOM 391 N N   . ALA A 1 49  ? 3.873   16.019  5.740   1.00 13.63 ?  494 ALA A N   1 
ATOM 392 C CA  . ALA A 1 49  ? 2.983   15.192  4.938   1.00 12.05 ?  494 ALA A CA  1 
ATOM 393 C C   . ALA A 1 49  ? 3.717   13.994  4.371   1.00 13.22 ?  494 ALA A C   1 
ATOM 394 O O   . ALA A 1 49  ? 3.202   12.871  4.392   1.00 20.64 ?  494 ALA A O   1 
ATOM 395 C CB  . ALA A 1 49  ? 2.369   16.010  3.808   1.00 9.15  ?  494 ALA A CB  1 
ATOM 396 N N   . LEU A 1 50  ? 4.944   14.208  3.898   1.00 15.13 ?  495 LEU A N   1 
ATOM 397 C CA  . LEU A 1 50  ? 5.694   13.133  3.263   1.00 16.43 ?  495 LEU A CA  1 
ATOM 398 C C   . LEU A 1 50  ? 6.167   12.100  4.272   1.00 18.44 ?  495 LEU A C   1 
ATOM 399 O O   . LEU A 1 50  ? 6.316   10.921  3.925   1.00 18.00 ?  495 LEU A O   1 
ATOM 400 C CB  . LEU A 1 50  ? 6.891   13.699  2.507   1.00 13.48 ?  495 LEU A CB  1 
ATOM 401 C CG  . LEU A 1 50  ? 6.560   14.294  1.149   1.00 8.74  ?  495 LEU A CG  1 
ATOM 402 C CD1 . LEU A 1 50  ? 7.829   14.767  0.517   1.00 12.58 ?  495 LEU A CD1 1 
ATOM 403 C CD2 . LEU A 1 50  ? 5.900   13.259  0.288   1.00 7.49  ?  495 LEU A CD2 1 
ATOM 404 N N   . GLU A 1 51  ? 6.429   12.512  5.516   1.00 20.70 ?  496 GLU A N   1 
ATOM 405 C CA  . GLU A 1 51  ? 6.876   11.524  6.489   1.00 20.04 ?  496 GLU A CA  1 
ATOM 406 C C   . GLU A 1 51  ? 5.719   10.668  6.962   1.00 24.22 ?  496 GLU A C   1 
ATOM 407 O O   . GLU A 1 51  ? 5.908   9.492   7.306   1.00 25.28 ?  496 GLU A O   1 
ATOM 408 C CB  . GLU A 1 51  ? 7.567   12.160  7.682   1.00 22.61 ?  496 GLU A CB  1 
ATOM 409 C CG  . GLU A 1 51  ? 8.803   11.324  8.017   1.00 32.14 ?  496 GLU A CG  1 
ATOM 410 C CD  . GLU A 1 51  ? 8.504   10.102  8.899   1.00 51.47 ?  496 GLU A CD  1 
ATOM 411 O OE1 . GLU A 1 51  ? 9.323   9.146   8.889   1.00 63.37 ?  496 GLU A OE1 1 
ATOM 412 O OE2 . GLU A 1 51  ? 7.485   10.104  9.632   1.00 46.33 -1 496 GLU A OE2 1 
ATOM 413 N N   . GLU A 1 52  ? 4.513   11.231  7.006   1.00 21.22 ?  497 GLU A N   1 
ATOM 414 C CA  . GLU A 1 52  ? 3.370   10.371  7.270   1.00 20.56 ?  497 GLU A CA  1 
ATOM 415 C C   . GLU A 1 52  ? 3.253   9.291   6.197   1.00 21.73 ?  497 GLU A C   1 
ATOM 416 O O   . GLU A 1 52  ? 3.289   8.088   6.504   1.00 22.89 ?  497 GLU A O   1 
ATOM 417 C CB  . GLU A 1 52  ? 2.094   11.194  7.380   1.00 17.82 ?  497 GLU A CB  1 
ATOM 418 C CG  . GLU A 1 52  ? 2.186   12.303  8.450   1.00 28.42 ?  497 GLU A CG  1 
ATOM 419 C CD  . GLU A 1 52  ? 2.491   11.809  9.897   1.00 43.46 ?  497 GLU A CD  1 
ATOM 420 O OE1 . GLU A 1 52  ? 3.609   11.308  10.195  1.00 37.25 ?  497 GLU A OE1 1 
ATOM 421 O OE2 . GLU A 1 52  ? 1.608   11.973  10.764  1.00 56.78 -1 497 GLU A OE2 1 
ATOM 422 N N   . LEU A 1 53  ? 3.185   9.700   4.928   1.00 18.13 ?  498 LEU A N   1 
ATOM 423 C CA  . LEU A 1 53  ? 3.132   8.738   3.827   1.00 18.96 ?  498 LEU A CA  1 
ATOM 424 C C   . LEU A 1 53  ? 4.208   7.667   3.949   1.00 22.83 ?  498 LEU A C   1 
ATOM 425 O O   . LEU A 1 53  ? 3.965   6.491   3.645   1.00 17.68 ?  498 LEU A O   1 
ATOM 426 C CB  . LEU A 1 53  ? 3.281   9.454   2.492   1.00 17.52 ?  498 LEU A CB  1 
ATOM 427 C CG  . LEU A 1 53  ? 1.983   9.754   1.787   1.00 15.03 ?  498 LEU A CG  1 
ATOM 428 C CD1 . LEU A 1 53  ? 1.052   10.430  2.744   1.00 23.88 ?  498 LEU A CD1 1 
ATOM 429 C CD2 . LEU A 1 53  ? 2.285   10.679  0.650   1.00 12.95 ?  498 LEU A CD2 1 
ATOM 430 N N   . ALA A 1 54  ? 5.414   8.051   4.368   1.00 19.59 ?  499 ALA A N   1 
ATOM 431 C CA  . ALA A 1 54  ? 6.460   7.047   4.502   1.00 19.34 ?  499 ALA A CA  1 
ATOM 432 C C   . ALA A 1 54  ? 6.072   6.012   5.542   1.00 16.80 ?  499 ALA A C   1 
ATOM 433 O O   . ALA A 1 54  ? 6.210   4.802   5.315   1.00 17.49 ?  499 ALA A O   1 
ATOM 434 C CB  . ALA A 1 54  ? 7.790   7.700   4.859   1.00 20.87 ?  499 ALA A CB  1 
ATOM 435 N N   . VAL A 1 55  ? 5.562   6.480   6.677   1.00 14.61 ?  500 VAL A N   1 
ATOM 436 C CA  . VAL A 1 55  ? 5.063   5.583   7.704   1.00 19.13 ?  500 VAL A CA  1 
ATOM 437 C C   . VAL A 1 55  ? 3.859   4.818   7.193   1.00 17.89 ?  500 VAL A C   1 
ATOM 438 O O   . VAL A 1 55  ? 3.777   3.597   7.335   1.00 17.90 ?  500 VAL A O   1 
ATOM 439 C CB  . VAL A 1 55  ? 4.742   6.383   8.980   1.00 21.65 ?  500 VAL A CB  1 
ATOM 440 C CG1 . VAL A 1 55  ? 3.671   5.701   9.790   1.00 22.98 ?  500 VAL A CG1 1 
ATOM 441 C CG2 . VAL A 1 55  ? 5.992   6.526   9.832   1.00 18.39 ?  500 VAL A CG2 1 
ATOM 442 N N   . ASN A 1 56  ? 2.929   5.516   6.561   1.00 18.18 ?  501 ASN A N   1 
ATOM 443 C CA  . ASN A 1 56  ? 1.714   4.872   6.103   1.00 17.94 ?  501 ASN A CA  1 
ATOM 444 C C   . ASN A 1 56  ? 2.028   3.771   5.091   1.00 18.88 ?  501 ASN A C   1 
ATOM 445 O O   . ASN A 1 56  ? 1.652   2.615   5.280   1.00 24.66 ?  501 ASN A O   1 
ATOM 446 C CB  . ASN A 1 56  ? 0.795   5.936   5.520   1.00 18.75 ?  501 ASN A CB  1 
ATOM 447 C CG  . ASN A 1 56  ? -0.654  5.618   5.714   1.00 41.38 ?  501 ASN A CG  1 
ATOM 448 O OD1 . ASN A 1 56  ? -1.128  4.537   5.326   1.00 44.66 ?  501 ASN A OD1 1 
ATOM 449 N ND2 . ASN A 1 56  ? -1.388  6.561   6.322   1.00 46.88 ?  501 ASN A ND2 1 
ATOM 450 N N   . TYR A 1 57  ? 2.746   4.100   4.022   1.00 21.74 ?  502 TYR A N   1 
ATOM 451 C CA  . TYR A 1 57  ? 3.107   3.066   3.063   1.00 15.78 ?  502 TYR A CA  1 
ATOM 452 C C   . TYR A 1 57  ? 3.997   2.028   3.677   1.00 15.67 ?  502 TYR A C   1 
ATOM 453 O O   . TYR A 1 57  ? 4.156   0.964   3.098   1.00 20.50 ?  502 TYR A O   1 
ATOM 454 C CB  . TYR A 1 57  ? 3.824   3.648   1.837   1.00 15.86 ?  502 TYR A CB  1 
ATOM 455 C CG  . TYR A 1 57  ? 2.881   4.360   0.920   1.00 14.01 ?  502 TYR A CG  1 
ATOM 456 C CD1 . TYR A 1 57  ? 1.862   3.673   0.291   1.00 20.48 ?  502 TYR A CD1 1 
ATOM 457 C CD2 . TYR A 1 57  ? 2.971   5.709   0.722   1.00 11.67 ?  502 TYR A CD2 1 
ATOM 458 C CE1 . TYR A 1 57  ? 0.984   4.297   -0.526  1.00 19.73 ?  502 TYR A CE1 1 
ATOM 459 C CE2 . TYR A 1 57  ? 2.085   6.345   -0.084  1.00 15.34 ?  502 TYR A CE2 1 
ATOM 460 C CZ  . TYR A 1 57  ? 1.097   5.628   -0.710  1.00 16.73 ?  502 TYR A CZ  1 
ATOM 461 O OH  . TYR A 1 57  ? 0.199   6.262   -1.531  1.00 31.31 ?  502 TYR A OH  1 
ATOM 462 N N   . ASP A 1 58  ? 4.610   2.301   4.812   1.00 17.56 ?  503 ASP A N   1 
ATOM 463 C CA  . ASP A 1 58  ? 5.478   1.265   5.333   1.00 16.53 ?  503 ASP A CA  1 
ATOM 464 C C   . ASP A 1 58  ? 4.677   0.225   6.084   1.00 19.66 ?  503 ASP A C   1 
ATOM 465 O O   . ASP A 1 58  ? 4.914   -0.978  5.939   1.00 20.96 ?  503 ASP A O   1 
ATOM 466 C CB  . ASP A 1 58  ? 6.537   1.844   6.246   1.00 17.51 ?  503 ASP A CB  1 
ATOM 467 C CG  . ASP A 1 58  ? 7.483   0.793   6.709   1.00 26.34 ?  503 ASP A CG  1 
ATOM 468 O OD1 . ASP A 1 58  ? 8.031   0.109   5.819   1.00 36.89 ?  503 ASP A OD1 1 
ATOM 469 O OD2 . ASP A 1 58  ? 7.673   0.627   7.933   1.00 31.44 -1 503 ASP A OD2 1 
ATOM 470 N N   . GLN A 1 59  ? 3.737   0.666   6.905   1.00 19.58 ?  504 GLN A N   1 
ATOM 471 C CA  . GLN A 1 59  ? 2.872   -0.301  7.537   1.00 18.03 ?  504 GLN A CA  1 
ATOM 472 C C   . GLN A 1 59  ? 2.132   -1.080  6.467   1.00 19.92 ?  504 GLN A C   1 
ATOM 473 O O   . GLN A 1 59  ? 2.176   -2.316  6.460   1.00 20.05 ?  504 GLN A O   1 
ATOM 474 C CB  . GLN A 1 59  ? 1.937   0.389   8.534   1.00 20.15 ?  504 GLN A CB  1 
ATOM 475 C CG  . GLN A 1 59  ? 0.798   1.172   7.937   1.00 32.95 ?  504 GLN A CG  1 
ATOM 476 C CD  . GLN A 1 59  ? -0.118  1.818   8.978   1.00 49.48 ?  504 GLN A CD  1 
ATOM 477 O OE1 . GLN A 1 59  ? -1.353  1.736   8.853   1.00 52.88 ?  504 GLN A OE1 1 
ATOM 478 N NE2 . GLN A 1 59  ? 0.477   2.504   9.983   1.00 36.02 ?  504 GLN A NE2 1 
ATOM 479 N N   . LYS A 1 60  ? 1.560   -0.377  5.481   1.00 17.41 ?  505 LYS A N   1 
ATOM 480 C CA  . LYS A 1 60  ? 0.735   -1.077  4.504   1.00 19.54 ?  505 LYS A CA  1 
ATOM 481 C C   . LYS A 1 60  ? 1.529   -2.186  3.848   1.00 17.78 ?  505 LYS A C   1 
ATOM 482 O O   . LYS A 1 60  ? 1.005   -3.285  3.634   1.00 17.49 ?  505 LYS A O   1 
ATOM 483 C CB  . LYS A 1 60  ? 0.162   -0.127  3.445   1.00 17.05 ?  505 LYS A CB  1 
ATOM 484 C CG  . LYS A 1 60  ? -0.780  0.918   4.015   1.00 26.70 ?  505 LYS A CG  1 
ATOM 485 C CD  . LYS A 1 60  ? -2.247  0.551   3.832   1.00 40.62 ?  505 LYS A CD  1 
ATOM 486 C CE  . LYS A 1 60  ? -3.176  1.364   4.767   1.00 61.93 ?  505 LYS A CE  1 
ATOM 487 N NZ  . LYS A 1 60  ? -3.562  0.675   6.053   1.00 49.71 ?  505 LYS A NZ  1 
ATOM 488 N N   . SER A 1 61  ? 2.809   -1.970  3.609   1.00 16.05 ?  506 SER A N   1 
ATOM 489 C CA  . SER A 1 61  ? 3.479   -3.083  2.983   1.00 18.69 ?  506 SER A CA  1 
ATOM 490 C C   . SER A 1 61  ? 3.838   -4.168  3.986   1.00 18.64 ?  506 SER A C   1 
ATOM 491 O O   . SER A 1 61  ? 4.147   -5.290  3.563   1.00 19.59 ?  506 SER A O   1 
ATOM 492 C CB  . SER A 1 61  ? 4.699   -2.603  2.213   1.00 10.49 ?  506 SER A CB  1 
ATOM 493 O OG  . SER A 1 61  ? 5.705   -2.364  3.133   1.00 17.61 ?  506 SER A OG  1 
ATOM 494 N N   . GLN A 1 62  ? 3.737   -3.901  5.293   1.00 14.77 ?  507 GLN A N   1 
ATOM 495 C CA  . GLN A 1 62  ? 3.846   -5.032  6.215   1.00 21.75 ?  507 GLN A CA  1 
ATOM 496 C C   . GLN A 1 62  ? 2.520   -5.761  6.416   1.00 21.47 ?  507 GLN A C   1 
ATOM 497 O O   . GLN A 1 62  ? 2.505   -6.989  6.532   1.00 19.99 ?  507 GLN A O   1 
ATOM 498 C CB  . GLN A 1 62  ? 4.396   -4.613  7.573   1.00 23.81 ?  507 GLN A CB  1 
ATOM 499 C CG  . GLN A 1 62  ? 5.074   -5.795  8.262   1.00 30.13 ?  507 GLN A CG  1 
ATOM 500 C CD  . GLN A 1 62  ? 6.437   -5.448  8.832   1.00 57.24 ?  507 GLN A CD  1 
ATOM 501 O OE1 . GLN A 1 62  ? 6.664   -4.329  9.319   1.00 52.04 ?  507 GLN A OE1 1 
ATOM 502 N NE2 . GLN A 1 62  ? 7.364   -6.404  8.761   1.00 54.07 ?  507 GLN A NE2 1 
ATOM 503 N N   . GLU A 1 63  ? 1.403   -5.039  6.452   1.00 20.32 ?  508 GLU A N   1 
ATOM 504 C CA  . GLU A 1 63  ? 0.122   -5.711  6.377   1.00 11.10 ?  508 GLU A CA  1 
ATOM 505 C C   . GLU A 1 63  ? 0.059   -6.613  5.157   1.00 17.01 ?  508 GLU A C   1 
ATOM 506 O O   . GLU A 1 63  ? -0.495  -7.716  5.219   1.00 29.86 ?  508 GLU A O   1 
ATOM 507 C CB  . GLU A 1 63  ? -1.003  -4.693  6.342   1.00 13.43 ?  508 GLU A CB  1 
ATOM 508 C CG  . GLU A 1 63  ? -1.190  -3.993  7.655   1.00 26.42 ?  508 GLU A CG  1 
ATOM 509 C CD  . GLU A 1 63  ? -1.897  -2.650  7.520   1.00 37.22 ?  508 GLU A CD  1 
ATOM 510 O OE1 . GLU A 1 63  ? -2.423  -2.357  6.416   1.00 37.31 ?  508 GLU A OE1 1 
ATOM 511 O OE2 . GLU A 1 63  ? -1.927  -1.884  8.520   1.00 43.82 -1 508 GLU A OE2 1 
ATOM 512 N N   . VAL A 1 64  ? 0.620   -6.183  4.032   1.00 16.46 ?  509 VAL A N   1 
ATOM 513 C CA  . VAL A 1 64  ? 0.609   -7.092  2.897   1.00 13.65 ?  509 VAL A CA  1 
ATOM 514 C C   . VAL A 1 64  ? 1.488   -8.289  3.194   1.00 14.46 ?  509 VAL A C   1 
ATOM 515 O O   . VAL A 1 64  ? 1.145   -9.419  2.842   1.00 20.30 ?  509 VAL A O   1 
ATOM 516 C CB  . VAL A 1 64  ? 1.012   -6.383  1.590   1.00 14.44 ?  509 VAL A CB  1 
ATOM 517 C CG1 . VAL A 1 64  ? 1.340   -7.390  0.522   1.00 13.21 ?  509 VAL A CG1 1 
ATOM 518 C CG2 . VAL A 1 64  ? -0.121  -5.550  1.085   1.00 11.86 ?  509 VAL A CG2 1 
ATOM 519 N N   . GLU A 1 65  ? 2.600   -8.093  3.897   1.00 13.91 ?  510 GLU A N   1 
ATOM 520 C CA  . GLU A 1 65  ? 3.412   -9.268  4.157   1.00 16.98 ?  510 GLU A CA  1 
ATOM 521 C C   . GLU A 1 65  ? 2.711   -10.241 5.099   1.00 24.00 ?  510 GLU A C   1 
ATOM 522 O O   . GLU A 1 65  ? 2.859   -11.461 4.939   1.00 24.63 ?  510 GLU A O   1 
ATOM 523 C CB  . GLU A 1 65  ? 4.774   -8.902  4.703   1.00 19.08 ?  510 GLU A CB  1 
ATOM 524 C CG  . GLU A 1 65  ? 5.713   -10.088 4.549   1.00 30.66 ?  510 GLU A CG  1 
ATOM 525 C CD  . GLU A 1 65  ? 6.818   -10.120 5.588   1.00 57.95 ?  510 GLU A CD  1 
ATOM 526 O OE1 . GLU A 1 65  ? 7.669   -11.041 5.526   1.00 64.71 ?  510 GLU A OE1 1 
ATOM 527 O OE2 . GLU A 1 65  ? 6.841   -9.215  6.455   1.00 66.06 -1 510 GLU A OE2 1 
ATOM 528 N N   . ASP A 1 66  ? 1.919   -9.731  6.055   1.00 23.34 ?  511 ASP A N   1 
ATOM 529 C CA  . ASP A 1 66  ? 1.179   -10.606 6.969   1.00 18.84 ?  511 ASP A CA  1 
ATOM 530 C C   . ASP A 1 66  ? 0.037   -11.315 6.240   1.00 19.42 ?  511 ASP A C   1 
ATOM 531 O O   . ASP A 1 66  ? -0.111  -12.541 6.344   1.00 18.83 ?  511 ASP A O   1 
ATOM 532 C CB  . ASP A 1 66  ? 0.670   -9.813  8.190   1.00 18.29 ?  511 ASP A CB  1 
ATOM 533 C CG  . ASP A 1 66  ? 1.709   -9.750  9.332   1.00 29.63 ?  511 ASP A CG  1 
ATOM 534 O OD1 . ASP A 1 66  ? 2.438   -10.748 9.504   1.00 35.82 ?  511 ASP A OD1 1 
ATOM 535 O OD2 . ASP A 1 66  ? 1.818   -8.724  10.061  1.00 27.25 -1 511 ASP A OD2 1 
ATOM 536 N N   . LYS A 1 67  ? -0.759  -10.575 5.456   1.00 14.40 ?  512 LYS A N   1 
ATOM 537 C CA  . LYS A 1 67  ? -1.752  -11.266 4.644   1.00 13.29 ?  512 LYS A CA  1 
ATOM 538 C C   . LYS A 1 67  ? -1.114  -12.333 3.789   1.00 13.85 ?  512 LYS A C   1 
ATOM 539 O O   . LYS A 1 67  ? -1.807  -13.230 3.319   1.00 18.69 ?  512 LYS A O   1 
ATOM 540 C CB  . LYS A 1 67  ? -2.500  -10.322 3.712   1.00 11.64 ?  512 LYS A CB  1 
ATOM 541 C CG  . LYS A 1 67  ? -3.751  -9.723  4.259   1.00 18.85 ?  512 LYS A CG  1 
ATOM 542 C CD  . LYS A 1 67  ? -4.598  -10.738 4.917   1.00 29.88 ?  512 LYS A CD  1 
ATOM 543 C CE  . LYS A 1 67  ? -5.620  -10.056 5.798   1.00 35.32 ?  512 LYS A CE  1 
ATOM 544 N NZ  . LYS A 1 67  ? -6.277  -11.054 6.691   1.00 31.28 ?  512 LYS A NZ  1 
ATOM 545 N N   . THR A 1 68  ? 0.182   -12.263 3.551   1.00 13.41 ?  513 THR A N   1 
ATOM 546 C CA  . THR A 1 68  ? 0.651   -13.251 2.607   1.00 14.18 ?  513 THR A CA  1 
ATOM 547 C C   . THR A 1 68  ? 1.023   -14.541 3.290   1.00 15.02 ?  513 THR A C   1 
ATOM 548 O O   . THR A 1 68  ? 0.673   -15.600 2.772   1.00 16.56 ?  513 THR A O   1 
ATOM 549 C CB  . THR A 1 68  ? 1.800   -12.705 1.772   1.00 14.10 ?  513 THR A CB  1 
ATOM 550 O OG1 . THR A 1 68  ? 1.263   -11.772 0.841   1.00 13.69 ?  513 THR A OG1 1 
ATOM 551 C CG2 . THR A 1 68  ? 2.445   -13.796 0.983   1.00 15.80 ?  513 THR A CG2 1 
ATOM 552 N N   . LYS A 1 69  ? 1.684   -14.511 4.455   1.00 16.78 ?  514 LYS A N   1 
ATOM 553 C CA  . LYS A 1 69  ? 1.878   -15.796 5.116   1.00 16.83 ?  514 LYS A CA  1 
ATOM 554 C C   . LYS A 1 69  ? 0.556   -16.353 5.627   1.00 16.24 ?  514 LYS A C   1 
ATOM 555 O O   . LYS A 1 69  ? 0.402   -17.576 5.683   1.00 12.16 ?  514 LYS A O   1 
ATOM 556 C CB  . LYS A 1 69  ? 2.924   -15.746 6.232   1.00 15.88 ?  514 LYS A CB  1 
ATOM 557 C CG  . LYS A 1 69  ? 2.660   -14.796 7.307   1.00 29.59 ?  514 LYS A CG  1 
ATOM 558 C CD  . LYS A 1 69  ? 3.977   -14.365 7.984   1.00 49.93 ?  514 LYS A CD  1 
ATOM 559 C CE  . LYS A 1 69  ? 4.030   -12.832 8.188   1.00 51.52 ?  514 LYS A CE  1 
ATOM 560 N NZ  . LYS A 1 69  ? 5.042   -12.430 9.187   1.00 38.58 ?  514 LYS A NZ  1 
ATOM 561 N N   . GLU A 1 70  ? -0.425  -15.492 5.933   1.00 16.36 ?  515 GLU A N   1 
ATOM 562 C CA  . GLU A 1 70  ? -1.779  -15.991 6.151   1.00 12.19 ?  515 GLU A CA  1 
ATOM 563 C C   . GLU A 1 70  ? -2.264  -16.802 4.955   1.00 11.35 ?  515 GLU A C   1 
ATOM 564 O O   . GLU A 1 70  ? -2.562  -17.991 5.077   1.00 16.59 ?  515 GLU A O   1 
ATOM 565 C CB  . GLU A 1 70  ? -2.775  -14.868 6.449   1.00 16.04 ?  515 GLU A CB  1 
ATOM 566 C CG  . GLU A 1 70  ? -4.203  -15.318 6.026   1.00 22.47 ?  515 GLU A CG  1 
ATOM 567 C CD  . GLU A 1 70  ? -5.385  -14.731 6.823   1.00 37.17 ?  515 GLU A CD  1 
ATOM 568 O OE1 . GLU A 1 70  ? -5.253  -13.602 7.354   1.00 36.87 ?  515 GLU A OE1 1 
ATOM 569 O OE2 . GLU A 1 70  ? -6.454  -15.418 6.904   1.00 26.86 -1 515 GLU A OE2 1 
ATOM 570 N N   . TYR A 1 71  ? -2.356  -16.184 3.789   1.00 9.50  ?  516 TYR A N   1 
ATOM 571 C CA  . TYR A 1 71  ? -2.873  -16.945 2.676   1.00 8.98  ?  516 TYR A CA  1 
ATOM 572 C C   . TYR A 1 71  ? -1.902  -17.993 2.197   1.00 11.72 ?  516 TYR A C   1 
ATOM 573 O O   . TYR A 1 71  ? -2.273  -18.794 1.347   1.00 18.76 ?  516 TYR A O   1 
ATOM 574 C CB  . TYR A 1 71  ? -3.255  -16.036 1.521   1.00 9.70  ?  516 TYR A CB  1 
ATOM 575 C CG  . TYR A 1 71  ? -4.640  -15.512 1.720   1.00 12.20 ?  516 TYR A CG  1 
ATOM 576 C CD1 . TYR A 1 71  ? -4.890  -14.499 2.635   1.00 12.46 ?  516 TYR A CD1 1 
ATOM 577 C CD2 . TYR A 1 71  ? -5.717  -16.056 1.039   1.00 14.50 ?  516 TYR A CD2 1 
ATOM 578 C CE1 . TYR A 1 71  ? -6.184  -14.020 2.865   1.00 15.90 ?  516 TYR A CE1 1 
ATOM 579 C CE2 . TYR A 1 71  ? -7.022  -15.583 1.261   1.00 14.34 ?  516 TYR A CE2 1 
ATOM 580 C CZ  . TYR A 1 71  ? -7.245  -14.569 2.175   1.00 16.31 ?  516 TYR A CZ  1 
ATOM 581 O OH  . TYR A 1 71  ? -8.530  -14.107 2.397   1.00 25.90 ?  516 TYR A OH  1 
ATOM 582 N N   . GLU A 1 72  ? -0.685  -18.039 2.710   1.00 12.47 ?  517 GLU A N   1 
ATOM 583 C CA  . GLU A 1 72  ? 0.162   -19.124 2.245   1.00 11.33 ?  517 GLU A CA  1 
ATOM 584 C C   . GLU A 1 72  ? -0.035  -20.378 3.062   1.00 13.93 ?  517 GLU A C   1 
ATOM 585 O O   . GLU A 1 72  ? -0.051  -21.482 2.512   1.00 13.41 ?  517 GLU A O   1 
ATOM 586 C CB  . GLU A 1 72  ? 1.617   -18.713 2.272   1.00 10.73 ?  517 GLU A CB  1 
ATOM 587 C CG  . GLU A 1 72  ? 2.099   -18.471 0.904   1.00 15.48 ?  517 GLU A CG  1 
ATOM 588 C CD  . GLU A 1 72  ? 3.218   -17.468 0.869   1.00 25.17 ?  517 GLU A CD  1 
ATOM 589 O OE1 . GLU A 1 72  ? 3.870   -17.240 1.930   1.00 29.97 ?  517 GLU A OE1 1 
ATOM 590 O OE2 . GLU A 1 72  ? 3.429   -16.894 -0.230  1.00 26.80 -1 517 GLU A OE2 1 
ATOM 591 N N   . LEU A 1 73  ? -0.167  -20.213 4.375   1.00 12.89 ?  518 LEU A N   1 
ATOM 592 C CA  . LEU A 1 73  ? -0.634  -21.297 5.218   1.00 10.87 ?  518 LEU A CA  1 
ATOM 593 C C   . LEU A 1 73  ? -1.937  -21.890 4.680   1.00 13.33 ?  518 LEU A C   1 
ATOM 594 O O   . LEU A 1 73  ? -2.075  -23.115 4.554   1.00 13.35 ?  518 LEU A O   1 
ATOM 595 C CB  . LEU A 1 73  ? -0.804  -20.780 6.639   1.00 6.79  ?  518 LEU A CB  1 
ATOM 596 C CG  . LEU A 1 73  ? 0.463   -20.200 7.242   1.00 5.85  ?  518 LEU A CG  1 
ATOM 597 C CD1 . LEU A 1 73  ? 0.282   -19.981 8.730   1.00 7.80  ?  518 LEU A CD1 1 
ATOM 598 C CD2 . LEU A 1 73  ? 1.623   -21.106 6.959   1.00 7.29  ?  518 LEU A CD2 1 
ATOM 599 N N   . LEU A 1 74  ? -2.912  -21.034 4.353   1.00 10.42 ?  519 LEU A N   1 
ATOM 600 C CA  . LEU A 1 74  ? -4.162  -21.546 3.809   1.00 6.03  ?  519 LEU A CA  1 
ATOM 601 C C   . LEU A 1 74  ? -3.897  -22.283 2.515   1.00 9.43  ?  519 LEU A C   1 
ATOM 602 O O   . LEU A 1 74  ? -4.515  -23.310 2.246   1.00 9.24  ?  519 LEU A O   1 
ATOM 603 C CB  . LEU A 1 74  ? -5.159  -20.411 3.604   1.00 4.56  ?  519 LEU A CB  1 
ATOM 604 C CG  . LEU A 1 74  ? -6.480  -20.603 2.867   1.00 1.55  ?  519 LEU A CG  1 
ATOM 605 C CD1 . LEU A 1 74  ? -7.103  -21.846 3.254   1.00 4.03  ?  519 LEU A CD1 1 
ATOM 606 C CD2 . LEU A 1 74  ? -7.429  -19.510 3.158   1.00 1.97  ?  519 LEU A CD2 1 
ATOM 607 N N   . SER A 1 75  ? -2.956  -21.791 1.714   1.00 12.54 ?  520 SER A N   1 
ATOM 608 C CA  . SER A 1 75  ? -2.619  -22.481 0.477   1.00 12.40 ?  520 SER A CA  1 
ATOM 609 C C   . SER A 1 75  ? -2.072  -23.868 0.772   1.00 13.31 ?  520 SER A C   1 
ATOM 610 O O   . SER A 1 75  ? -2.441  -24.843 0.110   1.00 12.25 ?  520 SER A O   1 
ATOM 611 C CB  . SER A 1 75  ? -1.608  -21.654 -0.318  1.00 11.67 ?  520 SER A CB  1 
ATOM 612 O OG  . SER A 1 75  ? -1.172  -22.328 -1.489  1.00 14.18 ?  520 SER A OG  1 
ATOM 613 N N   . ASP A 1 76  ? -1.195  -23.964 1.774   1.00 13.49 ?  521 ASP A N   1 
ATOM 614 C CA  . ASP A 1 76  ? -0.647  -25.249 2.198   1.00 14.87 ?  521 ASP A CA  1 
ATOM 615 C C   . ASP A 1 76  ? -1.760  -26.196 2.613   1.00 14.42 ?  521 ASP A C   1 
ATOM 616 O O   . ASP A 1 76  ? -1.848  -27.332 2.130   1.00 12.31 ?  521 ASP A O   1 
ATOM 617 C CB  . ASP A 1 76  ? 0.313   -25.039 3.375   1.00 18.20 ?  521 ASP A CB  1 
ATOM 618 C CG  . ASP A 1 76  ? 1.688   -24.537 2.950   1.00 25.78 ?  521 ASP A CG  1 
ATOM 619 O OD1 . ASP A 1 76  ? 1.950   -24.465 1.722   1.00 31.15 ?  521 ASP A OD1 1 
ATOM 620 O OD2 . ASP A 1 76  ? 2.505   -24.205 3.845   1.00 25.59 -1 521 ASP A OD2 1 
ATOM 621 N N   . GLU A 1 77  ? -2.618  -25.728 3.524   1.00 15.26 ?  522 GLU A N   1 
ATOM 622 C CA  . GLU A 1 77  ? -3.683  -26.553 4.075   1.00 10.38 ?  522 GLU A CA  1 
ATOM 623 C C   . GLU A 1 77  ? -4.590  -27.105 2.985   1.00 10.51 ?  522 GLU A C   1 
ATOM 624 O O   . GLU A 1 77  ? -4.839  -28.308 2.947   1.00 12.84 ?  522 GLU A O   1 
ATOM 625 C CB  . GLU A 1 77  ? -4.488  -25.740 5.071   1.00 8.45  ?  522 GLU A CB  1 
ATOM 626 C CG  . GLU A 1 77  ? -5.064  -26.547 6.194   1.00 13.69 ?  522 GLU A CG  1 
ATOM 627 C CD  . GLU A 1 77  ? -6.138  -27.558 5.759   1.00 16.36 ?  522 GLU A CD  1 
ATOM 628 O OE1 . GLU A 1 77  ? -6.723  -27.422 4.657   1.00 22.76 ?  522 GLU A OE1 1 
ATOM 629 O OE2 . GLU A 1 77  ? -6.426  -28.483 6.555   1.00 13.44 -1 522 GLU A OE2 1 
ATOM 630 N N   . LEU A 1 78  ? -5.127  -26.241 2.113   1.00 9.60  ?  523 LEU A N   1 
ATOM 631 C CA  . LEU A 1 78  ? -5.982  -26.707 1.023   1.00 6.51  ?  523 LEU A CA  1 
ATOM 632 C C   . LEU A 1 78  ? -5.283  -27.776 0.195   1.00 11.01 ?  523 LEU A C   1 
ATOM 633 O O   . LEU A 1 78  ? -5.903  -28.775 -0.212  1.00 12.71 ?  523 LEU A O   1 
ATOM 634 C CB  . LEU A 1 78  ? -6.395  -25.552 0.122   1.00 5.84  ?  523 LEU A CB  1 
ATOM 635 C CG  . LEU A 1 78  ? -7.290  -24.493 0.741   1.00 5.27  ?  523 LEU A CG  1 
ATOM 636 C CD1 . LEU A 1 78  ? -7.483  -23.389 -0.230  1.00 5.62  ?  523 LEU A CD1 1 
ATOM 637 C CD2 . LEU A 1 78  ? -8.610  -25.052 1.099   1.00 6.54  ?  523 LEU A CD2 1 
ATOM 638 N N   . ASN A 1 79  ? -3.987  -27.605 -0.047  1.00 10.65 ?  524 ASN A N   1 
ATOM 639 C CA  . ASN A 1 79  ? -3.267  -28.645 -0.760  1.00 10.58 ?  524 ASN A CA  1 
ATOM 640 C C   . ASN A 1 79  ? -3.258  -29.941 0.032   1.00 10.99 ?  524 ASN A C   1 
ATOM 641 O O   . ASN A 1 79  ? -3.483  -31.016 -0.537  1.00 13.22 ?  524 ASN A O   1 
ATOM 642 C CB  . ASN A 1 79  ? -1.867  -28.166 -1.098  1.00 11.88 ?  524 ASN A CB  1 
ATOM 643 C CG  . ASN A 1 79  ? -1.872  -27.300 -2.336  1.00 25.18 ?  524 ASN A CG  1 
ATOM 644 O OD1 . ASN A 1 79  ? -2.296  -27.753 -3.408  1.00 32.70 ?  524 ASN A OD1 1 
ATOM 645 N ND2 . ASN A 1 79  ? -1.486  -26.030 -2.190  1.00 21.85 ?  524 ASN A ND2 1 
ATOM 646 N N   . GLN A 1 80  ? -3.049  -29.867 1.350   1.00 10.31 ?  525 GLN A N   1 
ATOM 647 C CA  . GLN A 1 80  ? -3.165  -31.074 2.166   1.00 8.74  ?  525 GLN A CA  1 
ATOM 648 C C   . GLN A 1 80  ? -4.559  -31.665 2.052   1.00 8.54  ?  525 GLN A C   1 
ATOM 649 O O   . GLN A 1 80  ? -4.718  -32.852 1.743   1.00 7.89  ?  525 GLN A O   1 
ATOM 650 C CB  . GLN A 1 80  ? -2.834  -30.786 3.630   1.00 8.17  ?  525 GLN A CB  1 
ATOM 651 C CG  . GLN A 1 80  ? -1.384  -31.048 4.005   1.00 9.91  ?  525 GLN A CG  1 
ATOM 652 C CD  . GLN A 1 80  ? -1.034  -32.522 4.003   1.00 15.06 ?  525 GLN A CD  1 
ATOM 653 O OE1 . GLN A 1 80  ? -1.899  -33.398 3.838   1.00 14.25 ?  525 GLN A OE1 1 
ATOM 654 N NE2 . GLN A 1 80  ? 0.256   -32.813 4.169   1.00 19.88 ?  525 GLN A NE2 1 
ATOM 655 N N   . LYS A 1 81  ? -5.580  -30.844 2.288   1.00 6.68  ?  526 LYS A N   1 
ATOM 656 C CA  . LYS A 1 81  ? -6.946  -31.296 2.117   1.00 5.19  ?  526 LYS A CA  1 
ATOM 657 C C   . LYS A 1 81  ? -7.108  -31.988 0.775   1.00 7.27  ?  526 LYS A C   1 
ATOM 658 O O   . LYS A 1 81  ? -7.819  -32.990 0.662   1.00 8.62  ?  526 LYS A O   1 
ATOM 659 C CB  . LYS A 1 81  ? -7.896  -30.114 2.257   1.00 7.36  ?  526 LYS A CB  1 
ATOM 660 C CG  . LYS A 1 81  ? -9.362  -30.463 2.196   1.00 9.12  ?  526 LYS A CG  1 
ATOM 661 C CD  . LYS A 1 81  ? -10.196 -29.469 2.978   1.00 8.44  ?  526 LYS A CD  1 
ATOM 662 C CE  . LYS A 1 81  ? -11.232 -30.194 3.796   1.00 22.90 ?  526 LYS A CE  1 
ATOM 663 N NZ  . LYS A 1 81  ? -11.640 -29.429 5.000   1.00 33.42 ?  526 LYS A NZ  1 
ATOM 664 N N   . SER A 1 82  ? -6.408  -31.514 -0.253  1.00 8.98  ?  527 SER A N   1 
ATOM 665 C CA  . SER A 1 82  ? -6.520  -32.208 -1.529  1.00 7.56  ?  527 SER A CA  1 
ATOM 666 C C   . SER A 1 82  ? -6.060  -33.651 -1.430  1.00 6.38  ?  527 SER A C   1 
ATOM 667 O O   . SER A 1 82  ? -6.621  -34.517 -2.114  1.00 10.31 ?  527 SER A O   1 
ATOM 668 C CB  . SER A 1 82  ? -5.763  -31.463 -2.627  1.00 8.83  ?  527 SER A CB  1 
ATOM 669 O OG  . SER A 1 82  ? -6.666  -30.593 -3.293  1.00 10.77 ?  527 SER A OG  1 
ATOM 670 N N   . ALA A 1 83  ? -5.086  -33.947 -0.558  1.00 5.86  ?  528 ALA A N   1 
ATOM 671 C CA  . ALA A 1 83  ? -4.609  -35.323 -0.414  1.00 5.33  ?  528 ALA A CA  1 
ATOM 672 C C   . ALA A 1 83  ? -5.597  -36.183 0.364   1.00 6.75  ?  528 ALA A C   1 
ATOM 673 O O   . ALA A 1 83  ? -5.918  -37.300 -0.062  1.00 6.17  ?  528 ALA A O   1 
ATOM 674 C CB  . ALA A 1 83  ? -3.255  -35.356 0.271   1.00 3.56  ?  528 ALA A CB  1 
ATOM 675 N N   . THR A 1 84  ? -6.082  -35.681 1.504   1.00 4.40  ?  529 THR A N   1 
ATOM 676 C CA  . THR A 1 84  ? -7.127  -36.382 2.236   1.00 3.32  ?  529 THR A CA  1 
ATOM 677 C C   . THR A 1 84  ? -8.229  -36.856 1.314   1.00 4.60  ?  529 THR A C   1 
ATOM 678 O O   . THR A 1 84  ? -8.574  -38.039 1.306   1.00 6.92  ?  529 THR A O   1 
ATOM 679 C CB  . THR A 1 84  ? -7.732  -35.494 3.293   1.00 2.32  ?  529 THR A CB  1 
ATOM 680 O OG1 . THR A 1 84  ? -6.688  -35.027 4.135   1.00 4.72  ?  529 THR A OG1 1 
ATOM 681 C CG2 . THR A 1 84  ? -8.735  -36.278 4.101   1.00 2.63  ?  529 THR A CG2 1 
ATOM 682 N N   . LEU A 1 85  ? -8.801  -35.948 0.530   1.00 3.51  ?  530 LEU A N   1 
ATOM 683 C CA  . LEU A 1 85  ? -9.893  -36.352 -0.347  1.00 5.73  ?  530 LEU A CA  1 
ATOM 684 C C   . LEU A 1 85  ? -9.428  -37.392 -1.355  1.00 8.00  ?  530 LEU A C   1 
ATOM 685 O O   . LEU A 1 85  ? -10.094 -38.416 -1.563  1.00 8.32  ?  530 LEU A O   1 
ATOM 686 C CB  . LEU A 1 85  ? -10.479 -35.141 -1.056  1.00 7.33  ?  530 LEU A CB  1 
ATOM 687 C CG  . LEU A 1 85  ? -11.053 -34.092 -0.117  1.00 4.89  ?  530 LEU A CG  1 
ATOM 688 C CD1 . LEU A 1 85  ? -11.132 -32.823 -0.868  1.00 6.38  ?  530 LEU A CD1 1 
ATOM 689 C CD2 . LEU A 1 85  ? -12.414 -34.471 0.405   1.00 3.63  ?  530 LEU A CD2 1 
ATOM 690 N N   . ALA A 1 86  ? -8.269  -37.168 -1.962  1.00 5.85  ?  531 ALA A N   1 
ATOM 691 C CA  . ALA A 1 86  ? -7.741  -38.166 -2.872  1.00 5.06  ?  531 ALA A CA  1 
ATOM 692 C C   . ALA A 1 86  ? -7.609  -39.520 -2.187  1.00 8.40  ?  531 ALA A C   1 
ATOM 693 O O   . ALA A 1 86  ? -7.942  -40.550 -2.777  1.00 11.97 ?  531 ALA A O   1 
ATOM 694 C CB  . ALA A 1 86  ? -6.402  -37.708 -3.417  1.00 4.81  ?  531 ALA A CB  1 
ATOM 695 N N   . SER A 1 87  ? -7.127  -39.544 -0.938  1.00 10.38 ?  532 SER A N   1 
ATOM 696 C CA  . SER A 1 87  ? -7.059  -40.807 -0.194  1.00 8.37  ?  532 SER A CA  1 
ATOM 697 C C   . SER A 1 87  ? -8.454  -41.402 -0.005  1.00 7.87  ?  532 SER A C   1 
ATOM 698 O O   . SER A 1 87  ? -8.660  -42.601 -0.216  1.00 7.15  ?  532 SER A O   1 
ATOM 699 C CB  . SER A 1 87  ? -6.374  -40.580 1.159   1.00 5.83  ?  532 SER A CB  1 
ATOM 700 O OG  . SER A 1 87  ? -6.313  -41.749 1.960   1.00 4.91  ?  532 SER A OG  1 
ATOM 701 N N   . ILE A 1 88  ? -9.431  -40.567 0.361   1.00 7.52  ?  533 ILE A N   1 
ATOM 702 C CA  . ILE A 1 88  ? -10.776 -41.063 0.602   1.00 5.63  ?  533 ILE A CA  1 
ATOM 703 C C   . ILE A 1 88  ? -11.382 -41.587 -0.686  1.00 8.19  ?  533 ILE A C   1 
ATOM 704 O O   . ILE A 1 88  ? -12.109 -42.582 -0.687  1.00 9.02  ?  533 ILE A O   1 
ATOM 705 C CB  . ILE A 1 88  ? -11.637 -39.968 1.220   1.00 3.14  ?  533 ILE A CB  1 
ATOM 706 C CG1 . ILE A 1 88  ? -11.087 -39.604 2.580   1.00 3.22  ?  533 ILE A CG1 1 
ATOM 707 C CG2 . ILE A 1 88  ? -12.944 -40.507 1.409   1.00 2.99  ?  533 ILE A CG2 1 
ATOM 708 C CD1 . ILE A 1 88  ? -11.336 -38.220 2.987   1.00 2.04  ?  533 ILE A CD1 1 
ATOM 709 N N   . ASP A 1 89  ? -11.085 -40.932 -1.807  1.00 9.75  ?  534 ASP A N   1 
ATOM 710 C CA  . ASP A 1 89  ? -11.436 -41.511 -3.099  1.00 10.03 ?  534 ASP A CA  1 
ATOM 711 C C   . ASP A 1 89  ? -10.868 -42.914 -3.227  1.00 9.01  ?  534 ASP A C   1 
ATOM 712 O O   . ASP A 1 89  ? -11.527 -43.821 -3.746  1.00 12.62 ?  534 ASP A O   1 
ATOM 713 C CB  . ASP A 1 89  ? -10.922 -40.615 -4.234  1.00 13.55 ?  534 ASP A CB  1 
ATOM 714 C CG  . ASP A 1 89  ? -11.813 -40.643 -5.465  1.00 18.46 ?  534 ASP A CG  1 
ATOM 715 O OD1 . ASP A 1 89  ? -12.826 -41.376 -5.461  1.00 23.85 ?  534 ASP A OD1 1 
ATOM 716 O OD2 . ASP A 1 89  ? -11.509 -39.917 -6.433  1.00 24.49 -1 534 ASP A OD2 1 
ATOM 717 N N   . ALA A 1 90  ? -9.653  -43.118 -2.732  1.00 6.13  ?  535 ALA A N   1 
ATOM 718 C CA  . ALA A 1 90  ? -9.026  -44.419 -2.867  1.00 6.89  ?  535 ALA A CA  1 
ATOM 719 C C   . ALA A 1 90  ? -9.703  -45.447 -1.971  1.00 7.40  ?  535 ALA A C   1 
ATOM 720 O O   . ALA A 1 90  ? -10.000 -46.557 -2.416  1.00 6.73  ?  535 ALA A O   1 
ATOM 721 C CB  . ALA A 1 90  ? -7.544  -44.306 -2.550  1.00 6.84  ?  535 ALA A CB  1 
ATOM 722 N N   . GLU A 1 91  ? -9.927  -45.105 -0.697  1.00 6.74  ?  536 GLU A N   1 
ATOM 723 C CA  . GLU A 1 91  ? -10.682 -45.987 0.177   1.00 4.49  ?  536 GLU A CA  1 
ATOM 724 C C   . GLU A 1 91  ? -11.998 -46.340 -0.462  1.00 5.98  ?  536 GLU A C   1 
ATOM 725 O O   . GLU A 1 91  ? -12.455 -47.488 -0.409  1.00 10.21 ?  536 GLU A O   1 
ATOM 726 C CB  . GLU A 1 91  ? -10.965 -45.324 1.511   1.00 4.00  ?  536 GLU A CB  1 
ATOM 727 C CG  . GLU A 1 91  ? -9.809  -44.774 2.218   1.00 5.69  ?  536 GLU A CG  1 
ATOM 728 C CD  . GLU A 1 91  ? -10.198 -44.450 3.621   1.00 7.43  ?  536 GLU A CD  1 
ATOM 729 O OE1 . GLU A 1 91  ? -10.808 -45.340 4.204   1.00 11.90 ?  536 GLU A OE1 1 
ATOM 730 O OE2 . GLU A 1 91  ? -9.949  -43.337 4.142   1.00 7.64  -1 536 GLU A OE2 1 
ATOM 731 N N   . LEU A 1 92  ? -12.621 -45.358 -1.079  1.00 7.21  ?  537 LEU A N   1 
ATOM 732 C CA  . LEU A 1 92  ? -13.949 -45.571 -1.605  1.00 8.09  ?  537 LEU A CA  1 
ATOM 733 C C   . LEU A 1 92  ? -13.935 -46.557 -2.769  1.00 11.28 ?  537 LEU A C   1 
ATOM 734 O O   . LEU A 1 92  ? -14.914 -47.280 -2.972  1.00 16.01 ?  537 LEU A O   1 
ATOM 735 C CB  . LEU A 1 92  ? -14.530 -44.221 -1.981  1.00 8.89  ?  537 LEU A CB  1 
ATOM 736 C CG  . LEU A 1 92  ? -15.999 -44.041 -2.269  1.00 9.45  ?  537 LEU A CG  1 
ATOM 737 C CD1 . LEU A 1 92  ? -16.847 -44.977 -1.465  1.00 11.66 ?  537 LEU A CD1 1 
ATOM 738 C CD2 . LEU A 1 92  ? -16.304 -42.634 -1.888  1.00 13.08 ?  537 LEU A CD2 1 
ATOM 739 N N   . GLN A 1 93  ? -12.832 -46.652 -3.512  1.00 9.59  ?  538 GLN A N   1 
ATOM 740 C CA  . GLN A 1 93  ? -12.787 -47.663 -4.560  1.00 9.89  ?  538 GLN A CA  1 
ATOM 741 C C   . GLN A 1 93  ? -12.647 -49.053 -3.973  1.00 10.55 ?  538 GLN A C   1 
ATOM 742 O O   . GLN A 1 93  ? -13.291 -49.986 -4.456  1.00 16.61 ?  538 GLN A O   1 
ATOM 743 C CB  . GLN A 1 93  ? -11.655 -47.405 -5.542  1.00 10.94 ?  538 GLN A CB  1 
ATOM 744 C CG  . GLN A 1 93  ? -11.718 -46.084 -6.277  1.00 15.68 ?  538 GLN A CG  1 
ATOM 745 C CD  . GLN A 1 93  ? -13.132 -45.531 -6.455  1.00 22.97 ?  538 GLN A CD  1 
ATOM 746 O OE1 . GLN A 1 93  ? -13.981 -46.130 -7.137  1.00 25.81 ?  538 GLN A OE1 1 
ATOM 747 N NE2 . GLN A 1 93  ? -13.383 -44.357 -5.855  1.00 19.04 ?  538 GLN A NE2 1 
ATOM 748 N N   . LYS A 1 94  ? -11.808 -49.214 -2.944  1.00 8.59  ?  539 LYS A N   1 
ATOM 749 C CA  . LYS A 1 94  ? -11.694 -50.506 -2.264  1.00 10.24 ?  539 LYS A CA  1 
ATOM 750 C C   . LYS A 1 94  ? -13.035 -50.969 -1.730  1.00 11.89 ?  539 LYS A C   1 
ATOM 751 O O   . LYS A 1 94  ? -13.406 -52.130 -1.892  1.00 12.06 ?  539 LYS A O   1 
ATOM 752 C CB  . LYS A 1 94  ? -10.716 -50.439 -1.103  1.00 10.64 ?  539 LYS A CB  1 
ATOM 753 C CG  . LYS A 1 94  ? -9.349  -50.871 -1.438  1.00 19.82 ?  539 LYS A CG  1 
ATOM 754 C CD  . LYS A 1 94  ? -9.296  -52.260 -2.090  1.00 18.74 ?  539 LYS A CD  1 
ATOM 755 C CE  . LYS A 1 94  ? -7.881  -52.462 -2.672  1.00 18.94 ?  539 LYS A CE  1 
ATOM 756 N NZ  . LYS A 1 94  ? -7.666  -53.736 -3.365  1.00 29.32 ?  539 LYS A NZ  1 
ATOM 757 N N   . LEU A 1 95  ? -13.779 -50.082 -1.085  1.00 11.30 ?  540 LEU A N   1 
ATOM 758 C CA  . LEU A 1 95  ? -15.078 -50.501 -0.592  1.00 11.06 ?  540 LEU A CA  1 
ATOM 759 C C   . LEU A 1 95  ? -15.955 -50.967 -1.749  1.00 10.43 ?  540 LEU A C   1 
ATOM 760 O O   . LEU A 1 95  ? -16.694 -51.950 -1.619  1.00 11.83 ?  540 LEU A O   1 
ATOM 761 C CB  . LEU A 1 95  ? -15.696 -49.371 0.238   1.00 12.30 ?  540 LEU A CB  1 
ATOM 762 C CG  . LEU A 1 95  ? -14.789 -49.199 1.476   1.00 12.46 ?  540 LEU A CG  1 
ATOM 763 C CD1 . LEU A 1 95  ? -14.827 -47.855 2.170   1.00 5.01  ?  540 LEU A CD1 1 
ATOM 764 C CD2 . LEU A 1 95  ? -15.083 -50.300 2.476   1.00 28.23 ?  540 LEU A CD2 1 
ATOM 765 N N   . LYS A 1 96  ? -15.833 -50.336 -2.920  1.00 10.35 ?  541 LYS A N   1 
ATOM 766 C CA  . LYS A 1 96  ? -16.556 -50.859 -4.076  1.00 15.95 ?  541 LYS A CA  1 
ATOM 767 C C   . LYS A 1 96  ? -16.045 -52.245 -4.442  1.00 17.58 ?  541 LYS A C   1 
ATOM 768 O O   . LYS A 1 96  ? -16.832 -53.176 -4.645  1.00 19.35 ?  541 LYS A O   1 
ATOM 769 C CB  . LYS A 1 96  ? -16.461 -49.907 -5.270  1.00 17.34 ?  541 LYS A CB  1 
ATOM 770 C CG  . LYS A 1 96  ? -17.366 -48.662 -5.151  1.00 22.31 ?  541 LYS A CG  1 
ATOM 771 C CD  . LYS A 1 96  ? -17.266 -47.751 -6.398  1.00 36.09 ?  541 LYS A CD  1 
ATOM 772 C CE  . LYS A 1 96  ? -17.504 -46.252 -6.087  1.00 23.55 ?  541 LYS A CE  1 
ATOM 773 N NZ  . LYS A 1 96  ? -17.253 -45.394 -7.293  1.00 19.36 ?  541 LYS A NZ  1 
ATOM 774 N N   . GLU A 1 97  ? -14.723 -52.410 -4.487  1.00 13.80 ?  542 GLU A N   1 
ATOM 775 C CA  . GLU A 1 97  ? -14.143 -53.719 -4.766  1.00 12.83 ?  542 GLU A CA  1 
ATOM 776 C C   . GLU A 1 97  ? -14.512 -54.753 -3.713  1.00 11.06 ?  542 GLU A C   1 
ATOM 777 O O   . GLU A 1 97  ? -14.688 -55.919 -4.040  1.00 10.87 ?  542 GLU A O   1 
ATOM 778 C CB  . GLU A 1 97  ? -12.638 -53.573 -4.844  1.00 11.25 ?  542 GLU A CB  1 
ATOM 779 C CG  . GLU A 1 97  ? -11.963 -54.505 -5.766  1.00 15.64 ?  542 GLU A CG  1 
ATOM 780 C CD  . GLU A 1 97  ? -10.443 -54.434 -5.581  1.00 32.18 ?  542 GLU A CD  1 
ATOM 781 O OE1 . GLU A 1 97  ? -9.932  -53.312 -5.307  1.00 27.80 ?  542 GLU A OE1 1 
ATOM 782 O OE2 . GLU A 1 97  ? -9.763  -55.492 -5.690  1.00 46.26 -1 542 GLU A OE2 1 
ATOM 783 N N   . MET A 1 98  ? -14.591 -54.359 -2.443  1.00 8.25  ?  543 MET A N   1 
ATOM 784 C CA  . MET A 1 98  ? -14.961 -55.306 -1.410  1.00 4.38  ?  543 MET A CA  1 
ATOM 785 C C   . MET A 1 98  ? -16.365 -55.802 -1.628  1.00 5.78  ?  543 MET A C   1 
ATOM 786 O O   . MET A 1 98  ? -16.609 -57.010 -1.622  1.00 9.64  ?  543 MET A O   1 
ATOM 787 C CB  . MET A 1 98  ? -14.831 -54.709 -0.018  1.00 14.73 ?  543 MET A CB  1 
ATOM 788 C CG  . MET A 1 98  ? -13.433 -54.568 0.454   1.00 14.73 ?  543 MET A CG  1 
ATOM 789 S SD  . MET A 1 98  ? -13.126 -53.631 1.961   1.00 14.73 ?  543 MET A SD  1 
ATOM 790 C CE  . MET A 1 98  ? -14.651 -53.744 2.884   1.00 14.73 ?  543 MET A CE  1 
ATOM 791 N N   . THR A 1 99  ? -17.305 -54.898 -1.854  1.00 10.99 ?  544 THR A N   1 
ATOM 792 C CA  . THR A 1 99  ? -18.669 -55.383 -1.957  1.00 13.98 ?  544 THR A CA  1 
ATOM 793 C C   . THR A 1 99  ? -18.895 -56.114 -3.274  1.00 15.70 ?  544 THR A C   1 
ATOM 794 O O   . THR A 1 99  ? -19.782 -56.957 -3.345  1.00 16.72 ?  544 THR A O   1 
ATOM 795 C CB  . THR A 1 99  ? -19.688 -54.253 -1.807  1.00 16.01 ?  544 THR A CB  1 
ATOM 796 O OG1 . THR A 1 99  ? -19.635 -53.442 -2.976  1.00 16.06 ?  544 THR A OG1 1 
ATOM 797 C CG2 . THR A 1 99  ? -19.461 -53.423 -0.534  1.00 15.21 ?  544 THR A CG2 1 
ATOM 798 N N   . ASN A 1 100 ? -18.116 -55.821 -4.320  1.00 15.69 ?  545 ASN A N   1 
ATOM 799 C CA  . ASN A 1 100 ? -18.139 -56.662 -5.521  1.00 17.12 ?  545 ASN A CA  1 
ATOM 800 C C   . ASN A 1 100 ? -17.716 -58.085 -5.218  1.00 17.07 ?  545 ASN A C   1 
ATOM 801 O O   . ASN A 1 100 ? -18.387 -59.040 -5.630  1.00 19.29 ?  545 ASN A O   1 
ATOM 802 C CB  . ASN A 1 100 ? -17.217 -56.109 -6.602  1.00 20.71 ?  545 ASN A CB  1 
ATOM 803 C CG  . ASN A 1 100 ? -17.902 -55.087 -7.446  1.00 26.43 ?  545 ASN A CG  1 
ATOM 804 O OD1 . ASN A 1 100 ? -19.134 -55.108 -7.537  1.00 26.70 ?  545 ASN A OD1 1 
ATOM 805 N ND2 . ASN A 1 100 ? -17.138 -54.169 -8.055  1.00 28.49 ?  545 ASN A ND2 1 
ATOM 806 N N   . HIS A 1 101 ? -16.591 -58.248 -4.520  1.00 15.48 ?  546 HIS A N   1 
ATOM 807 C CA  . HIS A 1 101 ? -16.184 -59.591 -4.133  1.00 17.31 ?  546 HIS A CA  1 
ATOM 808 C C   . HIS A 1 101 ? -17.279 -60.301 -3.344  1.00 17.62 ?  546 HIS A C   1 
ATOM 809 O O   . HIS A 1 101 ? -17.424 -61.517 -3.446  1.00 18.38 ?  546 HIS A O   1 
ATOM 810 C CB  . HIS A 1 101 ? -14.891 -59.577 -3.321  1.00 16.81 ?  546 HIS A CB  1 
ATOM 811 C CG  . HIS A 1 101 ? -14.410 -60.956 -2.970  1.00 25.94 ?  546 HIS A CG  1 
ATOM 812 N ND1 . HIS A 1 101 ? -14.633 -61.540 -1.735  1.00 27.66 ?  546 HIS A ND1 1 
ATOM 813 C CD2 . HIS A 1 101 ? -13.748 -61.883 -3.705  1.00 24.38 ?  546 HIS A CD2 1 
ATOM 814 C CE1 . HIS A 1 101 ? -14.106 -62.751 -1.719  1.00 23.28 ?  546 HIS A CE1 1 
ATOM 815 N NE2 . HIS A 1 101 ? -13.569 -62.987 -2.906  1.00 24.34 ?  546 HIS A NE2 1 
ATOM 816 N N   . GLN A 1 102 ? -18.076 -59.566 -2.576  1.00 15.31 ?  547 GLN A N   1 
ATOM 817 C CA  . GLN A 1 102 ? -19.171 -60.210 -1.871  1.00 14.76 ?  547 GLN A CA  1 
ATOM 818 C C   . GLN A 1 102 ? -20.321 -60.527 -2.800  1.00 19.60 ?  547 GLN A C   1 
ATOM 819 O O   . GLN A 1 102 ? -20.986 -61.553 -2.637  1.00 21.48 ?  547 GLN A O   1 
ATOM 820 C CB  . GLN A 1 102 ? -19.646 -59.350 -0.724  1.00 17.13 ?  547 GLN A CB  1 
ATOM 821 C CG  . GLN A 1 102 ? -19.031 -59.818 0.527   1.00 26.59 ?  547 GLN A CG  1 
ATOM 822 C CD  . GLN A 1 102 ? -18.772 -58.694 1.458   1.00 50.90 ?  547 GLN A CD  1 
ATOM 823 O OE1 . GLN A 1 102 ? -19.198 -57.553 1.219   1.00 51.45 ?  547 GLN A OE1 1 
ATOM 824 N NE2 . GLN A 1 102 ? -18.055 -58.988 2.539   1.00 55.59 ?  547 GLN A NE2 1 
ATOM 825 N N   . LYS A 1 103 ? -20.591 -59.655 -3.763  1.00 17.58 ?  548 LYS A N   1 
ATOM 826 C CA  . LYS A 1 103 ? -21.527 -60.022 -4.813  1.00 17.29 ?  548 LYS A CA  1 
ATOM 827 C C   . LYS A 1 103 ? -21.107 -61.346 -5.438  1.00 22.12 ?  548 LYS A C   1 
ATOM 828 O O   . LYS A 1 103 ? -21.884 -62.302 -5.462  1.00 21.12 ?  548 LYS A O   1 
ATOM 829 C CB  . LYS A 1 103 ? -21.602 -58.908 -5.860  1.00 16.04 ?  548 LYS A CB  1 
ATOM 830 C CG  . LYS A 1 103 ? -22.709 -59.087 -6.894  1.00 22.01 ?  548 LYS A CG  1 
ATOM 831 C CD  . LYS A 1 103 ? -22.965 -57.806 -7.701  1.00 32.43 ?  548 LYS A CD  1 
ATOM 832 C CE  . LYS A 1 103 ? -22.012 -57.673 -8.898  1.00 41.48 ?  548 LYS A CE  1 
ATOM 833 N NZ  . LYS A 1 103 ? -22.490 -58.424 -10.114 1.00 32.93 ?  548 LYS A NZ  1 
ATOM 834 N N   . LYS A 1 104 ? -19.857 -61.433 -5.907  1.00 22.62 ?  549 LYS A N   1 
ATOM 835 C CA  . LYS A 1 104 ? -19.366 -62.645 -6.554  1.00 17.12 ?  549 LYS A CA  1 
ATOM 836 C C   . LYS A 1 104 ? -19.572 -63.855 -5.651  1.00 16.56 ?  549 LYS A C   1 
ATOM 837 O O   . LYS A 1 104 ? -20.212 -64.827 -6.040  1.00 16.71 ?  549 LYS A O   1 
ATOM 838 C CB  . LYS A 1 104 ? -17.887 -62.479 -6.937  1.00 18.98 ?  549 LYS A CB  1 
ATOM 839 C CG  . LYS A 1 104 ? -17.392 -63.428 -8.051  1.00 27.33 ?  549 LYS A CG  1 
ATOM 840 C CD  . LYS A 1 104 ? -15.912 -63.846 -7.901  1.00 23.05 ?  549 LYS A CD  1 
ATOM 841 C CE  . LYS A 1 104 ? -15.666 -64.663 -6.623  1.00 30.19 ?  549 LYS A CE  1 
ATOM 842 N NZ  . LYS A 1 104 ? -14.244 -64.592 -6.137  1.00 36.83 ?  549 LYS A NZ  1 
ATOM 843 N N   . ARG A 1 105 ? -19.081 -63.783 -4.417  1.00 18.10 ?  550 ARG A N   1 
ATOM 844 C CA  . ARG A 1 105 ? -19.188 -64.903 -3.490  1.00 15.85 ?  550 ARG A CA  1 
ATOM 845 C C   . ARG A 1 105 ? -20.623 -65.351 -3.279  1.00 20.00 ?  550 ARG A C   1 
ATOM 846 O O   . ARG A 1 105 ? -20.912 -66.551 -3.293  1.00 22.10 ?  550 ARG A O   1 
ATOM 847 C CB  . ARG A 1 105 ? -18.576 -64.546 -2.149  1.00 13.41 ?  550 ARG A CB  1 
ATOM 848 C CG  . ARG A 1 105 ? -17.392 -65.372 -1.841  1.00 22.53 ?  550 ARG A CG  1 
ATOM 849 C CD  . ARG A 1 105 ? -17.249 -65.521 -0.362  1.00 27.09 ?  550 ARG A CD  1 
ATOM 850 N NE  . ARG A 1 105 ? -16.879 -64.232 0.178   1.00 42.43 ?  550 ARG A NE  1 
ATOM 851 C CZ  . ARG A 1 105 ? -16.654 -63.990 1.460   1.00 46.83 ?  550 ARG A CZ  1 
ATOM 852 N NH1 . ARG A 1 105 ? -16.752 -64.986 2.344   1.00 34.44 ?  550 ARG A NH1 1 
ATOM 853 N NH2 . ARG A 1 105 ? -16.334 -62.748 1.839   1.00 40.53 ?  550 ARG A NH2 1 
ATOM 854 N N   . ALA A 1 106 ? -21.531 -64.410 -3.020  1.00 17.52 ?  551 ALA A N   1 
ATOM 855 C CA  . ALA A 1 106 ? -22.920 -64.794 -2.810  1.00 13.51 ?  551 ALA A CA  1 
ATOM 856 C C   . ALA A 1 106 ? -23.503 -65.452 -4.054  1.00 16.12 ?  551 ALA A C   1 
ATOM 857 O O   . ALA A 1 106 ? -24.245 -66.434 -3.965  1.00 20.08 ?  551 ALA A O   1 
ATOM 858 C CB  . ALA A 1 106 ? -23.753 -63.582 -2.419  1.00 13.05 ?  551 ALA A CB  1 
ATOM 859 N N   . ALA A 1 107 ? -23.182 -64.932 -5.226  1.00 15.97 ?  552 ALA A N   1 
ATOM 860 C CA  . ALA A 1 107 ? -23.782 -65.490 -6.420  1.00 17.50 ?  552 ALA A CA  1 
ATOM 861 C C   . ALA A 1 107 ? -23.243 -66.884 -6.700  1.00 21.40 ?  552 ALA A C   1 
ATOM 862 O O   . ALA A 1 107 ? -23.990 -67.765 -7.125  1.00 23.99 ?  552 ALA A O   1 
ATOM 863 C CB  . ALA A 1 107 ? -23.546 -64.559 -7.598  1.00 19.34 ?  552 ALA A CB  1 
ATOM 864 N N   . GLU A 1 108 ? -21.947 -67.101 -6.485  1.00 20.96 ?  553 GLU A N   1 
ATOM 865 C CA  . GLU A 1 108 ? -21.386 -68.433 -6.669  1.00 18.21 ?  553 GLU A CA  1 
ATOM 866 C C   . GLU A 1 108 ? -22.014 -69.407 -5.700  1.00 21.38 ?  553 GLU A C   1 
ATOM 867 O O   . GLU A 1 108 ? -22.372 -70.527 -6.078  1.00 24.59 ?  553 GLU A O   1 
ATOM 868 C CB  . GLU A 1 108 ? -19.873 -68.419 -6.460  1.00 21.03 ?  553 GLU A CB  1 
ATOM 869 C CG  . GLU A 1 108 ? -19.076 -67.676 -7.510  1.00 28.27 ?  553 GLU A CG  1 
ATOM 870 C CD  . GLU A 1 108 ? -17.594 -67.531 -7.146  1.00 42.77 ?  553 GLU A CD  1 
ATOM 871 O OE1 . GLU A 1 108 ? -17.205 -67.780 -5.965  1.00 38.92 ?  553 GLU A OE1 1 
ATOM 872 O OE2 . GLU A 1 108 ? -16.822 -67.143 -8.057  1.00 51.39 -1 553 GLU A OE2 1 
ATOM 873 N N   . MET A 1 109 ? -22.136 -69.002 -4.439  1.00 22.38 ?  554 MET A N   1 
ATOM 874 C CA  . MET A 1 109 ? -22.763 -69.860 -3.447  1.00 21.21 ?  554 MET A CA  1 
ATOM 875 C C   . MET A 1 109 ? -24.209 -70.141 -3.808  1.00 23.79 ?  554 MET A C   1 
ATOM 876 O O   . MET A 1 109 ? -24.735 -71.206 -3.483  1.00 29.07 ?  554 MET A O   1 
ATOM 877 C CB  . MET A 1 109 ? -22.657 -69.213 -2.072  1.00 23.04 ?  554 MET A CB  1 
ATOM 878 C CG  . MET A 1 109 ? -23.579 -69.760 -1.017  1.00 23.04 ?  554 MET A CG  1 
ATOM 879 S SD  . MET A 1 109 ? -23.094 -71.393 -0.419  1.00 23.04 ?  554 MET A SD  1 
ATOM 880 C CE  . MET A 1 109 ? -21.283 -71.337 -0.540  1.00 23.04 ?  554 MET A CE  1 
ATOM 881 N N   . MET A 1 110 ? -24.860 -69.210 -4.498  1.00 30.81 ?  555 MET A N   1 
ATOM 882 C CA  . MET A 1 110 ? -26.226 -69.441 -4.947  1.00 29.32 ?  555 MET A CA  1 
ATOM 883 C C   . MET A 1 110 ? -26.275 -70.483 -6.046  1.00 29.25 ?  555 MET A C   1 
ATOM 884 O O   . MET A 1 110 ? -27.068 -71.426 -5.990  1.00 31.71 ?  555 MET A O   1 
ATOM 885 C CB  . MET A 1 110 ? -26.834 -68.140 -5.445  1.00 29.13 ?  555 MET A CB  1 
ATOM 886 C CG  . MET A 1 110 ? -28.268 -68.273 -5.881  1.00 29.13 ?  555 MET A CG  1 
ATOM 887 S SD  . MET A 1 110 ? -29.334 -68.888 -4.545  1.00 29.13 ?  555 MET A SD  1 
ATOM 888 C CE  . MET A 1 110 ? -28.724 -68.042 -3.027  1.00 29.13 ?  555 MET A CE  1 
ATOM 889 N N   . ALA A 1 111 ? -25.451 -70.307 -7.070  1.00 21.29 ?  556 ALA A N   1 
ATOM 890 C CA  . ALA A 1 111 ? -25.423 -71.268 -8.155  1.00 20.64 ?  556 ALA A CA  1 
ATOM 891 C C   . ALA A 1 111 ? -25.048 -72.645 -7.643  1.00 22.00 ?  556 ALA A C   1 
ATOM 892 O O   . ALA A 1 111 ? -25.575 -73.652 -8.118  1.00 27.79 ?  556 ALA A O   1 
ATOM 893 C CB  . ALA A 1 111 ? -24.447 -70.816 -9.234  1.00 21.35 ?  556 ALA A CB  1 
ATOM 894 N N   . SER A 1 112 ? -24.147 -72.713 -6.672  1.00 19.08 ?  557 SER A N   1 
ATOM 895 C CA  . SER A 1 112 ? -23.703 -74.017 -6.212  1.00 20.55 ?  557 SER A CA  1 
ATOM 896 C C   . SER A 1 112 ? -24.830 -74.768 -5.527  1.00 25.23 ?  557 SER A C   1 
ATOM 897 O O   . SER A 1 112 ? -24.923 -75.995 -5.651  1.00 33.31 ?  557 SER A O   1 
ATOM 898 C CB  . SER A 1 112 ? -22.512 -73.874 -5.277  1.00 24.08 ?  557 SER A CB  1 
ATOM 899 O OG  . SER A 1 112 ? -22.132 -75.138 -4.776  1.00 31.66 ?  557 SER A OG  1 
ATOM 900 N N   . LEU A 1 113 ? -25.703 -74.052 -4.807  1.00 20.73 ?  558 LEU A N   1 
ATOM 901 C CA  . LEU A 1 113 ? -26.869 -74.697 -4.203  1.00 22.39 ?  558 LEU A CA  1 
ATOM 902 C C   . LEU A 1 113 ? -27.911 -75.084 -5.260  1.00 32.43 ?  558 LEU A C   1 
ATOM 903 O O   . LEU A 1 113 ? -28.529 -76.152 -5.168  1.00 31.80 ?  558 LEU A O   1 
ATOM 904 C CB  . LEU A 1 113 ? -27.493 -73.794 -3.142  1.00 14.70 ?  558 LEU A CB  1 
ATOM 905 C CG  . LEU A 1 113 ? -26.641 -73.484 -1.918  1.00 15.14 ?  558 LEU A CG  1 
ATOM 906 C CD1 . LEU A 1 113 ? -27.319 -72.490 -1.001  1.00 13.88 ?  558 LEU A CD1 1 
ATOM 907 C CD2 . LEU A 1 113 ? -26.362 -74.745 -1.184  1.00 23.25 ?  558 LEU A CD2 1 
ATOM 908 N N   . LEU A 1 114 ? -28.117 -74.238 -6.279  1.00 27.73 ?  559 LEU A N   1 
ATOM 909 C CA  . LEU A 1 114 ? -29.039 -74.580 -7.356  1.00 23.97 ?  559 LEU A CA  1 
ATOM 910 C C   . LEU A 1 114 ? -28.524 -75.725 -8.235  1.00 31.94 ?  559 LEU A C   1 
ATOM 911 O O   . LEU A 1 114 ? -29.234 -76.164 -9.152  1.00 32.13 ?  559 LEU A O   1 
ATOM 912 C CB  . LEU A 1 114 ? -29.334 -73.328 -8.185  1.00 19.77 ?  559 LEU A CB  1 
ATOM 913 C CG  . LEU A 1 114 ? -30.276 -72.299 -7.544  1.00 21.46 ?  559 LEU A CG  1 
ATOM 914 C CD1 . LEU A 1 114 ? -30.991 -71.492 -8.608  1.00 22.44 ?  559 LEU A CD1 1 
ATOM 915 C CD2 . LEU A 1 114 ? -31.286 -72.934 -6.594  1.00 11.40 ?  559 LEU A CD2 1 
ATOM 916 N N   . LYS A 1 115 ? -27.305 -76.212 -7.986  1.00 30.92 ?  560 LYS A N   1 
ATOM 917 C CA  . LYS A 1 115 ? -26.897 -77.552 -8.414  1.00 36.51 ?  560 LYS A CA  1 
ATOM 918 C C   . LYS A 1 115 ? -27.303 -78.545 -7.313  1.00 39.77 ?  560 LYS A C   1 
ATOM 919 O O   . LYS A 1 115 ? -26.501 -79.094 -6.539  1.00 32.70 ?  560 LYS A O   1 
ATOM 920 C CB  . LYS A 1 115 ? -25.407 -77.585 -8.744  1.00 29.78 ?  560 LYS A CB  1 
ATOM 921 C CG  . LYS A 1 115 ? -25.129 -77.798 -10.236 1.00 26.40 ?  560 LYS A CG  1 
ATOM 922 C CD  . LYS A 1 115 ? -23.652 -77.707 -10.597 1.00 16.78 ?  560 LYS A CD  1 
ATOM 923 C CE  . LYS A 1 115 ? -22.781 -78.380 -9.554  1.00 23.19 ?  560 LYS A CE  1 
ATOM 924 N NZ  . LYS A 1 115 ? -21.393 -78.580 -10.052 1.00 38.36 ?  560 LYS A NZ  1 
ATOM 925 N N   . ASP A 1 116 ? -28.616 -78.693 -7.199  1.00 37.90 ?  561 ASP A N   1 
ATOM 926 C CA  . ASP A 1 116 ? -29.209 -79.812 -6.490  1.00 38.88 ?  561 ASP A CA  1 
ATOM 927 C C   . ASP A 1 116 ? -30.019 -80.585 -7.523  1.00 45.41 ?  561 ASP A C   1 
ATOM 928 O O   . ASP A 1 116 ? -31.095 -80.157 -7.967  1.00 33.55 ?  561 ASP A O   1 
ATOM 929 C CB  . ASP A 1 116 ? -30.031 -79.395 -5.261  1.00 38.23 ?  561 ASP A CB  1 
ATOM 930 C CG  . ASP A 1 116 ? -31.044 -78.317 -5.548  1.00 42.44 ?  561 ASP A CG  1 
ATOM 931 O OD1 . ASP A 1 116 ? -31.013 -77.808 -6.690  1.00 52.57 ?  561 ASP A OD1 1 
ATOM 932 O OD2 . ASP A 1 116 ? -31.842 -77.966 -4.619  1.00 22.45 -1 561 ASP A OD2 1 
ATOM 933 N N   . LEU A 1 117 ? -29.435 -81.688 -7.947  1.00 49.38 ?  562 LEU A N   1 
ATOM 934 C CA  . LEU A 1 117 ? -30.095 -82.675 -8.756  1.00 38.64 ?  562 LEU A CA  1 
ATOM 935 C C   . LEU A 1 117 ? -30.975 -83.486 -7.811  1.00 50.22 ?  562 LEU A C   1 
ATOM 936 O O   . LEU A 1 117 ? -30.510 -83.966 -6.768  1.00 35.61 ?  562 LEU A O   1 
ATOM 937 C CB  . LEU A 1 117 ? -29.033 -83.543 -9.436  1.00 40.86 ?  562 LEU A CB  1 
ATOM 938 C CG  . LEU A 1 117 ? -27.829 -82.795 -10.061 1.00 40.75 ?  562 LEU A CG  1 
ATOM 939 C CD1 . LEU A 1 117 ? -26.554 -82.941 -9.201  1.00 54.69 ?  562 LEU A CD1 1 
ATOM 940 C CD2 . LEU A 1 117 ? -27.535 -83.206 -11.515 1.00 45.04 ?  562 LEU A CD2 1 
ATOM 941 N N   . ALA A 1 118 ? -32.253 -83.583 -8.145  1.00 58.27 ?  563 ALA A N   1 
ATOM 942 C CA  . ALA A 1 118 ? -33.217 -84.387 -7.403  1.00 50.49 ?  563 ALA A CA  1 
ATOM 943 C C   . ALA A 1 118 ? -34.561 -84.250 -8.129  1.00 49.71 ?  563 ALA A C   1 
ATOM 944 O O   . ALA A 1 118 ? -34.598 -84.017 -9.340  1.00 40.14 ?  563 ALA A O   1 
ATOM 945 C CB  . ALA A 1 118 ? -33.317 -83.944 -5.924  1.00 37.35 ?  563 ALA A CB  1 
# 
